data_5MSG
#
_entry.id   5MSG
#
_cell.length_a   200.410
_cell.length_b   200.410
_cell.length_c   254.610
_cell.angle_alpha   90.00
_cell.angle_beta   90.00
_cell.angle_gamma   120.00
#
_symmetry.space_group_name_H-M   'P 32 2 1'
#
loop_
_entity.id
_entity.type
_entity.pdbx_description
1 polymer 'Polymerase acidic protein'
2 polymer 'RNA-directed RNA polymerase catalytic subunit'
3 polymer 'Polymerase basic protein 2'
4 polymer "RNA (5'-D(*(GDM))-R(P*AP*AP*UP*C)-3')"
5 polymer "RNA (5'-R(*UP*AP*UP*AP*CP*CP*UP*CP*UP*GP*CP*UP*UP*CP*UP*GP*CP*U)-3')"
6 polymer "RNA (5'-R(P*AP*GP*UP*AP*GP*UP*AP*AP*CP*AP*AP*GP*AP*G)-3')"
7 non-polymer 'PHOSPHATE ION'
#
loop_
_entity_poly.entity_id
_entity_poly.type
_entity_poly.pdbx_seq_one_letter_code
_entity_poly.pdbx_strand_id
1 'polypeptide(L)'
;GSHHHHHHHHGSGSMDTFITRNFQTTIIQKAKNTMAEFSEDPELQPAMLFNICVHLEVCYVISDMNFLDEEGKAYTALEG
QGKEQNLRPQYEVIEGMPRTIAWMVQRSLAQEHGIETPKYLADLFDYKTKRFIEVGITKGLADDYFWKKKEKLGNSMELM
IFSYNQDYSLSNESSLDEEGKGRVLSRLTELQAELSLKNLWQVLIGEEDVEKGIDFKLGQTISRLRDISVPAGFSNFEGM
RSYIDNIDPKGAIERNLARMSPLVSVTPKKLTWEDLRPIGPHIYNHELPEVPYNAFLLMSDELGLANMTEGKSKKPKTLA
KECLEKYSTLRDQTDPILIMKSEKANENFLWKLWRDCVNTISNEEMSNELQKTNYAKWATGDGLTYQKIMKEVAIDDETM
CQEEPKIPNKCRVAAWVQTEMNLLSTLTSKRALDLPEIGPDVAPVEHVGSERRKYFVNEINYCKASTVMMKYVLFHTSLL
NESNASMGKYKVIPITNRVVNEKGESFDMLYGLAVKGQSHLRGDTDVVTVVTFEFSSTDPRVDSGKWPKYTVFRIGSLFV
SGREKSVYLYCRVNGTNKIQMKWGMEARRCLLQSMQQMEAIVEQESSIQGYDMTKACFKGDRVNSPKTFSIGTQEGKLVK
GSFGKALRVIFTKCLMHYVFGNAQLEGFSAESRRLLLLIQALKDRKGPWVFDLEGMYSGIEECISNNPWVIQSAYWFNEW
LGFEKEGSKVLESVDEIMDEGSGSGENLYFQ
;
A
2 'polypeptide(L)'
;GSGSGSGSGMNINPYFLFIDVPIQAAISTTFPYTGVPPYSHGTGTGYTIDTVIRTHEYSNKGKQYISDVTGCTMVDPTNG
PLPEDNEPSAYAQLDCVLEALDRMDEEHPGLFQAASQNAMETLMVTTVDKLTQGRQTFDWTVCRNQPAATALNTTITSFR
LNDLNGADKGGLIPFCQDIIDSLDRPEMTFFSVKNIKKKLPAKNRKGFLIKRIPMKVKDKITKVEYIKRALSLNTMTKDA
ERGKLKRRAIATAGIQIRGFVLVVENLAKNICENLEQSGLPVGGNEKKAKLSNAVAKMLSNCPPGGISMTVTGDNTKWNE
CLNPRIFLAMTERITRDSPIWFRDFCSIAPVLFSNKIARLGKGFMITSKTKRLKAQIPCPDLFSIPLERYNEETRAKLKK
LKPFFNEEGTASLSPGMMMGMFNMLSTVLGVAALGIKNIGNKEYLWDGLQSSDDFALFVNAKDEETCMEGINDFYRTCKL
LGINMSKKKSYCNETGMFEFTSMFYRDGFVSNFAMELPSFGVAGVNESADMAIGMTIIKNNMINNGMGPATAQTAIQLFI
ADYRYTYKCHRGDSKVEGKRMKIIKELWENTKGRDGLLVADGGPNIYNLRNLHIPEIVLKYNLMDPEYKGRLLHPQNPFV
GHLSIEGIKEADITPAHGPVKKMDYDAVSGTHSWRTKRNRSILNTDQRNMILEEQCYAKCCNLFEACFNSASYRKPVGQH
SMLEAMAHRLRMDARLDYESGRMSKDDFEKAMAHLGEIGYIGSGSGENLYFQ
;
B
3 'polypeptide(L)'
;GSGSGSGSGMTLAKIELLKQLLRDNEAKTVLKQTTVDQYNIIRKFNTSRIEKNPSLRMKWAMCSNFPLALTKGDMANRIP
LEYKGIQLKTNAEDIGTKGQMCSIAAVTWWNTYGPIGDTEGFERVYESFFLRKMRLDNATWGRITFGPVERVRKRVLLNP
LTKEMPPDEASNVIMEILFPKEAGIPRESTWIHRELIKEKREKLKGTMITPIVLAYMLERELVARRRFLPVAGATSAEFI
EMLHCLQGENWRQIYHPGGNKLTESRSQSMIVACRKIIRRSIVASNPLELAVEIANKTVIDTEPLKSCLAAIDGGDVACD
IIRAALGLKIRQRQRFGRLELKRISGRGFKNDEEILIGNGTIQKIGIWDGEEEFHVRCGECRGILKKSKMKLEKLLINSA
KKEDMRDLIILCMVFSQDTRMFQGVRGEINFLNRAGQLLSPMYQLQRYFLNRSNDLFDQWGYEESPKASELHGINESMNA
SDYTLKGVVVTRNVIDDFSSTETEKVSITKNLSLIKRTGEVIMGANDVSELESQAQLMITYDTPKMWEMGTTKELVQNTY
QWVLKNLVTLKAQFLLGKEDMFQWDAFEAFESIIPQKMAGQYSGFARAVLKQMRDQEVMKTDQFIKLLPFCFSPPKLRSN
GEPYQFLKLVLKGGGENFIEVRKGSPLFSYNPQTEVLTICGRMMSLKGKIEDEERNRSMGNAVLAGFLVSGKYDPDLGDF
KTIEELEKLKPGEKANILLYQGKPVKVVKRKRYSALSNDISQGIKRQRMTVESMGWALSGWSHPQFEKGSGSENLYFQ
;
C
4 'polyribonucleotide' (M7G)AAUCUAUAAUAGC M
5 'polyribonucleotide' UAUACCUCUGCUUCUGCU R
6 'polyribonucleotide' AGUAGUAACAAGAG V
#
loop_
_chem_comp.id
_chem_comp.type
_chem_comp.name
_chem_comp.formula
A RNA linking ADENOSINE-5'-MONOPHOSPHATE 'C10 H14 N5 O7 P'
C RNA linking CYTIDINE-5'-MONOPHOSPHATE 'C9 H14 N3 O8 P'
G RNA linking GUANOSINE-5'-MONOPHOSPHATE 'C10 H14 N5 O8 P'
M7G non-polymer 7N-METHYL-8-HYDROGUANOSINE-5'-DIPHOSPHATE 'C11 H18 N5 O11 P2 1'
PO4 non-polymer 'PHOSPHATE ION' 'O4 P -3'
U RNA linking URIDINE-5'-MONOPHOSPHATE 'C9 H13 N2 O9 P'
#
# COMPACT_ATOMS: atom_id res chain seq x y z
N SER A 14 -18.14 -56.21 13.56
CA SER A 14 -18.27 -54.75 13.88
C SER A 14 -19.62 -54.18 13.47
N MET A 15 -19.89 -52.95 13.91
CA MET A 15 -21.13 -52.23 13.56
C MET A 15 -21.23 -51.94 12.07
N ASP A 16 -20.08 -51.72 11.42
CA ASP A 16 -19.99 -51.48 9.97
C ASP A 16 -20.78 -52.49 9.13
N THR A 17 -20.66 -53.78 9.46
CA THR A 17 -21.40 -54.84 8.77
C THR A 17 -22.90 -54.81 9.09
N PHE A 18 -23.23 -54.50 10.35
CA PHE A 18 -24.63 -54.44 10.81
C PHE A 18 -25.44 -53.34 10.11
N ILE A 19 -24.82 -52.17 9.92
CA ILE A 19 -25.47 -51.03 9.28
C ILE A 19 -25.70 -51.29 7.78
N THR A 20 -24.74 -51.98 7.15
CA THR A 20 -24.85 -52.40 5.74
C THR A 20 -26.08 -53.26 5.47
N ARG A 21 -26.31 -54.23 6.35
CA ARG A 21 -27.42 -55.18 6.21
C ARG A 21 -28.78 -54.58 6.59
N ASN A 22 -28.81 -53.83 7.70
CA ASN A 22 -30.06 -53.27 8.24
C ASN A 22 -30.50 -52.01 7.50
N PHE A 23 -29.62 -51.02 7.43
CA PHE A 23 -29.96 -49.68 6.93
C PHE A 23 -29.71 -49.53 5.43
N GLN A 24 -30.39 -48.55 4.83
CA GLN A 24 -30.26 -48.26 3.39
C GLN A 24 -29.01 -47.44 3.12
N THR A 25 -28.65 -47.33 1.83
CA THR A 25 -27.52 -46.49 1.39
C THR A 25 -27.83 -44.99 1.50
N THR A 26 -29.12 -44.64 1.49
CA THR A 26 -29.57 -43.26 1.78
C THR A 26 -29.17 -42.81 3.20
N ILE A 27 -29.22 -43.74 4.15
CA ILE A 27 -28.91 -43.47 5.56
C ILE A 27 -27.40 -43.61 5.82
N ILE A 28 -26.75 -44.58 5.18
CA ILE A 28 -25.31 -44.81 5.32
C ILE A 28 -24.49 -43.59 4.88
N GLN A 29 -24.81 -43.05 3.71
CA GLN A 29 -24.11 -41.90 3.16
C GLN A 29 -24.38 -40.61 3.94
N LYS A 30 -25.67 -40.29 4.13
CA LYS A 30 -26.08 -39.08 4.87
C LYS A 30 -25.50 -38.99 6.28
N ALA A 31 -25.35 -40.13 6.96
CA ALA A 31 -24.70 -40.18 8.26
C ALA A 31 -23.21 -39.83 8.16
N LYS A 32 -22.51 -40.50 7.24
CA LYS A 32 -21.07 -40.29 7.03
C LYS A 32 -20.75 -38.86 6.56
N ASN A 33 -21.62 -38.30 5.72
CA ASN A 33 -21.48 -36.90 5.27
C ASN A 33 -21.68 -35.90 6.42
N THR A 34 -22.60 -36.21 7.33
CA THR A 34 -22.83 -35.40 8.53
C THR A 34 -21.62 -35.45 9.48
N MET A 35 -20.98 -36.61 9.61
CA MET A 35 -19.76 -36.74 10.41
C MET A 35 -18.54 -36.05 9.79
N ALA A 36 -18.51 -35.99 8.45
CA ALA A 36 -17.45 -35.27 7.72
C ALA A 36 -17.49 -33.77 7.94
N GLU A 37 -18.70 -33.19 7.98
CA GLU A 37 -18.89 -31.75 8.23
C GLU A 37 -18.50 -31.32 9.65
N PHE A 38 -18.80 -32.17 10.63
CA PHE A 38 -18.37 -31.97 12.02
C PHE A 38 -16.89 -32.31 12.27
N SER A 39 -16.20 -32.82 11.24
CA SER A 39 -14.77 -33.17 11.28
C SER A 39 -14.52 -34.37 12.22
N GLU A 40 -15.28 -35.45 12.00
CA GLU A 40 -15.15 -36.67 12.77
C GLU A 40 -15.17 -37.89 11.84
N ASP A 41 -14.39 -38.90 12.20
CA ASP A 41 -14.13 -40.06 11.35
C ASP A 41 -15.21 -41.13 11.55
N PRO A 42 -15.94 -41.52 10.48
CA PRO A 42 -16.92 -42.62 10.61
C PRO A 42 -16.34 -43.98 11.00
N GLU A 43 -15.14 -44.29 10.50
CA GLU A 43 -14.50 -45.58 10.76
C GLU A 43 -13.97 -45.73 12.20
N LEU A 44 -13.40 -44.64 12.75
CA LEU A 44 -12.94 -44.63 14.14
C LEU A 44 -14.07 -44.71 15.18
N GLN A 45 -15.25 -44.22 14.82
CA GLN A 45 -16.41 -44.20 15.72
C GLN A 45 -17.69 -44.73 15.05
N PRO A 46 -17.83 -46.07 14.92
CA PRO A 46 -19.03 -46.66 14.32
C PRO A 46 -20.31 -46.50 15.16
N ALA A 47 -20.18 -46.56 16.48
CA ALA A 47 -21.31 -46.32 17.40
C ALA A 47 -21.85 -44.90 17.31
N MET A 48 -20.94 -43.94 17.11
CA MET A 48 -21.31 -42.53 16.96
C MET A 48 -22.05 -42.26 15.64
N LEU A 49 -21.72 -43.04 14.61
CA LEU A 49 -22.48 -43.04 13.36
C LEU A 49 -23.87 -43.65 13.54
N PHE A 50 -23.96 -44.71 14.34
CA PHE A 50 -25.22 -45.41 14.59
C PHE A 50 -26.31 -44.53 15.22
N ASN A 51 -25.90 -43.64 16.13
CA ASN A 51 -26.80 -42.66 16.73
C ASN A 51 -27.53 -41.85 15.65
N ILE A 52 -26.75 -41.30 14.72
CA ILE A 52 -27.28 -40.50 13.61
C ILE A 52 -28.01 -41.39 12.59
N CYS A 53 -27.54 -42.63 12.40
CA CYS A 53 -28.24 -43.62 11.54
C CYS A 53 -29.65 -43.93 12.05
N VAL A 54 -29.79 -44.10 13.37
CA VAL A 54 -31.10 -44.29 13.99
C VAL A 54 -31.90 -42.99 13.94
N HIS A 55 -31.29 -41.91 14.45
CA HIS A 55 -31.90 -40.57 14.48
C HIS A 55 -32.45 -40.09 13.13
N LEU A 56 -31.74 -40.40 12.04
CA LEU A 56 -32.18 -40.07 10.68
C LEU A 56 -33.30 -41.00 10.19
N GLU A 57 -33.20 -42.29 10.52
CA GLU A 57 -34.23 -43.27 10.13
C GLU A 57 -35.56 -43.06 10.88
N VAL A 58 -35.48 -42.61 12.12
CA VAL A 58 -36.69 -42.26 12.90
C VAL A 58 -37.45 -41.11 12.22
N CYS A 59 -36.72 -40.12 11.72
CA CYS A 59 -37.29 -38.99 10.97
C CYS A 59 -37.92 -39.43 9.64
N TYR A 60 -37.23 -40.29 8.89
CA TYR A 60 -37.74 -40.80 7.61
C TYR A 60 -39.05 -41.59 7.75
N VAL A 61 -39.12 -42.44 8.78
CA VAL A 61 -40.32 -43.24 9.06
C VAL A 61 -41.56 -42.37 9.31
N ILE A 62 -41.37 -41.24 9.97
CA ILE A 62 -42.46 -40.28 10.25
C ILE A 62 -42.95 -39.59 8.97
N SER A 63 -42.02 -39.23 8.08
CA SER A 63 -42.33 -38.50 6.85
C SER A 63 -42.79 -39.37 5.68
N ASP A 64 -42.26 -40.59 5.57
CA ASP A 64 -42.51 -41.48 4.41
C ASP A 64 -43.99 -41.73 4.07
N MET A 65 -44.84 -41.87 5.09
CA MET A 65 -46.26 -42.17 4.89
C MET A 65 -47.15 -40.91 4.81
N ASN A 66 -46.79 -39.86 5.56
CA ASN A 66 -47.62 -38.66 5.68
C ASN A 66 -47.52 -37.74 4.45
N PHE A 67 -48.68 -37.41 3.87
CA PHE A 67 -48.79 -36.48 2.73
C PHE A 67 -49.99 -35.56 2.88
N LEU A 68 -49.93 -34.42 2.18
CA LEU A 68 -51.00 -33.41 2.18
C LEU A 68 -51.67 -33.31 0.81
N ASP A 69 -52.98 -33.07 0.80
CA ASP A 69 -53.75 -32.84 -0.43
C ASP A 69 -53.88 -31.33 -0.71
N GLU A 70 -54.56 -30.97 -1.80
CA GLU A 70 -54.69 -29.55 -2.21
C GLU A 70 -55.63 -28.73 -1.32
N GLU A 71 -56.62 -29.37 -0.71
CA GLU A 71 -57.55 -28.71 0.21
C GLU A 71 -56.91 -28.26 1.53
N GLY A 72 -55.85 -28.97 1.96
CA GLY A 72 -55.08 -28.62 3.16
C GLY A 72 -55.36 -29.52 4.34
N LYS A 73 -55.38 -30.83 4.09
CA LYS A 73 -55.69 -31.84 5.11
C LYS A 73 -54.75 -33.05 4.95
N ALA A 74 -54.35 -33.65 6.06
CA ALA A 74 -53.38 -34.75 6.07
C ALA A 74 -54.02 -36.07 5.59
N TYR A 75 -53.22 -36.89 4.90
CA TYR A 75 -53.65 -38.25 4.53
C TYR A 75 -52.46 -39.23 4.60
N THR A 76 -52.66 -40.48 4.19
CA THR A 76 -51.61 -41.52 4.22
C THR A 76 -51.34 -42.07 2.82
N ALA A 77 -50.05 -42.13 2.44
CA ALA A 77 -49.64 -42.71 1.16
C ALA A 77 -48.49 -43.69 1.36
N GLN A 85 -48.99 -40.14 -3.63
CA GLN A 85 -49.84 -39.82 -4.78
C GLN A 85 -49.71 -38.34 -5.14
N ASN A 86 -50.01 -37.45 -4.20
CA ASN A 86 -49.71 -36.03 -4.34
C ASN A 86 -48.22 -35.79 -4.11
N LEU A 87 -47.69 -34.73 -4.71
CA LEU A 87 -46.26 -34.41 -4.67
C LEU A 87 -45.99 -33.29 -3.64
N ARG A 88 -46.35 -33.56 -2.39
CA ARG A 88 -46.17 -32.60 -1.28
C ARG A 88 -46.39 -33.28 0.08
N PRO A 89 -45.30 -33.79 0.70
CA PRO A 89 -45.37 -34.44 2.02
C PRO A 89 -45.77 -33.50 3.17
N GLN A 90 -46.32 -34.07 4.24
CA GLN A 90 -46.71 -33.30 5.43
C GLN A 90 -45.50 -32.91 6.28
N TYR A 91 -44.45 -33.74 6.25
CA TYR A 91 -43.20 -33.47 6.96
C TYR A 91 -42.09 -33.01 6.01
N GLU A 92 -41.07 -32.38 6.59
CA GLU A 92 -39.89 -31.89 5.86
C GLU A 92 -38.62 -32.31 6.61
N VAL A 93 -37.83 -33.19 5.99
CA VAL A 93 -36.63 -33.77 6.62
C VAL A 93 -35.48 -32.75 6.59
N ILE A 94 -35.05 -32.31 7.77
CA ILE A 94 -33.95 -31.34 7.90
C ILE A 94 -32.63 -32.06 8.22
N GLU A 95 -32.67 -33.01 9.15
CA GLU A 95 -31.50 -33.84 9.49
C GLU A 95 -31.09 -34.69 8.29
N GLY A 96 -29.77 -34.90 8.15
CA GLY A 96 -29.21 -35.64 7.00
C GLY A 96 -28.60 -34.74 5.94
N MET A 97 -29.25 -33.61 5.66
CA MET A 97 -28.77 -32.66 4.66
C MET A 97 -27.59 -31.84 5.20
N PRO A 98 -26.72 -31.31 4.29
CA PRO A 98 -25.59 -30.49 4.76
C PRO A 98 -25.98 -29.17 5.41
N ARG A 99 -25.19 -28.76 6.40
CA ARG A 99 -25.46 -27.58 7.26
C ARG A 99 -26.04 -26.39 6.51
N THR A 100 -25.31 -25.93 5.50
CA THR A 100 -25.68 -24.75 4.72
C THR A 100 -26.98 -24.94 3.92
N ILE A 101 -27.28 -26.18 3.51
CA ILE A 101 -28.57 -26.48 2.88
C ILE A 101 -29.67 -26.50 3.94
N ALA A 102 -29.43 -27.25 5.03
CA ALA A 102 -30.40 -27.40 6.11
C ALA A 102 -30.82 -26.06 6.74
N TRP A 103 -29.83 -25.21 7.03
CA TRP A 103 -30.11 -23.87 7.58
C TRP A 103 -30.80 -22.93 6.59
N MET A 104 -30.58 -23.13 5.29
CA MET A 104 -31.34 -22.42 4.26
C MET A 104 -32.81 -22.83 4.30
N VAL A 105 -33.06 -24.14 4.38
CA VAL A 105 -34.42 -24.70 4.43
C VAL A 105 -35.13 -24.30 5.73
N GLN A 106 -34.42 -24.38 6.86
CA GLN A 106 -34.96 -23.98 8.16
C GLN A 106 -35.43 -22.52 8.17
N ARG A 107 -34.61 -21.63 7.60
CA ARG A 107 -34.97 -20.21 7.47
C ARG A 107 -36.08 -19.99 6.43
N SER A 108 -35.97 -20.67 5.29
CA SER A 108 -36.96 -20.57 4.20
C SER A 108 -38.39 -20.89 4.65
N LEU A 109 -38.54 -21.88 5.53
CA LEU A 109 -39.85 -22.21 6.11
C LEU A 109 -40.33 -21.12 7.08
N ALA A 110 -39.50 -20.83 8.08
CA ALA A 110 -39.82 -19.88 9.15
C ALA A 110 -40.12 -18.46 8.64
N GLN A 111 -39.38 -18.05 7.61
CA GLN A 111 -39.59 -16.74 6.97
C GLN A 111 -40.89 -16.70 6.16
N GLU A 112 -41.22 -17.79 5.47
CA GLU A 112 -42.45 -17.87 4.67
C GLU A 112 -43.68 -17.98 5.57
N HIS A 113 -43.64 -18.92 6.51
CA HIS A 113 -44.74 -19.10 7.48
C HIS A 113 -44.91 -17.94 8.46
N GLY A 114 -43.85 -17.14 8.66
CA GLY A 114 -43.91 -15.96 9.50
C GLY A 114 -43.77 -16.32 10.96
N ILE A 115 -42.66 -16.99 11.28
CA ILE A 115 -42.30 -17.33 12.66
C ILE A 115 -40.82 -17.07 12.90
N GLU A 116 -40.47 -16.86 14.16
CA GLU A 116 -39.07 -16.61 14.55
C GLU A 116 -38.25 -17.89 14.39
N THR A 117 -37.07 -17.76 13.78
CA THR A 117 -36.23 -18.92 13.44
C THR A 117 -35.60 -19.51 14.71
N PRO A 118 -35.51 -20.86 14.79
CA PRO A 118 -34.83 -21.47 15.94
C PRO A 118 -33.33 -21.18 15.96
N LYS A 119 -32.75 -21.15 17.16
CA LYS A 119 -31.31 -20.94 17.34
C LYS A 119 -30.50 -22.20 17.02
N TYR A 120 -31.06 -23.37 17.36
CA TYR A 120 -30.46 -24.67 17.01
C TYR A 120 -31.03 -25.19 15.69
N LEU A 121 -30.37 -26.21 15.15
CA LEU A 121 -30.82 -26.86 13.91
C LEU A 121 -31.87 -27.92 14.25
N ALA A 122 -33.06 -27.78 13.67
CA ALA A 122 -34.18 -28.72 13.90
C ALA A 122 -34.04 -29.97 13.02
N ASP A 123 -34.88 -30.96 13.29
CA ASP A 123 -34.88 -32.24 12.56
C ASP A 123 -36.03 -32.36 11.57
N LEU A 124 -37.24 -32.02 12.01
CA LEU A 124 -38.43 -32.07 11.15
C LEU A 124 -39.26 -30.77 11.24
N PHE A 125 -40.17 -30.61 10.28
CA PHE A 125 -41.12 -29.49 10.26
C PHE A 125 -42.45 -29.94 9.65
N ASP A 126 -43.54 -29.73 10.39
CA ASP A 126 -44.88 -30.12 9.95
C ASP A 126 -45.56 -28.95 9.25
N TYR A 127 -46.04 -29.18 8.02
CA TYR A 127 -46.63 -28.10 7.20
C TYR A 127 -48.01 -27.64 7.65
N LYS A 128 -48.83 -28.57 8.17
CA LYS A 128 -50.16 -28.23 8.69
C LYS A 128 -50.09 -27.55 10.06
N THR A 129 -49.15 -27.99 10.91
CA THR A 129 -48.97 -27.42 12.26
C THR A 129 -48.24 -26.06 12.24
N LYS A 130 -47.35 -25.87 11.27
CA LYS A 130 -46.44 -24.70 11.21
C LYS A 130 -45.54 -24.59 12.46
N ARG A 131 -44.92 -25.72 12.82
CA ARG A 131 -44.04 -25.82 13.98
C ARG A 131 -42.88 -26.77 13.71
N PHE A 132 -41.72 -26.46 14.29
CA PHE A 132 -40.53 -27.30 14.17
C PHE A 132 -40.60 -28.48 15.13
N ILE A 133 -39.95 -29.58 14.76
CA ILE A 133 -39.93 -30.81 15.56
C ILE A 133 -38.48 -31.28 15.73
N GLU A 134 -38.14 -31.57 16.99
CA GLU A 134 -36.82 -32.07 17.37
C GLU A 134 -36.96 -33.51 17.88
N VAL A 135 -36.12 -34.40 17.34
CA VAL A 135 -36.14 -35.83 17.66
C VAL A 135 -34.89 -36.18 18.47
N GLY A 136 -35.08 -37.02 19.49
CA GLY A 136 -33.98 -37.45 20.37
C GLY A 136 -33.98 -38.96 20.55
N ILE A 137 -32.78 -39.54 20.64
CA ILE A 137 -32.60 -40.96 20.90
C ILE A 137 -32.01 -41.11 22.30
N THR A 138 -32.62 -41.95 23.13
CA THR A 138 -32.19 -42.16 24.51
C THR A 138 -32.28 -43.64 24.91
N LYS A 139 -31.36 -44.06 25.78
CA LYS A 139 -31.26 -45.46 26.24
C LYS A 139 -32.07 -45.68 27.51
N GLY A 140 -31.90 -44.79 28.49
CA GLY A 140 -32.61 -44.87 29.77
C GLY A 140 -34.05 -44.41 29.67
N LEU A 141 -34.35 -43.28 30.32
CA LEU A 141 -35.72 -42.76 30.41
C LEU A 141 -35.99 -41.71 29.33
N ALA A 142 -37.24 -41.67 28.86
CA ALA A 142 -37.68 -40.69 27.85
C ALA A 142 -37.97 -39.34 28.49
N ASP A 143 -38.65 -39.36 29.65
CA ASP A 143 -38.99 -38.14 30.38
C ASP A 143 -37.75 -37.39 30.90
N ASP A 144 -36.71 -38.13 31.29
CA ASP A 144 -35.43 -37.55 31.69
C ASP A 144 -34.75 -36.81 30.54
N TYR A 145 -34.74 -37.44 29.36
CA TYR A 145 -34.19 -36.83 28.14
C TYR A 145 -35.07 -35.69 27.60
N PHE A 146 -36.37 -35.79 27.83
CA PHE A 146 -37.35 -34.75 27.44
C PHE A 146 -37.10 -33.42 28.17
N TRP A 147 -37.10 -33.47 29.50
CA TRP A 147 -36.91 -32.27 30.33
C TRP A 147 -35.48 -31.70 30.29
N LYS A 148 -34.50 -32.52 29.89
CA LYS A 148 -33.12 -32.06 29.63
C LYS A 148 -33.06 -31.16 28.40
N LYS A 149 -33.64 -31.62 27.28
CA LYS A 149 -33.69 -30.84 26.05
C LYS A 149 -34.71 -29.69 26.06
N LYS A 150 -35.63 -29.70 27.03
CA LYS A 150 -36.51 -28.54 27.28
C LYS A 150 -35.73 -27.29 27.75
N GLU A 151 -34.62 -27.50 28.44
CA GLU A 151 -33.77 -26.40 28.91
C GLU A 151 -33.09 -25.64 27.76
N LYS A 152 -32.63 -26.38 26.74
CA LYS A 152 -31.99 -25.77 25.57
C LYS A 152 -32.99 -25.06 24.66
N LEU A 153 -34.01 -25.80 24.21
CA LEU A 153 -34.97 -25.30 23.22
C LEU A 153 -36.07 -24.41 23.83
N GLY A 154 -36.50 -24.72 25.05
CA GLY A 154 -37.55 -23.96 25.72
C GLY A 154 -38.92 -24.30 25.16
N ASN A 155 -39.35 -23.52 24.16
CA ASN A 155 -40.58 -23.80 23.41
C ASN A 155 -40.42 -23.36 21.94
N SER A 156 -39.27 -23.70 21.36
CA SER A 156 -38.95 -23.40 19.96
C SER A 156 -39.38 -24.54 19.04
N MET A 157 -38.99 -25.76 19.41
CA MET A 157 -39.30 -26.98 18.66
C MET A 157 -40.09 -27.94 19.54
N GLU A 158 -41.15 -28.52 18.98
CA GLU A 158 -41.99 -29.48 19.71
C GLU A 158 -41.28 -30.83 19.79
N LEU A 159 -40.87 -31.21 21.00
CA LEU A 159 -40.03 -32.40 21.22
C LEU A 159 -40.79 -33.72 21.02
N MET A 160 -40.15 -34.66 20.31
CA MET A 160 -40.64 -36.02 20.13
C MET A 160 -39.55 -37.01 20.51
N ILE A 161 -39.48 -37.37 21.79
CA ILE A 161 -38.46 -38.29 22.31
C ILE A 161 -38.97 -39.73 22.25
N PHE A 162 -38.09 -40.66 21.89
CA PHE A 162 -38.39 -42.10 21.84
C PHE A 162 -37.21 -42.91 22.38
N SER A 163 -37.47 -44.13 22.82
CA SER A 163 -36.44 -45.01 23.41
C SER A 163 -36.64 -46.49 23.07
N TYR A 164 -35.60 -47.28 23.32
CA TYR A 164 -35.54 -48.69 22.93
C TYR A 164 -36.45 -49.60 23.77
N ASN A 165 -36.75 -49.19 25.00
CA ASN A 165 -37.63 -49.95 25.91
C ASN A 165 -39.10 -49.52 25.85
N GLN A 166 -39.55 -49.04 24.67
CA GLN A 166 -40.95 -48.65 24.43
C GLN A 166 -41.47 -47.53 25.37
N ASP A 167 -40.57 -46.64 25.79
CA ASP A 167 -40.90 -45.50 26.64
C ASP A 167 -40.75 -44.23 25.80
N TYR A 168 -41.82 -43.43 25.73
CA TYR A 168 -41.83 -42.21 24.90
C TYR A 168 -42.50 -41.03 25.62
N SER A 169 -41.93 -39.85 25.45
CA SER A 169 -42.46 -38.61 26.01
C SER A 169 -42.56 -37.55 24.90
N LEU A 170 -43.78 -37.31 24.43
CA LEU A 170 -44.04 -36.38 23.33
C LEU A 170 -44.39 -34.98 23.83
N SER A 171 -44.44 -34.03 22.89
CA SER A 171 -44.84 -32.64 23.20
C SER A 171 -46.33 -32.52 23.54
N ASN A 172 -46.72 -31.37 24.10
CA ASN A 172 -48.10 -31.10 24.51
C ASN A 172 -49.11 -31.18 23.36
N GLU A 173 -48.75 -30.56 22.23
CA GLU A 173 -49.54 -30.63 21.00
C GLU A 173 -48.82 -31.50 19.98
N SER A 174 -48.56 -32.75 20.35
CA SER A 174 -47.82 -33.69 19.50
C SER A 174 -48.58 -34.08 18.24
N SER A 175 -47.95 -33.86 17.08
CA SER A 175 -48.53 -34.20 15.77
C SER A 175 -48.39 -35.67 15.40
N LEU A 176 -47.59 -36.43 16.16
CA LEU A 176 -47.37 -37.85 15.91
C LEU A 176 -48.64 -38.66 16.19
N ASP A 177 -49.27 -39.17 15.12
CA ASP A 177 -50.52 -39.92 15.23
C ASP A 177 -50.30 -41.36 15.74
N GLU A 178 -51.37 -41.94 16.26
CA GLU A 178 -51.37 -43.28 16.88
C GLU A 178 -50.96 -44.41 15.93
N GLU A 179 -51.23 -44.25 14.64
CA GLU A 179 -50.88 -45.26 13.63
C GLU A 179 -49.36 -45.31 13.42
N GLY A 180 -48.76 -44.14 13.21
CA GLY A 180 -47.31 -44.01 13.09
C GLY A 180 -46.55 -44.25 14.39
N LYS A 181 -47.14 -43.82 15.51
CA LYS A 181 -46.58 -44.04 16.86
C LYS A 181 -46.22 -45.52 17.11
N GLY A 182 -47.05 -46.42 16.59
CA GLY A 182 -46.75 -47.86 16.63
C GLY A 182 -45.56 -48.22 15.77
N ARG A 183 -45.61 -47.81 14.50
CA ARG A 183 -44.53 -48.06 13.53
C ARG A 183 -43.16 -47.53 13.98
N VAL A 184 -43.14 -46.38 14.66
CA VAL A 184 -41.91 -45.83 15.24
C VAL A 184 -41.35 -46.77 16.31
N LEU A 185 -42.20 -47.17 17.25
CA LEU A 185 -41.81 -48.06 18.35
C LEU A 185 -41.52 -49.51 17.89
N SER A 186 -42.07 -49.91 16.74
CA SER A 186 -41.81 -51.23 16.16
C SER A 186 -40.35 -51.40 15.77
N ARG A 187 -39.85 -50.50 14.92
CA ARG A 187 -38.47 -50.55 14.43
C ARG A 187 -37.43 -50.31 15.55
N LEU A 188 -37.75 -49.39 16.47
CA LEU A 188 -36.88 -49.07 17.62
C LEU A 188 -36.37 -50.28 18.38
N THR A 189 -37.29 -51.07 18.92
CA THR A 189 -36.94 -52.28 19.67
C THR A 189 -36.50 -53.43 18.75
N GLU A 190 -37.09 -53.51 17.55
CA GLU A 190 -36.68 -54.52 16.56
C GLU A 190 -35.22 -54.39 16.15
N LEU A 191 -34.71 -53.15 16.06
CA LEU A 191 -33.28 -52.90 15.88
C LEU A 191 -32.48 -53.34 17.11
N GLN A 192 -32.90 -52.86 18.28
CA GLN A 192 -32.21 -53.18 19.56
C GLN A 192 -32.11 -54.69 19.81
N ALA A 193 -33.14 -55.42 19.42
CA ALA A 193 -33.13 -56.89 19.44
C ALA A 193 -32.12 -57.47 18.44
N GLU A 194 -32.03 -56.88 17.25
CA GLU A 194 -31.05 -57.31 16.23
C GLU A 194 -29.59 -56.94 16.58
N LEU A 195 -29.40 -55.89 17.39
CA LEU A 195 -28.07 -55.51 17.87
C LEU A 195 -27.52 -56.51 18.88
N SER A 196 -28.31 -56.83 19.89
CA SER A 196 -27.92 -57.82 20.91
C SER A 196 -27.87 -59.28 20.40
N LEU A 197 -28.42 -59.53 19.20
CA LEU A 197 -28.41 -60.87 18.58
C LEU A 197 -26.99 -61.33 18.18
N LYS A 198 -26.20 -60.41 17.64
CA LYS A 198 -24.79 -60.68 17.29
C LYS A 198 -23.79 -59.99 18.24
N ASN A 199 -24.20 -59.77 19.49
CA ASN A 199 -23.39 -59.11 20.53
C ASN A 199 -22.86 -57.73 20.12
N LEU A 200 -23.68 -56.97 19.40
CA LEU A 200 -23.33 -55.60 18.96
C LEU A 200 -23.86 -54.52 19.90
N TRP A 201 -24.76 -54.89 20.82
CA TRP A 201 -25.32 -53.95 21.80
C TRP A 201 -24.28 -53.51 22.86
N GLN A 202 -23.28 -54.35 23.12
CA GLN A 202 -22.23 -54.04 24.10
C GLN A 202 -21.31 -52.87 23.71
N VAL A 203 -21.10 -52.67 22.41
CA VAL A 203 -20.22 -51.61 21.89
C VAL A 203 -20.88 -50.23 22.00
N LEU A 204 -22.19 -50.16 21.73
CA LEU A 204 -22.96 -48.91 21.84
C LEU A 204 -23.10 -48.43 23.30
N ILE A 205 -23.31 -49.37 24.22
CA ILE A 205 -23.46 -49.06 25.65
C ILE A 205 -22.12 -48.61 26.27
N GLY A 206 -21.03 -49.26 25.88
CA GLY A 206 -19.68 -48.87 26.33
C GLY A 206 -19.26 -47.50 25.83
N GLU A 207 -18.32 -46.87 26.53
CA GLU A 207 -17.88 -45.50 26.22
C GLU A 207 -17.01 -45.46 24.95
N GLU A 208 -17.20 -44.41 24.16
CA GLU A 208 -16.48 -44.23 22.88
C GLU A 208 -16.26 -42.75 22.58
N ASP A 209 -15.00 -42.32 22.66
CA ASP A 209 -14.62 -40.97 22.27
C ASP A 209 -13.11 -40.93 22.01
N VAL A 210 -12.72 -40.42 20.83
CA VAL A 210 -11.32 -40.33 20.41
C VAL A 210 -10.98 -38.88 20.04
N GLU A 211 -9.79 -38.44 20.43
CA GLU A 211 -9.37 -37.04 20.29
C GLU A 211 -8.90 -36.76 18.86
N LYS A 212 -9.57 -35.82 18.19
CA LYS A 212 -9.33 -35.54 16.77
C LYS A 212 -8.09 -34.66 16.55
N GLY A 213 -6.98 -35.31 16.17
CA GLY A 213 -5.73 -34.62 15.84
C GLY A 213 -5.70 -34.16 14.39
N ILE A 214 -4.74 -33.27 14.09
CA ILE A 214 -4.57 -32.74 12.73
C ILE A 214 -3.69 -33.71 11.93
N ASP A 215 -4.21 -34.15 10.78
CA ASP A 215 -3.60 -35.21 9.98
C ASP A 215 -2.67 -34.65 8.89
N PHE A 216 -1.36 -34.78 9.11
CA PHE A 216 -0.35 -34.39 8.11
C PHE A 216 0.99 -35.10 8.38
N LYS A 217 1.32 -36.07 7.51
CA LYS A 217 2.61 -36.77 7.56
C LYS A 217 3.20 -36.85 6.15
N LEU A 218 4.54 -36.92 6.08
CA LEU A 218 5.27 -36.89 4.81
C LEU A 218 5.33 -38.26 4.14
N GLY A 219 5.36 -38.24 2.81
CA GLY A 219 5.51 -39.46 2.00
C GLY A 219 6.95 -39.87 1.79
N GLN A 220 7.15 -40.85 0.91
CA GLN A 220 8.48 -41.43 0.65
C GLN A 220 9.39 -40.48 -0.11
N THR A 221 8.89 -39.95 -1.24
CA THR A 221 9.68 -39.10 -2.14
C THR A 221 10.09 -37.78 -1.48
N ILE A 222 9.11 -37.07 -0.93
CA ILE A 222 9.36 -35.76 -0.31
C ILE A 222 10.34 -35.85 0.88
N SER A 223 10.24 -36.91 1.66
CA SER A 223 11.18 -37.18 2.76
C SER A 223 12.62 -37.34 2.25
N ARG A 224 12.76 -38.05 1.13
CA ARG A 224 14.08 -38.23 0.51
C ARG A 224 14.66 -36.91 -0.02
N LEU A 225 13.78 -36.02 -0.51
CA LEU A 225 14.18 -34.65 -0.87
C LEU A 225 14.61 -33.86 0.37
N ARG A 226 13.87 -34.03 1.46
CA ARG A 226 14.24 -33.40 2.74
C ARG A 226 15.57 -33.94 3.29
N ASP A 227 15.85 -35.23 3.09
CA ASP A 227 17.12 -35.83 3.52
C ASP A 227 18.36 -35.30 2.75
N ILE A 228 18.22 -35.03 1.45
CA ILE A 228 19.31 -34.44 0.66
C ILE A 228 19.47 -32.93 0.88
N SER A 229 18.38 -32.25 1.25
CA SER A 229 18.40 -30.81 1.56
C SER A 229 18.86 -30.58 3.00
N VAL A 230 20.13 -30.90 3.27
CA VAL A 230 20.72 -30.82 4.62
C VAL A 230 22.04 -30.06 4.55
N PRO A 231 22.42 -29.35 5.63
CA PRO A 231 23.74 -28.72 5.67
C PRO A 231 24.92 -29.72 5.64
N ALA A 232 26.13 -29.20 5.47
CA ALA A 232 27.33 -30.02 5.39
C ALA A 232 27.68 -30.64 6.75
N GLY A 233 27.99 -31.94 6.75
CA GLY A 233 28.27 -32.69 7.98
C GLY A 233 27.01 -33.12 8.71
N PHE A 234 26.06 -33.69 7.96
CA PHE A 234 24.81 -34.22 8.50
C PHE A 234 24.38 -35.46 7.72
N SER A 235 23.97 -36.50 8.45
CA SER A 235 23.58 -37.79 7.85
C SER A 235 22.23 -37.71 7.16
N ASN A 236 21.25 -37.10 7.84
CA ASN A 236 19.89 -36.96 7.32
C ASN A 236 19.14 -35.86 8.07
N PHE A 237 17.85 -35.67 7.76
CA PHE A 237 17.02 -34.67 8.44
C PHE A 237 16.85 -34.95 9.94
N GLU A 238 16.77 -36.22 10.32
CA GLU A 238 16.73 -36.62 11.75
C GLU A 238 17.91 -36.02 12.52
N GLY A 239 19.10 -36.07 11.90
CA GLY A 239 20.30 -35.45 12.43
C GLY A 239 20.22 -33.93 12.56
N MET A 240 19.60 -33.27 11.59
CA MET A 240 19.42 -31.81 11.62
C MET A 240 18.38 -31.37 12.66
N ARG A 241 17.26 -32.09 12.72
CA ARG A 241 16.18 -31.80 13.68
C ARG A 241 16.66 -31.88 15.13
N SER A 242 17.39 -32.95 15.44
CA SER A 242 17.96 -33.15 16.79
C SER A 242 18.98 -32.08 17.16
N TYR A 243 19.87 -31.75 16.23
CA TYR A 243 20.93 -30.75 16.42
C TYR A 243 20.33 -29.40 16.85
N ILE A 244 19.38 -28.91 16.05
CA ILE A 244 18.73 -27.60 16.28
C ILE A 244 17.94 -27.61 17.58
N ASP A 245 17.18 -28.68 17.80
CA ASP A 245 16.35 -28.79 19.01
C ASP A 245 17.13 -29.04 20.30
N ASN A 246 18.31 -29.66 20.22
CA ASN A 246 19.11 -30.00 21.43
C ASN A 246 20.28 -29.05 21.69
N ILE A 247 21.23 -28.94 20.77
CA ILE A 247 22.55 -28.35 21.10
C ILE A 247 22.49 -26.82 21.28
N ASP A 248 23.38 -26.30 22.13
CA ASP A 248 23.47 -24.87 22.40
C ASP A 248 24.66 -24.30 21.62
N PRO A 249 24.43 -23.27 20.77
CA PRO A 249 25.51 -22.70 19.96
C PRO A 249 26.37 -21.62 20.63
N LYS A 250 25.86 -20.98 21.69
CA LYS A 250 26.49 -19.79 22.32
C LYS A 250 28.01 -19.63 22.22
N GLY A 251 28.44 -18.43 21.84
CA GLY A 251 29.84 -18.14 21.54
C GLY A 251 30.33 -18.57 20.17
N ALA A 252 29.41 -18.96 19.28
CA ALA A 252 29.75 -19.47 17.93
C ALA A 252 30.12 -18.37 16.92
N ILE A 253 29.49 -17.21 17.03
CA ILE A 253 29.77 -16.08 16.12
C ILE A 253 31.20 -15.59 16.34
N GLU A 254 31.54 -15.34 17.61
CA GLU A 254 32.89 -14.97 18.03
C GLU A 254 33.96 -16.03 17.71
N ARG A 255 33.57 -17.31 17.76
CA ARG A 255 34.47 -18.42 17.43
C ARG A 255 34.87 -18.39 15.95
N ASN A 256 33.91 -18.11 15.09
CA ASN A 256 34.15 -17.97 13.64
C ASN A 256 34.86 -16.66 13.33
N LEU A 257 34.39 -15.56 13.93
CA LEU A 257 35.04 -14.24 13.78
C LEU A 257 36.54 -14.23 14.11
N ALA A 258 36.95 -15.09 15.04
CA ALA A 258 38.37 -15.27 15.38
C ALA A 258 39.13 -15.98 14.25
N ARG A 259 38.63 -17.15 13.86
CA ARG A 259 39.31 -17.98 12.84
C ARG A 259 39.19 -17.46 11.40
N MET A 260 38.24 -16.54 11.15
CA MET A 260 38.07 -15.92 9.83
C MET A 260 39.31 -15.13 9.39
N SER A 261 39.52 -15.05 8.08
CA SER A 261 40.70 -14.39 7.52
C SER A 261 40.61 -12.86 7.66
N PRO A 262 41.72 -12.19 8.07
CA PRO A 262 41.74 -10.72 8.15
C PRO A 262 41.51 -9.99 6.82
N LEU A 263 41.76 -10.67 5.70
CA LEU A 263 41.53 -10.13 4.36
C LEU A 263 40.09 -9.65 4.13
N VAL A 264 39.12 -10.31 4.77
CA VAL A 264 37.71 -9.92 4.64
C VAL A 264 37.41 -8.73 5.55
N SER A 265 37.11 -7.58 4.93
CA SER A 265 36.75 -6.36 5.68
C SER A 265 36.15 -5.29 4.78
N VAL A 266 35.45 -4.33 5.40
CA VAL A 266 34.93 -3.15 4.68
C VAL A 266 36.03 -2.20 4.19
N THR A 267 37.16 -2.15 4.91
CA THR A 267 38.30 -1.26 4.59
C THR A 267 37.84 0.19 4.41
N PRO A 268 37.41 0.84 5.50
CA PRO A 268 36.82 2.17 5.40
C PRO A 268 37.85 3.28 5.35
N LYS A 269 37.50 4.38 4.67
CA LYS A 269 38.31 5.60 4.65
C LYS A 269 37.40 6.81 4.84
N LYS A 270 37.87 7.81 5.58
CA LYS A 270 37.14 9.05 5.74
C LYS A 270 37.20 9.84 4.44
N LEU A 271 36.04 10.34 4.02
CA LEU A 271 35.91 11.07 2.77
C LEU A 271 36.40 12.49 3.00
N THR A 272 37.19 13.00 2.04
CA THR A 272 37.63 14.39 2.03
C THR A 272 37.45 14.97 0.64
N TRP A 273 37.29 16.29 0.58
CA TRP A 273 36.98 17.00 -0.67
C TRP A 273 37.89 16.66 -1.86
N GLU A 274 39.19 16.47 -1.59
CA GLU A 274 40.14 16.07 -2.65
C GLU A 274 39.96 14.64 -3.18
N ASP A 275 39.35 13.76 -2.37
CA ASP A 275 39.08 12.38 -2.81
C ASP A 275 37.97 12.33 -3.89
N LEU A 276 37.07 13.31 -3.88
CA LEU A 276 36.03 13.43 -4.91
C LEU A 276 36.60 13.94 -6.24
N ARG A 277 37.09 13.02 -7.07
CA ARG A 277 37.59 13.38 -8.41
C ARG A 277 36.42 13.70 -9.34
N PRO A 278 36.68 14.40 -10.47
CA PRO A 278 35.57 14.69 -11.39
C PRO A 278 35.04 13.43 -12.08
N ILE A 279 33.72 13.31 -12.17
CA ILE A 279 33.08 12.14 -12.81
C ILE A 279 33.17 12.21 -14.33
N GLY A 280 33.43 11.06 -14.96
CA GLY A 280 33.52 10.96 -16.41
C GLY A 280 34.79 11.60 -16.96
N PRO A 281 35.90 10.83 -17.02
CA PRO A 281 37.10 11.36 -17.67
C PRO A 281 36.91 11.54 -19.18
N HIS A 282 36.34 10.53 -19.82
CA HIS A 282 36.18 10.48 -21.28
C HIS A 282 35.41 11.68 -21.87
N ILE A 283 34.40 12.18 -21.15
CA ILE A 283 33.56 13.28 -21.68
C ILE A 283 34.33 14.56 -22.04
N TYR A 284 35.46 14.79 -21.35
CA TYR A 284 36.36 15.89 -21.68
C TYR A 284 37.40 15.56 -22.78
N ASN A 285 37.57 14.27 -23.09
CA ASN A 285 38.53 13.84 -24.13
C ASN A 285 38.06 14.29 -25.52
N HIS A 286 38.95 14.96 -26.25
CA HIS A 286 38.59 15.58 -27.53
C HIS A 286 38.69 14.62 -28.73
N GLU A 287 39.29 13.45 -28.54
CA GLU A 287 39.37 12.41 -29.59
C GLU A 287 38.01 11.82 -29.96
N LEU A 288 37.08 11.80 -29.01
CA LEU A 288 35.74 11.27 -29.22
C LEU A 288 34.88 12.27 -30.00
N PRO A 289 33.81 11.79 -30.67
CA PRO A 289 32.87 12.72 -31.30
C PRO A 289 31.98 13.40 -30.27
N GLU A 290 31.52 14.61 -30.58
CA GLU A 290 30.56 15.31 -29.70
C GLU A 290 29.21 14.60 -29.75
N VAL A 291 28.49 14.57 -28.62
CA VAL A 291 27.21 13.90 -28.55
C VAL A 291 26.20 14.55 -29.52
N PRO A 292 25.63 13.75 -30.45
CA PRO A 292 24.75 14.31 -31.47
C PRO A 292 23.36 14.62 -30.92
N TYR A 293 22.64 15.53 -31.59
CA TYR A 293 21.25 15.79 -31.25
C TYR A 293 20.43 14.57 -31.67
N ASN A 294 19.80 13.92 -30.70
CA ASN A 294 19.01 12.70 -30.94
C ASN A 294 17.66 12.71 -30.22
N ALA A 295 17.08 13.90 -30.07
CA ALA A 295 15.72 14.04 -29.58
C ALA A 295 14.75 13.70 -30.71
N PHE A 296 13.52 13.35 -30.34
CA PHE A 296 12.50 12.91 -31.29
C PHE A 296 12.10 14.06 -32.21
N LEU A 297 11.79 15.20 -31.60
CA LEU A 297 11.52 16.46 -32.30
C LEU A 297 12.56 17.52 -31.93
N LEU A 298 12.52 18.65 -32.62
CA LEU A 298 13.39 19.79 -32.32
C LEU A 298 12.84 20.55 -31.12
N MET A 299 13.70 21.35 -30.48
CA MET A 299 13.33 22.07 -29.27
C MET A 299 13.67 23.57 -29.35
N SER A 300 14.95 23.90 -29.30
CA SER A 300 15.40 25.29 -29.38
C SER A 300 15.38 25.79 -30.82
N ASP A 301 15.75 24.90 -31.74
CA ASP A 301 15.96 25.24 -33.15
C ASP A 301 14.67 25.34 -33.97
N GLU A 302 13.54 24.90 -33.40
CA GLU A 302 12.24 24.88 -34.10
C GLU A 302 11.80 26.25 -34.61
N LEU A 303 10.93 26.23 -35.62
CA LEU A 303 10.33 27.44 -36.17
C LEU A 303 8.86 27.19 -36.48
N GLY A 304 7.97 27.89 -35.77
CA GLY A 304 6.54 27.74 -35.96
C GLY A 304 5.98 28.70 -36.99
N LEU A 305 5.24 28.16 -37.97
CA LEU A 305 4.53 28.99 -38.96
C LEU A 305 3.19 29.46 -38.37
N ALA A 306 3.14 30.72 -37.95
CA ALA A 306 2.01 31.26 -37.20
C ALA A 306 0.85 31.67 -38.10
N ASN A 307 -0.26 30.94 -38.01
CA ASN A 307 -1.52 31.32 -38.65
C ASN A 307 -2.48 31.79 -37.56
N MET A 308 -2.87 33.06 -37.59
CA MET A 308 -3.83 33.59 -36.61
C MET A 308 -5.23 33.06 -36.95
N THR A 309 -5.90 32.49 -35.96
CA THR A 309 -7.20 31.82 -36.17
C THR A 309 -8.29 32.37 -35.25
N GLU A 310 -9.51 31.91 -35.50
CA GLU A 310 -10.65 32.12 -34.60
C GLU A 310 -10.38 31.71 -33.14
N GLY A 311 -9.59 30.65 -32.96
CA GLY A 311 -9.22 30.14 -31.63
C GLY A 311 -9.75 28.74 -31.39
N LYS A 312 -10.98 28.50 -31.84
CA LYS A 312 -11.60 27.18 -31.77
C LYS A 312 -10.89 26.16 -32.66
N SER A 313 -11.07 24.89 -32.32
CA SER A 313 -10.35 23.79 -32.97
C SER A 313 -10.89 23.48 -34.38
N LYS A 314 -10.03 22.84 -35.18
CA LYS A 314 -10.37 22.40 -36.54
C LYS A 314 -9.55 21.16 -36.89
N LYS A 315 -9.84 20.56 -38.05
CA LYS A 315 -9.14 19.33 -38.48
C LYS A 315 -7.63 19.58 -38.64
N PRO A 316 -6.80 18.58 -38.26
CA PRO A 316 -5.34 18.76 -38.30
C PRO A 316 -4.77 18.96 -39.71
N LYS A 317 -5.47 18.47 -40.73
CA LYS A 317 -5.16 18.77 -42.12
C LYS A 317 -5.45 20.24 -42.42
N THR A 318 -6.68 20.67 -42.11
CA THR A 318 -7.16 22.02 -42.43
C THR A 318 -6.31 23.16 -41.84
N LEU A 319 -5.80 22.97 -40.62
CA LEU A 319 -4.93 23.98 -39.98
C LEU A 319 -3.54 24.02 -40.62
N ALA A 320 -2.98 22.84 -40.90
CA ALA A 320 -1.68 22.74 -41.58
C ALA A 320 -1.75 23.24 -43.03
N LYS A 321 -2.93 23.10 -43.64
CA LYS A 321 -3.21 23.61 -44.98
C LYS A 321 -3.18 25.13 -44.98
N GLU A 322 -4.00 25.73 -44.12
CA GLU A 322 -4.09 27.20 -44.01
C GLU A 322 -2.82 27.84 -43.43
N CYS A 323 -2.08 27.10 -42.61
CA CYS A 323 -0.74 27.52 -42.17
C CYS A 323 0.22 27.64 -43.36
N LEU A 324 0.16 26.67 -44.28
CA LEU A 324 0.99 26.71 -45.49
C LEU A 324 0.46 27.69 -46.54
N GLU A 325 -0.86 27.92 -46.55
CA GLU A 325 -1.50 28.91 -47.43
C GLU A 325 -0.99 30.32 -47.13
N LYS A 326 -0.86 30.64 -45.84
CA LYS A 326 -0.30 31.91 -45.40
C LYS A 326 1.17 32.05 -45.80
N TYR A 327 1.94 30.98 -45.62
CA TYR A 327 3.38 30.96 -45.96
C TYR A 327 3.62 30.11 -47.22
N SER A 328 2.89 30.44 -48.28
CA SER A 328 2.93 29.71 -49.57
C SER A 328 4.32 29.68 -50.24
N THR A 329 5.05 30.79 -50.12
CA THR A 329 6.43 30.90 -50.63
C THR A 329 7.29 29.68 -50.30
N LEU A 330 7.15 29.18 -49.07
CA LEU A 330 7.82 27.96 -48.62
C LEU A 330 7.08 26.69 -49.09
N ARG A 331 5.74 26.74 -49.08
CA ARG A 331 4.90 25.61 -49.52
C ARG A 331 5.23 25.16 -50.94
N ASP A 332 5.21 26.11 -51.87
CA ASP A 332 5.39 25.83 -53.29
C ASP A 332 6.86 25.85 -53.75
N GLN A 333 7.81 25.81 -52.81
CA GLN A 333 9.23 25.77 -53.15
C GLN A 333 9.60 24.33 -53.52
N THR A 334 9.54 24.04 -54.82
CA THR A 334 9.76 22.70 -55.37
C THR A 334 11.25 22.34 -55.55
N ASP A 335 12.10 23.35 -55.74
CA ASP A 335 13.52 23.13 -56.03
C ASP A 335 14.30 22.73 -54.78
N PRO A 336 14.91 21.52 -54.78
CA PRO A 336 15.66 21.07 -53.61
C PRO A 336 17.03 21.74 -53.50
N ILE A 337 17.18 22.67 -52.58
CA ILE A 337 18.45 23.35 -52.31
C ILE A 337 19.07 22.70 -51.07
N LEU A 338 19.77 21.59 -51.28
CA LEU A 338 20.28 20.74 -50.20
C LEU A 338 21.47 21.38 -49.48
N ILE A 339 21.48 21.26 -48.15
CA ILE A 339 22.53 21.84 -47.30
C ILE A 339 23.36 20.74 -46.61
N MET A 340 22.68 19.90 -45.82
CA MET A 340 23.33 18.86 -45.01
C MET A 340 22.74 17.48 -45.34
N LYS A 341 23.54 16.43 -45.18
CA LYS A 341 23.10 15.06 -45.47
C LYS A 341 23.51 14.11 -44.34
N SER A 342 22.61 13.20 -43.98
CA SER A 342 22.92 12.09 -43.07
C SER A 342 23.49 10.92 -43.88
N GLU A 343 24.64 10.41 -43.45
CA GLU A 343 25.45 9.43 -44.21
C GLU A 343 24.63 8.37 -44.96
N LYS A 344 23.66 7.78 -44.28
CA LYS A 344 22.77 6.77 -44.86
C LYS A 344 21.38 7.36 -45.09
N ALA A 345 21.32 8.38 -45.96
CA ALA A 345 20.05 8.98 -46.40
C ALA A 345 19.95 9.00 -47.93
N ASN A 346 18.74 9.29 -48.42
CA ASN A 346 18.44 9.30 -49.87
C ASN A 346 17.77 10.64 -50.23
N GLU A 347 18.64 11.62 -50.51
CA GLU A 347 18.27 13.01 -50.85
C GLU A 347 17.00 13.11 -51.68
N ASN A 348 16.94 12.32 -52.75
CA ASN A 348 15.78 12.29 -53.65
C ASN A 348 14.52 11.76 -52.94
N PHE A 349 14.63 10.59 -52.31
CA PHE A 349 13.48 9.99 -51.64
C PHE A 349 12.96 10.91 -50.54
N LEU A 350 13.87 11.43 -49.71
CA LEU A 350 13.48 12.34 -48.61
C LEU A 350 12.74 13.58 -49.11
N TRP A 351 13.29 14.23 -50.13
CA TRP A 351 12.66 15.43 -50.71
C TRP A 351 11.34 15.10 -51.39
N LYS A 352 11.33 14.01 -52.16
CA LYS A 352 10.08 13.52 -52.78
C LYS A 352 9.00 13.22 -51.73
N LEU A 353 9.42 12.71 -50.57
CA LEU A 353 8.51 12.48 -49.45
C LEU A 353 7.90 13.79 -48.94
N TRP A 354 8.76 14.79 -48.69
CA TRP A 354 8.33 16.13 -48.25
C TRP A 354 7.31 16.75 -49.22
N ARG A 355 7.64 16.73 -50.50
CA ARG A 355 6.74 17.20 -51.55
C ARG A 355 5.43 16.42 -51.58
N ASP A 356 5.52 15.09 -51.40
CA ASP A 356 4.33 14.24 -51.28
C ASP A 356 3.46 14.64 -50.08
N CYS A 357 4.10 14.95 -48.94
CA CYS A 357 3.38 15.46 -47.76
C CYS A 357 2.69 16.77 -48.09
N VAL A 358 3.51 17.77 -48.46
CA VAL A 358 3.03 19.14 -48.68
C VAL A 358 1.78 19.16 -49.58
N ASN A 359 1.86 18.44 -50.70
CA ASN A 359 0.75 18.35 -51.64
C ASN A 359 -0.47 17.64 -51.03
N THR A 360 -0.22 16.57 -50.27
CA THR A 360 -1.30 15.82 -49.61
C THR A 360 -2.02 16.67 -48.57
N ILE A 361 -1.28 17.45 -47.77
CA ILE A 361 -1.92 18.41 -46.86
C ILE A 361 -2.61 19.53 -47.66
N SER A 362 -1.98 19.98 -48.74
CA SER A 362 -2.56 21.03 -49.59
C SER A 362 -3.84 20.64 -50.33
N ASN A 363 -4.03 19.34 -50.62
CA ASN A 363 -5.15 18.91 -51.49
C ASN A 363 -6.56 19.10 -50.88
N GLU A 364 -7.58 18.94 -51.72
CA GLU A 364 -8.98 19.12 -51.33
C GLU A 364 -9.64 17.87 -50.73
N GLU A 365 -8.93 16.75 -50.71
CA GLU A 365 -9.50 15.48 -50.20
C GLU A 365 -9.52 15.44 -48.68
N MET A 366 -10.40 14.60 -48.13
CA MET A 366 -10.58 14.45 -46.68
C MET A 366 -9.42 13.70 -46.03
N SER A 367 -9.00 12.60 -46.66
CA SER A 367 -7.98 11.71 -46.09
C SER A 367 -6.60 12.37 -45.99
N ASN A 368 -5.86 11.98 -44.95
CA ASN A 368 -4.46 12.39 -44.76
C ASN A 368 -3.48 11.23 -45.07
N GLU A 369 -3.96 10.23 -45.83
CA GLU A 369 -3.16 9.06 -46.16
C GLU A 369 -2.16 9.41 -47.25
N LEU A 370 -0.97 8.84 -47.13
CA LEU A 370 0.10 8.99 -48.11
C LEU A 370 0.26 7.66 -48.83
N GLN A 371 0.50 7.70 -50.14
CA GLN A 371 0.59 6.50 -50.96
C GLN A 371 1.89 5.76 -50.70
N LYS A 372 1.83 4.43 -50.73
CA LYS A 372 2.97 3.58 -50.42
C LYS A 372 3.93 3.53 -51.62
N THR A 373 4.70 4.60 -51.76
CA THR A 373 5.59 4.81 -52.91
C THR A 373 6.88 3.99 -52.80
N ASN A 374 7.77 4.14 -53.76
CA ASN A 374 9.14 3.57 -53.67
C ASN A 374 9.99 4.26 -52.59
N TYR A 375 9.77 5.56 -52.41
CA TYR A 375 10.49 6.34 -51.39
C TYR A 375 9.92 6.11 -49.99
N ALA A 376 8.61 6.22 -49.84
CA ALA A 376 7.94 6.01 -48.54
C ALA A 376 8.26 4.64 -47.94
N LYS A 377 8.35 3.63 -48.80
CA LYS A 377 8.76 2.27 -48.41
C LYS A 377 10.23 2.19 -47.96
N TRP A 378 11.09 3.08 -48.46
CA TRP A 378 12.45 3.20 -47.91
C TRP A 378 12.45 3.96 -46.59
N ALA A 379 11.73 5.07 -46.56
CA ALA A 379 11.70 5.98 -45.41
C ALA A 379 10.97 5.39 -44.18
N THR A 380 10.02 4.49 -44.40
CA THR A 380 9.35 3.76 -43.30
C THR A 380 10.03 2.42 -42.98
N GLY A 381 10.73 1.84 -43.97
CA GLY A 381 11.48 0.59 -43.79
C GLY A 381 10.69 -0.66 -44.12
N ASP A 382 9.94 -0.60 -45.22
CA ASP A 382 9.01 -1.66 -45.60
C ASP A 382 9.75 -2.96 -45.90
N GLY A 383 9.21 -4.06 -45.37
CA GLY A 383 9.79 -5.39 -45.51
C GLY A 383 11.15 -5.65 -44.89
N LEU A 384 11.65 -4.71 -44.07
CA LEU A 384 13.01 -4.84 -43.51
C LEU A 384 13.12 -5.86 -42.35
N THR A 385 11.98 -6.35 -41.84
CA THR A 385 11.98 -7.42 -40.84
C THR A 385 12.55 -8.71 -41.43
N TYR A 386 13.22 -9.49 -40.60
CA TYR A 386 13.86 -10.74 -41.03
C TYR A 386 12.81 -11.85 -41.06
N GLN A 387 13.14 -12.95 -41.74
CA GLN A 387 12.18 -14.04 -41.95
C GLN A 387 12.30 -15.12 -40.87
N LYS A 388 11.16 -15.52 -40.31
CA LYS A 388 11.12 -16.65 -39.37
C LYS A 388 11.26 -17.96 -40.15
N ILE A 389 12.15 -18.82 -39.68
CA ILE A 389 12.33 -20.17 -40.25
C ILE A 389 12.30 -21.25 -39.17
N MET A 390 12.19 -22.50 -39.60
CA MET A 390 12.13 -23.65 -38.69
C MET A 390 13.48 -23.86 -38.01
N LYS A 391 13.46 -24.05 -36.68
CA LYS A 391 14.67 -24.29 -35.88
C LYS A 391 15.65 -25.29 -36.49
N GLU A 392 15.11 -26.36 -37.09
CA GLU A 392 15.92 -27.42 -37.69
C GLU A 392 16.71 -26.92 -38.90
N VAL A 393 16.17 -25.92 -39.60
CA VAL A 393 16.85 -25.32 -40.75
C VAL A 393 18.00 -24.42 -40.28
N ALA A 394 17.73 -23.63 -39.23
CA ALA A 394 18.71 -22.70 -38.68
C ALA A 394 19.88 -23.41 -38.00
N ILE A 395 19.57 -24.52 -37.32
CA ILE A 395 20.59 -25.40 -36.75
C ILE A 395 21.52 -25.92 -37.86
N ASP A 396 20.94 -26.35 -38.97
CA ASP A 396 21.71 -26.84 -40.13
C ASP A 396 22.50 -25.75 -40.86
N ASP A 397 21.89 -24.57 -41.04
CA ASP A 397 22.50 -23.49 -41.81
C ASP A 397 23.70 -22.89 -41.06
N GLU A 398 24.90 -23.12 -41.59
CA GLU A 398 26.16 -22.74 -40.93
C GLU A 398 26.42 -21.24 -40.92
N THR A 399 25.84 -20.51 -41.87
CA THR A 399 25.99 -19.06 -41.94
C THR A 399 25.24 -18.33 -40.82
N MET A 400 24.15 -18.91 -40.34
CA MET A 400 23.32 -18.28 -39.31
C MET A 400 23.97 -18.36 -37.93
N CYS A 401 24.22 -17.20 -37.34
CA CYS A 401 24.93 -17.06 -36.06
C CYS A 401 24.26 -16.00 -35.18
N GLN A 402 24.49 -16.10 -33.87
CA GLN A 402 24.04 -15.07 -32.93
C GLN A 402 24.97 -13.87 -33.06
N GLU A 403 24.43 -12.73 -33.48
CA GLU A 403 25.23 -11.52 -33.66
C GLU A 403 25.67 -10.91 -32.32
N GLU A 404 26.84 -10.27 -32.32
CA GLU A 404 27.34 -9.53 -31.15
C GLU A 404 26.41 -8.35 -30.88
N PRO A 405 26.26 -7.97 -29.59
CA PRO A 405 25.30 -6.94 -29.24
C PRO A 405 25.79 -5.54 -29.60
N LYS A 406 24.85 -4.66 -29.93
CA LYS A 406 25.18 -3.26 -30.21
C LYS A 406 25.28 -2.55 -28.86
N ILE A 407 26.38 -1.80 -28.67
CA ILE A 407 26.65 -1.06 -27.44
C ILE A 407 26.61 0.45 -27.77
N PRO A 408 26.11 1.30 -26.84
CA PRO A 408 26.18 2.74 -27.07
C PRO A 408 27.61 3.26 -27.12
N ASN A 409 27.89 4.12 -28.10
CA ASN A 409 29.23 4.71 -28.28
C ASN A 409 29.54 5.77 -27.21
N LYS A 410 30.83 6.12 -27.12
CA LYS A 410 31.32 7.10 -26.15
C LYS A 410 31.51 8.47 -26.81
N CYS A 411 30.67 9.43 -26.40
CA CYS A 411 30.71 10.80 -26.92
C CYS A 411 31.32 11.76 -25.90
N ARG A 412 31.89 12.86 -26.40
CA ARG A 412 32.42 13.94 -25.55
C ARG A 412 31.35 15.01 -25.31
N VAL A 413 31.65 16.00 -24.45
CA VAL A 413 30.69 17.06 -24.12
C VAL A 413 30.42 17.92 -25.35
N ALA A 414 29.15 18.30 -25.54
CA ALA A 414 28.71 19.15 -26.64
C ALA A 414 27.99 20.39 -26.12
N ALA A 415 28.34 21.55 -26.66
CA ALA A 415 27.83 22.84 -26.18
C ALA A 415 26.33 23.05 -26.43
N TRP A 416 25.79 22.41 -27.47
CA TRP A 416 24.38 22.56 -27.83
C TRP A 416 23.39 22.20 -26.70
N VAL A 417 23.80 21.31 -25.79
CA VAL A 417 22.95 20.93 -24.64
C VAL A 417 22.87 22.10 -23.66
N GLN A 418 24.04 22.68 -23.34
CA GLN A 418 24.14 23.89 -22.53
C GLN A 418 23.27 25.00 -23.09
N THR A 419 23.38 25.23 -24.40
CA THR A 419 22.61 26.27 -25.09
C THR A 419 21.12 25.94 -25.14
N GLU A 420 20.80 24.65 -25.28
CA GLU A 420 19.41 24.17 -25.19
C GLU A 420 18.82 24.49 -23.80
N MET A 421 19.59 24.16 -22.75
CA MET A 421 19.21 24.53 -21.38
C MET A 421 19.03 26.05 -21.26
N ASN A 422 20.03 26.80 -21.69
CA ASN A 422 20.02 28.27 -21.63
C ASN A 422 18.80 28.86 -22.34
N LEU A 423 18.50 28.35 -23.53
CA LEU A 423 17.40 28.87 -24.34
C LEU A 423 16.03 28.42 -23.84
N LEU A 424 15.87 27.13 -23.54
CA LEU A 424 14.59 26.59 -23.08
C LEU A 424 14.10 27.22 -21.77
N SER A 425 15.04 27.54 -20.88
CA SER A 425 14.74 28.23 -19.62
C SER A 425 14.15 29.63 -19.81
N THR A 426 14.56 30.31 -20.88
CA THR A 426 14.25 31.72 -21.09
C THR A 426 12.77 32.00 -21.44
N LEU A 427 12.33 33.21 -21.12
CA LEU A 427 10.95 33.67 -21.34
C LEU A 427 10.64 33.98 -22.80
N THR A 428 9.35 34.05 -23.10
CA THR A 428 8.81 34.48 -24.40
C THR A 428 7.64 35.44 -24.15
N SER A 429 6.97 35.86 -25.22
CA SER A 429 5.70 36.63 -25.13
C SER A 429 4.49 35.76 -25.50
N LYS A 430 4.65 34.43 -25.42
CA LYS A 430 3.70 33.47 -25.96
C LYS A 430 3.43 32.36 -24.93
N ARG A 431 2.17 31.94 -24.85
CA ARG A 431 1.75 30.91 -23.90
C ARG A 431 1.15 29.71 -24.64
N ALA A 432 1.69 28.52 -24.37
CA ALA A 432 1.32 27.28 -25.05
C ALA A 432 0.29 26.42 -24.31
N LEU A 433 0.38 26.39 -22.98
CA LEU A 433 -0.36 25.41 -22.15
C LEU A 433 -1.88 25.46 -22.33
N ASP A 434 -2.50 24.28 -22.23
CA ASP A 434 -3.93 24.08 -22.50
C ASP A 434 -4.72 23.84 -21.20
N LEU A 435 -4.30 24.48 -20.12
CA LEU A 435 -4.77 24.16 -18.77
C LEU A 435 -6.27 24.44 -18.59
N PRO A 436 -7.09 23.39 -18.42
CA PRO A 436 -8.54 23.56 -18.39
C PRO A 436 -9.07 24.20 -17.10
N GLU A 437 -10.38 24.42 -17.08
CA GLU A 437 -11.06 25.04 -15.92
C GLU A 437 -11.15 24.09 -14.72
N ILE A 438 -11.42 24.68 -13.56
CA ILE A 438 -11.70 23.94 -12.32
C ILE A 438 -12.93 24.54 -11.62
N GLY A 439 -13.33 23.94 -10.50
CA GLY A 439 -14.40 24.49 -9.67
C GLY A 439 -14.02 25.81 -9.00
N PRO A 440 -15.03 26.59 -8.57
CA PRO A 440 -14.76 27.91 -8.01
C PRO A 440 -14.15 27.84 -6.61
N ASP A 441 -13.46 28.91 -6.23
CA ASP A 441 -12.75 28.98 -4.95
C ASP A 441 -13.67 29.49 -3.84
N VAL A 442 -14.08 28.58 -2.95
CA VAL A 442 -14.87 28.94 -1.76
C VAL A 442 -13.97 29.02 -0.53
N ALA A 443 -13.16 27.99 -0.30
CA ALA A 443 -12.26 27.94 0.85
C ALA A 443 -11.09 28.92 0.71
N PRO A 444 -10.53 29.41 1.84
CA PRO A 444 -9.42 30.36 1.76
C PRO A 444 -8.11 29.74 1.24
N VAL A 445 -7.93 28.44 1.43
CA VAL A 445 -6.74 27.74 0.93
C VAL A 445 -6.76 27.73 -0.60
N GLU A 446 -7.97 27.64 -1.18
CA GLU A 446 -8.16 27.65 -2.63
C GLU A 446 -7.82 29.01 -3.24
N HIS A 447 -8.10 30.09 -2.49
CA HIS A 447 -7.71 31.45 -2.91
C HIS A 447 -6.20 31.67 -2.84
N VAL A 448 -5.53 31.06 -1.86
CA VAL A 448 -4.06 31.09 -1.78
C VAL A 448 -3.48 30.23 -2.92
N GLY A 449 -4.05 29.05 -3.12
CA GLY A 449 -3.68 28.17 -4.24
C GLY A 449 -3.88 28.81 -5.61
N SER A 450 -4.93 29.61 -5.75
CA SER A 450 -5.21 30.34 -7.00
C SER A 450 -4.21 31.47 -7.24
N GLU A 451 -4.01 32.31 -6.22
CA GLU A 451 -3.02 33.40 -6.29
C GLU A 451 -1.58 32.91 -6.36
N ARG A 452 -1.30 31.70 -5.87
CA ARG A 452 0.01 31.06 -6.08
C ARG A 452 0.21 30.63 -7.54
N ARG A 453 -0.83 30.07 -8.15
CA ARG A 453 -0.76 29.68 -9.57
C ARG A 453 -0.52 30.86 -10.51
N LYS A 454 -1.17 32.00 -10.23
CA LYS A 454 -0.96 33.22 -11.02
C LYS A 454 0.52 33.64 -11.12
N TYR A 455 1.32 33.27 -10.12
CA TYR A 455 2.77 33.49 -10.14
C TYR A 455 3.51 32.25 -10.65
N PHE A 456 3.16 31.06 -10.15
CA PHE A 456 3.87 29.81 -10.47
C PHE A 456 3.65 29.32 -11.90
N VAL A 457 2.38 29.14 -12.27
CA VAL A 457 2.00 28.58 -13.59
C VAL A 457 2.39 29.55 -14.72
N ASN A 458 1.92 30.80 -14.60
CA ASN A 458 2.18 31.83 -15.62
C ASN A 458 3.66 32.25 -15.74
N GLU A 459 4.51 31.84 -14.80
CA GLU A 459 5.96 31.97 -14.96
C GLU A 459 6.48 30.93 -15.97
N ILE A 460 6.04 29.69 -15.84
CA ILE A 460 6.45 28.60 -16.75
C ILE A 460 5.77 28.75 -18.11
N ASN A 461 4.44 28.92 -18.08
CA ASN A 461 3.62 29.11 -19.29
C ASN A 461 4.20 30.11 -20.29
N TYR A 462 4.76 31.20 -19.78
CA TYR A 462 5.43 32.24 -20.58
C TYR A 462 6.90 31.93 -20.94
N CYS A 463 7.31 30.65 -20.96
CA CYS A 463 8.69 30.30 -21.35
C CYS A 463 8.75 29.36 -22.56
N LYS A 464 9.95 29.17 -23.09
CA LYS A 464 10.18 28.32 -24.28
C LYS A 464 9.90 26.84 -23.98
N ALA A 465 10.52 26.34 -22.91
CA ALA A 465 10.35 24.94 -22.46
C ALA A 465 8.89 24.49 -22.35
N SER A 466 7.98 25.41 -22.00
CA SER A 466 6.54 25.13 -21.95
C SER A 466 5.94 24.82 -23.33
N THR A 467 6.42 25.49 -24.38
CA THR A 467 5.91 25.30 -25.75
C THR A 467 6.38 23.98 -26.35
N VAL A 468 7.67 23.68 -26.16
CA VAL A 468 8.26 22.39 -26.58
C VAL A 468 7.51 21.23 -25.91
N MET A 469 7.33 21.33 -24.60
CA MET A 469 6.60 20.33 -23.80
C MET A 469 5.20 20.10 -24.37
N MET A 470 4.47 21.17 -24.62
CA MET A 470 3.11 21.06 -25.21
C MET A 470 3.13 20.52 -26.64
N LYS A 471 4.13 20.91 -27.44
CA LYS A 471 4.29 20.38 -28.80
C LYS A 471 4.50 18.87 -28.76
N TYR A 472 5.49 18.44 -27.97
CA TYR A 472 5.78 17.01 -27.74
C TYR A 472 4.54 16.18 -27.36
N VAL A 473 3.70 16.74 -26.48
CA VAL A 473 2.50 16.06 -26.00
C VAL A 473 1.48 15.92 -27.12
N LEU A 474 1.10 17.04 -27.72
CA LEU A 474 0.07 17.06 -28.76
C LEU A 474 0.45 16.26 -30.02
N PHE A 475 1.75 16.16 -30.33
CA PHE A 475 2.22 15.25 -31.38
C PHE A 475 2.03 13.79 -30.97
N HIS A 476 2.52 13.45 -29.77
CA HIS A 476 2.43 12.09 -29.24
C HIS A 476 0.99 11.62 -28.95
N THR A 477 0.06 12.56 -28.79
CA THR A 477 -1.36 12.23 -28.61
C THR A 477 -1.98 11.75 -29.92
N SER A 478 -1.76 12.51 -30.99
CA SER A 478 -2.25 12.15 -32.34
C SER A 478 -1.47 10.99 -32.96
N LEU A 479 -0.17 10.93 -32.69
CA LEU A 479 0.71 9.87 -33.21
C LEU A 479 0.33 8.47 -32.71
N LEU A 480 -0.08 8.38 -31.44
CA LEU A 480 -0.62 7.14 -30.89
C LEU A 480 -2.01 6.84 -31.48
N ASN A 481 -2.81 7.89 -31.66
CA ASN A 481 -4.16 7.75 -32.20
C ASN A 481 -4.17 7.22 -33.63
N GLU A 482 -3.29 7.76 -34.48
CA GLU A 482 -3.14 7.23 -35.85
C GLU A 482 -2.61 5.79 -35.85
N SER A 483 -1.66 5.50 -34.95
CA SER A 483 -0.99 4.20 -34.88
C SER A 483 -1.89 2.99 -34.60
N ASN A 484 -2.99 3.20 -33.87
CA ASN A 484 -3.95 2.13 -33.57
C ASN A 484 -5.03 2.05 -34.65
N ALA A 485 -5.59 3.20 -35.01
CA ALA A 485 -6.68 3.26 -35.99
C ALA A 485 -6.22 2.91 -37.40
N SER A 486 -5.22 3.65 -37.87
CA SER A 486 -4.72 3.51 -39.24
C SER A 486 -3.43 2.69 -39.26
N MET A 487 -3.56 1.39 -38.96
CA MET A 487 -2.40 0.52 -38.81
C MET A 487 -1.65 0.30 -40.13
N GLY A 488 -2.37 -0.20 -41.13
CA GLY A 488 -1.82 -0.50 -42.43
C GLY A 488 -1.53 0.71 -43.30
N LYS A 489 -2.20 1.83 -43.03
CA LYS A 489 -2.09 3.03 -43.85
C LYS A 489 -0.90 3.89 -43.44
N TYR A 490 -0.10 4.32 -44.42
CA TYR A 490 0.97 5.30 -44.22
C TYR A 490 0.29 6.66 -44.12
N LYS A 491 0.48 7.39 -43.00
CA LYS A 491 -0.25 8.64 -42.78
C LYS A 491 0.64 9.84 -42.42
N VAL A 492 0.21 11.02 -42.87
CA VAL A 492 0.93 12.27 -42.67
C VAL A 492 0.28 13.00 -41.50
N ILE A 493 1.08 13.31 -40.48
CA ILE A 493 0.62 14.00 -39.27
C ILE A 493 1.42 15.30 -39.14
N PRO A 494 0.73 16.45 -38.95
CA PRO A 494 1.45 17.71 -38.73
C PRO A 494 1.95 17.87 -37.29
N ILE A 495 2.94 18.73 -37.11
CA ILE A 495 3.48 19.09 -35.78
C ILE A 495 2.83 20.40 -35.35
N THR A 496 1.73 20.28 -34.60
CA THR A 496 0.82 21.39 -34.28
C THR A 496 0.95 21.85 -32.82
N ASN A 497 0.63 23.12 -32.60
CA ASN A 497 0.44 23.68 -31.25
C ASN A 497 -0.34 24.99 -31.38
N ARG A 498 -1.36 25.17 -30.54
CA ARG A 498 -2.09 26.45 -30.46
C ARG A 498 -1.46 27.32 -29.38
N VAL A 499 -1.07 28.53 -29.78
CA VAL A 499 -0.32 29.47 -28.94
C VAL A 499 -1.13 30.76 -28.82
N VAL A 500 -1.03 31.40 -27.65
CA VAL A 500 -1.73 32.66 -27.38
C VAL A 500 -0.73 33.69 -26.85
N ASN A 501 -0.77 34.90 -27.41
CA ASN A 501 0.18 35.97 -27.11
C ASN A 501 -0.33 36.88 -25.98
N GLU A 502 0.45 37.90 -25.64
CA GLU A 502 0.10 38.84 -24.57
C GLU A 502 -1.18 39.64 -24.85
N LYS A 503 -1.46 39.91 -26.12
CA LYS A 503 -2.73 40.52 -26.54
C LYS A 503 -3.93 39.59 -26.31
N GLY A 504 -3.73 38.29 -26.57
CA GLY A 504 -4.79 37.28 -26.40
C GLY A 504 -5.39 36.88 -27.73
N GLU A 505 -4.54 36.44 -28.65
CA GLU A 505 -4.91 36.07 -30.02
C GLU A 505 -4.35 34.69 -30.35
N SER A 506 -5.20 33.78 -30.82
CA SER A 506 -4.82 32.39 -31.05
C SER A 506 -4.07 32.20 -32.38
N PHE A 507 -2.76 31.94 -32.28
CA PHE A 507 -1.92 31.59 -33.42
C PHE A 507 -1.74 30.07 -33.50
N ASP A 508 -2.45 29.43 -34.44
CA ASP A 508 -2.21 28.02 -34.75
C ASP A 508 -0.84 27.86 -35.39
N MET A 509 0.06 27.13 -34.72
CA MET A 509 1.44 26.99 -35.16
C MET A 509 1.64 25.73 -36.00
N LEU A 510 2.81 25.68 -36.64
CA LEU A 510 3.25 24.51 -37.40
C LEU A 510 4.78 24.50 -37.40
N TYR A 511 5.37 23.53 -36.69
CA TYR A 511 6.82 23.41 -36.53
C TYR A 511 7.41 22.39 -37.50
N GLY A 512 6.59 21.91 -38.44
CA GLY A 512 6.97 20.86 -39.38
C GLY A 512 5.81 19.94 -39.73
N LEU A 513 6.12 18.92 -40.54
CA LEU A 513 5.19 17.83 -40.85
C LEU A 513 5.93 16.51 -40.68
N ALA A 514 5.20 15.45 -40.37
CA ALA A 514 5.80 14.12 -40.20
C ALA A 514 4.95 13.05 -40.84
N VAL A 515 5.54 11.87 -41.04
CA VAL A 515 4.86 10.73 -41.65
C VAL A 515 5.07 9.49 -40.81
N LYS A 516 3.97 8.88 -40.37
CA LYS A 516 4.02 7.66 -39.56
C LYS A 516 4.00 6.43 -40.47
N GLY A 517 4.86 5.46 -40.17
CA GLY A 517 4.95 4.23 -40.95
C GLY A 517 3.78 3.28 -40.71
N GLN A 518 4.01 2.00 -41.01
CA GLN A 518 2.97 0.99 -40.79
C GLN A 518 3.02 0.56 -39.32
N SER A 519 1.88 0.61 -38.63
CA SER A 519 1.83 0.44 -37.18
C SER A 519 0.93 -0.73 -36.75
N HIS A 520 1.41 -1.94 -37.02
CA HIS A 520 0.80 -3.17 -36.52
C HIS A 520 1.54 -3.56 -35.25
N LEU A 521 1.35 -2.74 -34.21
CA LEU A 521 2.16 -2.81 -32.98
C LEU A 521 1.62 -3.81 -31.97
N ARG A 522 2.23 -4.99 -31.94
CA ARG A 522 1.82 -6.06 -31.02
C ARG A 522 2.31 -5.76 -29.60
N GLY A 523 3.58 -5.99 -29.33
CA GLY A 523 4.18 -5.67 -28.03
C GLY A 523 4.30 -4.16 -27.85
N ASP A 524 4.55 -3.75 -26.61
CA ASP A 524 4.64 -2.33 -26.27
C ASP A 524 5.89 -1.69 -26.86
N THR A 525 7.01 -2.43 -26.83
CA THR A 525 8.31 -1.98 -27.34
C THR A 525 8.50 -2.07 -28.86
N ASP A 526 7.49 -2.57 -29.59
CA ASP A 526 7.54 -2.64 -31.06
C ASP A 526 7.57 -1.24 -31.65
N VAL A 527 8.45 -1.05 -32.63
CA VAL A 527 8.72 0.28 -33.19
C VAL A 527 7.81 0.56 -34.38
N VAL A 528 7.36 1.81 -34.47
CA VAL A 528 6.74 2.36 -35.68
C VAL A 528 7.64 3.51 -36.12
N THR A 529 8.31 3.34 -37.27
CA THR A 529 9.22 4.36 -37.78
C THR A 529 8.40 5.57 -38.28
N VAL A 530 8.83 6.76 -37.82
CA VAL A 530 8.19 8.03 -38.13
C VAL A 530 9.22 8.94 -38.76
N VAL A 531 8.88 9.54 -39.90
CA VAL A 531 9.80 10.40 -40.64
C VAL A 531 9.42 11.85 -40.35
N THR A 532 10.37 12.64 -39.84
CA THR A 532 10.14 14.03 -39.45
C THR A 532 10.63 15.00 -40.52
N PHE A 533 9.93 16.11 -40.69
CA PHE A 533 10.37 17.23 -41.55
C PHE A 533 10.08 18.52 -40.78
N GLU A 534 11.12 19.21 -40.30
CA GLU A 534 10.94 20.30 -39.33
C GLU A 534 11.54 21.64 -39.76
N PHE A 535 10.77 22.70 -39.62
CA PHE A 535 11.21 24.06 -39.99
C PHE A 535 12.19 24.58 -38.93
N SER A 536 13.11 25.44 -39.37
CA SER A 536 14.18 25.96 -38.52
C SER A 536 14.86 27.19 -39.10
N SER A 537 15.23 28.12 -38.22
CA SER A 537 16.07 29.26 -38.56
C SER A 537 17.55 28.94 -38.43
N THR A 538 17.89 27.86 -37.72
CA THR A 538 19.27 27.49 -37.45
C THR A 538 19.95 26.90 -38.69
N ASP A 539 21.15 27.40 -38.98
CA ASP A 539 21.97 26.88 -40.07
C ASP A 539 22.70 25.63 -39.56
N PRO A 540 22.45 24.46 -40.18
CA PRO A 540 23.09 23.23 -39.71
C PRO A 540 24.63 23.18 -39.85
N ARG A 541 25.17 24.01 -40.75
CA ARG A 541 26.62 24.15 -40.90
C ARG A 541 27.29 24.88 -39.72
N VAL A 542 26.51 25.56 -38.87
CA VAL A 542 27.04 26.20 -37.65
C VAL A 542 27.65 25.14 -36.73
N ASP A 543 26.81 24.23 -36.24
CA ASP A 543 27.24 23.10 -35.42
C ASP A 543 27.00 21.81 -36.22
N SER A 544 27.99 21.44 -37.03
CA SER A 544 27.90 20.25 -37.87
C SER A 544 27.76 18.96 -37.05
N GLY A 545 28.54 18.86 -35.97
CA GLY A 545 28.49 17.71 -35.06
C GLY A 545 27.20 17.53 -34.27
N LYS A 546 26.35 18.55 -34.25
CA LYS A 546 25.01 18.45 -33.68
C LYS A 546 24.06 17.60 -34.54
N TRP A 547 24.20 17.67 -35.87
CA TRP A 547 23.21 17.13 -36.82
C TRP A 547 23.69 16.01 -37.77
N PRO A 548 24.50 15.04 -37.29
CA PRO A 548 24.85 13.93 -38.18
C PRO A 548 23.69 12.97 -38.48
N LYS A 549 22.69 12.93 -37.59
CA LYS A 549 21.49 12.12 -37.78
C LYS A 549 20.48 12.79 -38.74
N TYR A 550 20.57 14.11 -38.89
CA TYR A 550 19.65 14.87 -39.73
C TYR A 550 20.16 15.12 -41.16
N THR A 551 19.20 15.33 -42.08
CA THR A 551 19.46 15.69 -43.47
C THR A 551 18.66 16.96 -43.75
N VAL A 552 19.36 18.05 -44.08
CA VAL A 552 18.77 19.39 -44.13
C VAL A 552 18.83 20.05 -45.51
N PHE A 553 17.66 20.51 -45.97
CA PHE A 553 17.51 21.37 -47.14
C PHE A 553 17.27 22.80 -46.71
N ARG A 554 17.34 23.71 -47.69
CA ARG A 554 17.05 25.14 -47.54
C ARG A 554 15.87 25.43 -48.47
N ILE A 555 14.80 26.02 -47.94
CA ILE A 555 13.50 26.07 -48.66
C ILE A 555 12.85 27.45 -48.80
N GLY A 556 13.61 28.52 -48.56
CA GLY A 556 13.12 29.89 -48.69
C GLY A 556 13.78 30.82 -47.68
N SER A 557 13.08 31.89 -47.33
CA SER A 557 13.54 32.83 -46.31
C SER A 557 12.36 33.54 -45.63
N LEU A 558 12.59 34.02 -44.41
CA LEU A 558 11.59 34.76 -43.64
C LEU A 558 12.23 35.91 -42.87
N PHE A 559 11.59 37.07 -42.90
CA PHE A 559 12.04 38.24 -42.14
C PHE A 559 11.61 38.11 -40.69
N VAL A 560 12.58 37.83 -39.80
CA VAL A 560 12.31 37.65 -38.36
C VAL A 560 11.78 38.95 -37.71
N SER A 561 12.20 40.09 -38.23
CA SER A 561 11.67 41.39 -37.81
C SER A 561 11.94 42.43 -38.89
N GLY A 562 13.23 42.69 -39.13
CA GLY A 562 13.70 43.58 -40.21
C GLY A 562 14.67 42.85 -41.10
N ARG A 563 15.76 42.35 -40.51
CA ARG A 563 16.77 41.57 -41.21
C ARG A 563 16.28 40.14 -41.46
N GLU A 564 16.67 39.57 -42.61
CA GLU A 564 16.13 38.30 -43.08
C GLU A 564 16.85 37.09 -42.47
N LYS A 565 16.08 36.03 -42.22
CA LYS A 565 16.60 34.74 -41.77
C LYS A 565 16.25 33.68 -42.81
N SER A 566 17.25 32.90 -43.23
CA SER A 566 17.03 31.81 -44.18
C SER A 566 16.36 30.62 -43.49
N VAL A 567 15.32 30.07 -44.14
CA VAL A 567 14.53 28.97 -43.59
C VAL A 567 15.06 27.63 -44.11
N TYR A 568 15.13 26.64 -43.22
CA TYR A 568 15.64 25.30 -43.56
C TYR A 568 14.57 24.23 -43.33
N LEU A 569 14.87 22.99 -43.74
CA LEU A 569 13.98 21.85 -43.50
C LEU A 569 14.77 20.66 -42.98
N TYR A 570 14.75 20.49 -41.66
CA TYR A 570 15.46 19.39 -41.00
C TYR A 570 14.67 18.08 -41.14
N CYS A 571 15.22 17.16 -41.94
CA CYS A 571 14.60 15.88 -42.24
C CYS A 571 15.33 14.75 -41.50
N ARG A 572 14.57 13.75 -41.04
CA ARG A 572 15.13 12.62 -40.31
C ARG A 572 14.17 11.42 -40.27
N VAL A 573 14.75 10.23 -40.42
CA VAL A 573 14.04 8.97 -40.16
C VAL A 573 14.19 8.70 -38.67
N ASN A 574 13.06 8.64 -37.96
CA ASN A 574 13.03 8.48 -36.49
C ASN A 574 12.08 7.33 -36.15
N GLY A 575 11.87 7.07 -34.86
CA GLY A 575 10.94 6.03 -34.42
C GLY A 575 10.55 6.10 -32.97
N THR A 576 9.33 5.65 -32.67
CA THR A 576 8.78 5.61 -31.32
C THR A 576 8.08 4.27 -31.09
N ASN A 577 7.58 4.08 -29.87
CA ASN A 577 6.85 2.87 -29.49
C ASN A 577 5.77 3.15 -28.46
N LYS A 578 4.82 2.22 -28.34
CA LYS A 578 3.60 2.42 -27.53
C LYS A 578 3.86 3.05 -26.15
N ILE A 579 4.93 2.62 -25.50
CA ILE A 579 5.27 3.12 -24.16
C ILE A 579 5.65 4.60 -24.28
N GLN A 580 6.59 4.89 -25.18
CA GLN A 580 7.11 6.26 -25.33
C GLN A 580 6.05 7.26 -25.80
N MET A 581 5.10 6.79 -26.61
CA MET A 581 3.97 7.62 -27.05
C MET A 581 3.05 7.96 -25.88
N LYS A 582 2.70 6.96 -25.07
CA LYS A 582 1.91 7.17 -23.84
C LYS A 582 2.58 8.19 -22.90
N TRP A 583 3.86 7.98 -22.60
CA TRP A 583 4.63 8.91 -21.76
C TRP A 583 4.68 10.34 -22.32
N GLY A 584 4.53 10.47 -23.65
CA GLY A 584 4.30 11.77 -24.27
C GLY A 584 3.02 12.44 -23.79
N MET A 585 1.94 11.68 -23.73
CA MET A 585 0.64 12.19 -23.26
C MET A 585 0.65 12.52 -21.76
N GLU A 586 1.47 11.81 -21.00
CA GLU A 586 1.71 12.12 -19.59
C GLU A 586 3.04 12.88 -19.37
N ALA A 587 3.29 13.87 -20.21
CA ALA A 587 4.46 14.75 -20.09
C ALA A 587 4.10 16.15 -19.56
N ARG A 588 2.80 16.45 -19.43
CA ARG A 588 2.34 17.68 -18.77
C ARG A 588 2.67 17.66 -17.26
N ARG A 589 2.83 16.45 -16.71
CA ARG A 589 3.26 16.26 -15.31
C ARG A 589 4.68 16.75 -14.98
N CYS A 590 5.44 17.18 -16.01
CA CYS A 590 6.68 17.94 -15.78
C CYS A 590 6.48 19.25 -15.01
N LEU A 591 5.29 19.85 -15.12
CA LEU A 591 4.92 21.03 -14.33
C LEU A 591 4.97 20.77 -12.82
N LEU A 592 4.33 19.68 -12.39
CA LEU A 592 4.13 19.40 -10.97
C LEU A 592 5.44 19.16 -10.22
N GLN A 593 6.28 18.29 -10.77
CA GLN A 593 7.57 17.93 -10.15
C GLN A 593 8.46 19.15 -9.84
N SER A 594 8.41 20.15 -10.73
CA SER A 594 9.15 21.41 -10.55
C SER A 594 8.38 22.47 -9.75
N MET A 595 7.05 22.49 -9.90
CA MET A 595 6.21 23.48 -9.21
C MET A 595 6.05 23.16 -7.71
N GLN A 596 5.84 21.90 -7.37
CA GLN A 596 5.84 21.42 -5.97
C GLN A 596 7.12 21.85 -5.24
N GLN A 597 8.26 21.54 -5.85
CA GLN A 597 9.58 21.81 -5.29
C GLN A 597 9.75 23.26 -4.85
N MET A 598 9.29 24.20 -5.67
CA MET A 598 9.39 25.62 -5.39
C MET A 598 8.21 26.17 -4.59
N GLU A 599 7.06 25.48 -4.64
CA GLU A 599 5.97 25.79 -3.69
C GLU A 599 6.36 25.39 -2.26
N ALA A 600 7.22 24.38 -2.12
CA ALA A 600 7.81 24.03 -0.81
C ALA A 600 8.59 25.20 -0.21
N ILE A 601 9.36 25.91 -1.04
CA ILE A 601 10.11 27.09 -0.60
C ILE A 601 9.15 28.21 -0.19
N VAL A 602 8.12 28.46 -1.00
CA VAL A 602 7.12 29.48 -0.67
C VAL A 602 6.39 29.13 0.63
N GLU A 603 6.00 27.87 0.77
CA GLU A 603 5.36 27.40 2.02
C GLU A 603 6.29 27.53 3.22
N GLN A 604 7.55 27.08 3.08
CA GLN A 604 8.53 27.19 4.18
C GLN A 604 8.85 28.64 4.55
N GLU A 605 9.00 29.50 3.54
CA GLU A 605 9.24 30.92 3.78
C GLU A 605 8.00 31.63 4.33
N SER A 606 6.79 31.16 3.98
CA SER A 606 5.55 31.67 4.59
C SER A 606 5.41 31.33 6.08
N SER A 607 5.98 30.21 6.51
CA SER A 607 6.01 29.84 7.94
C SER A 607 6.92 30.77 8.73
N ILE A 608 8.06 31.11 8.14
CA ILE A 608 9.08 31.92 8.81
C ILE A 608 8.61 33.37 9.05
N GLN A 609 7.93 33.93 8.05
CA GLN A 609 7.43 35.31 8.11
C GLN A 609 5.97 35.41 8.56
N GLY A 610 5.23 34.31 8.50
CA GLY A 610 3.85 34.25 9.00
C GLY A 610 2.77 34.84 8.10
N TYR A 611 3.09 35.10 6.83
CA TYR A 611 2.10 35.49 5.82
C TYR A 611 2.43 34.84 4.46
N ASP A 612 1.53 34.98 3.50
CA ASP A 612 1.72 34.40 2.17
C ASP A 612 2.93 35.02 1.48
N MET A 613 4.03 34.27 1.43
CA MET A 613 5.30 34.74 0.87
C MET A 613 5.49 34.36 -0.61
N THR A 614 4.39 34.27 -1.35
CA THR A 614 4.45 34.08 -2.79
C THR A 614 4.92 35.39 -3.42
N LYS A 615 4.07 36.43 -3.33
CA LYS A 615 4.33 37.74 -3.94
C LYS A 615 5.68 38.32 -3.52
N ALA A 616 6.12 38.00 -2.30
CA ALA A 616 7.44 38.39 -1.83
C ALA A 616 8.59 37.70 -2.56
N CYS A 617 8.47 36.39 -2.76
CA CYS A 617 9.58 35.62 -3.35
C CYS A 617 9.91 36.01 -4.80
N PHE A 618 8.88 36.24 -5.60
CA PHE A 618 9.02 36.66 -7.00
C PHE A 618 9.41 38.16 -7.06
N LYS A 619 8.50 39.01 -6.61
CA LYS A 619 8.59 40.47 -6.80
C LYS A 619 9.30 41.23 -5.68
N GLY A 620 9.06 40.81 -4.43
CA GLY A 620 9.64 41.49 -3.25
C GLY A 620 8.77 42.61 -2.75
N ASP A 621 8.07 42.37 -1.64
CA ASP A 621 7.13 43.36 -1.06
C ASP A 621 7.84 44.36 -0.12
N ARG A 622 7.08 45.30 0.43
CA ARG A 622 7.60 46.32 1.37
C ARG A 622 8.58 45.78 2.41
N VAL A 623 8.19 44.69 3.07
CA VAL A 623 8.96 44.12 4.19
C VAL A 623 10.18 43.35 3.70
N ASN A 624 9.99 42.47 2.70
CA ASN A 624 11.02 41.51 2.28
C ASN A 624 11.44 41.68 0.82
N SER A 625 12.75 41.53 0.59
CA SER A 625 13.33 41.56 -0.75
C SER A 625 13.01 40.27 -1.51
N PRO A 626 13.24 40.24 -2.84
CA PRO A 626 12.97 39.01 -3.59
C PRO A 626 13.94 37.86 -3.27
N LYS A 627 13.43 36.63 -3.37
CA LYS A 627 14.21 35.43 -3.08
C LYS A 627 15.09 35.16 -4.30
N THR A 628 16.40 34.95 -4.08
CA THR A 628 17.38 34.78 -5.17
C THR A 628 18.10 33.45 -5.07
N PHE A 629 18.52 32.91 -6.22
CA PHE A 629 19.17 31.60 -6.30
C PHE A 629 20.42 31.67 -7.16
N SER A 630 21.41 30.83 -6.82
CA SER A 630 22.58 30.63 -7.69
C SER A 630 22.11 29.88 -8.93
N ILE A 631 22.06 30.59 -10.07
CA ILE A 631 21.47 30.05 -11.31
C ILE A 631 22.51 29.38 -12.22
N GLY A 632 23.74 29.91 -12.24
CA GLY A 632 24.78 29.36 -13.12
C GLY A 632 26.08 30.14 -13.11
N THR A 633 26.90 29.93 -14.15
CA THR A 633 28.24 30.53 -14.25
C THR A 633 28.39 31.59 -15.35
N GLN A 634 29.38 32.47 -15.13
CA GLN A 634 29.76 33.55 -16.04
C GLN A 634 31.29 33.65 -16.01
N GLU A 635 31.95 33.05 -17.00
CA GLU A 635 33.42 32.94 -17.08
C GLU A 635 34.11 32.53 -15.77
N GLY A 636 33.67 31.40 -15.22
CA GLY A 636 34.24 30.85 -13.98
C GLY A 636 33.90 31.62 -12.72
N LYS A 637 32.75 32.30 -12.71
CA LYS A 637 32.25 33.07 -11.56
C LYS A 637 30.78 32.74 -11.35
N LEU A 638 30.21 33.14 -10.21
CA LEU A 638 28.80 32.86 -9.89
C LEU A 638 27.84 33.87 -10.51
N VAL A 639 26.58 33.47 -10.64
CA VAL A 639 25.50 34.35 -11.10
C VAL A 639 24.25 34.12 -10.24
N LYS A 640 23.59 35.21 -9.87
CA LYS A 640 22.38 35.15 -9.03
C LYS A 640 21.13 35.42 -9.87
N GLY A 641 20.37 34.35 -10.14
CA GLY A 641 19.09 34.45 -10.82
C GLY A 641 17.94 34.57 -9.85
N SER A 642 16.83 35.14 -10.32
CA SER A 642 15.63 35.36 -9.52
C SER A 642 14.85 34.07 -9.29
N PHE A 643 13.74 34.17 -8.55
CA PHE A 643 12.87 33.02 -8.25
C PHE A 643 12.33 32.44 -9.55
N GLY A 644 11.62 33.28 -10.31
CA GLY A 644 11.01 32.88 -11.58
C GLY A 644 11.94 32.13 -12.53
N LYS A 645 13.20 32.53 -12.57
CA LYS A 645 14.24 31.86 -13.36
C LYS A 645 14.58 30.50 -12.73
N ALA A 646 14.79 30.49 -11.42
CA ALA A 646 15.13 29.25 -10.69
C ALA A 646 14.02 28.19 -10.75
N LEU A 647 12.77 28.65 -10.85
CA LEU A 647 11.61 27.78 -11.05
C LEU A 647 11.72 27.08 -12.42
N ARG A 648 12.00 27.86 -13.45
CA ARG A 648 12.06 27.36 -14.82
C ARG A 648 13.25 26.43 -15.10
N VAL A 649 14.40 26.69 -14.48
CA VAL A 649 15.59 25.83 -14.63
C VAL A 649 15.33 24.41 -14.13
N ILE A 650 14.54 24.30 -13.07
CA ILE A 650 14.11 23.00 -12.54
C ILE A 650 13.09 22.35 -13.51
N PHE A 651 12.15 23.16 -14.01
CA PHE A 651 11.13 22.70 -14.98
C PHE A 651 11.73 22.18 -16.29
N THR A 652 12.78 22.84 -16.75
CA THR A 652 13.54 22.39 -17.92
C THR A 652 14.13 21.00 -17.67
N LYS A 653 14.80 20.82 -16.53
CA LYS A 653 15.40 19.53 -16.18
C LYS A 653 14.38 18.38 -16.18
N CYS A 654 13.18 18.64 -15.67
CA CYS A 654 12.09 17.65 -15.68
C CYS A 654 11.62 17.29 -17.09
N LEU A 655 11.61 18.27 -18.00
CA LEU A 655 11.32 18.01 -19.42
C LEU A 655 12.46 17.23 -20.07
N MET A 656 13.69 17.61 -19.76
CA MET A 656 14.88 16.91 -20.28
C MET A 656 15.00 15.48 -19.73
N HIS A 657 14.45 15.24 -18.53
CA HIS A 657 14.33 13.87 -18.00
C HIS A 657 13.40 13.01 -18.86
N TYR A 658 12.34 13.62 -19.41
CA TYR A 658 11.49 12.94 -20.38
C TYR A 658 12.21 12.79 -21.72
N VAL A 659 12.55 13.94 -22.32
CA VAL A 659 13.10 13.99 -23.69
C VAL A 659 14.32 13.08 -23.88
N PHE A 660 15.17 12.99 -22.86
CA PHE A 660 16.31 12.06 -22.88
C PHE A 660 16.15 10.97 -21.79
N GLY A 661 14.93 10.48 -21.60
CA GLY A 661 14.63 9.46 -20.59
C GLY A 661 14.90 8.05 -21.10
N ASN A 662 15.82 7.34 -20.42
CA ASN A 662 16.27 6.01 -20.89
C ASN A 662 17.02 5.25 -19.78
N ALA A 663 17.56 4.08 -20.13
CA ALA A 663 18.39 3.28 -19.22
C ALA A 663 19.67 3.97 -18.74
N GLN A 664 20.27 4.79 -19.59
CA GLN A 664 21.48 5.55 -19.21
C GLN A 664 21.20 6.64 -18.17
N LEU A 665 20.09 7.35 -18.33
CA LEU A 665 19.69 8.40 -17.38
C LEU A 665 19.28 7.83 -16.02
N GLU A 666 18.45 6.78 -16.04
CA GLU A 666 17.95 6.16 -14.80
C GLU A 666 19.11 5.63 -13.95
N GLY A 667 19.95 4.81 -14.57
CA GLY A 667 21.13 4.25 -13.91
C GLY A 667 22.15 5.29 -13.46
N PHE A 668 22.28 6.39 -14.21
CA PHE A 668 23.17 7.48 -13.82
C PHE A 668 22.61 8.24 -12.63
N SER A 669 21.39 8.76 -12.77
CA SER A 669 20.75 9.59 -11.73
C SER A 669 20.75 8.91 -10.35
N ALA A 670 20.47 7.61 -10.33
CA ALA A 670 20.46 6.83 -9.08
C ALA A 670 21.83 6.72 -8.42
N GLU A 671 22.86 6.43 -9.22
CA GLU A 671 24.21 6.26 -8.69
C GLU A 671 24.92 7.59 -8.39
N SER A 672 24.62 8.63 -9.17
CA SER A 672 25.13 9.98 -8.90
C SER A 672 24.55 10.56 -7.60
N ARG A 673 23.32 10.14 -7.26
CA ARG A 673 22.68 10.54 -6.00
C ARG A 673 23.52 10.15 -4.78
N ARG A 674 23.97 8.90 -4.73
CA ARG A 674 24.87 8.40 -3.67
C ARG A 674 26.05 9.35 -3.42
N LEU A 675 26.65 9.81 -4.51
CA LEU A 675 27.75 10.78 -4.44
C LEU A 675 27.25 12.17 -4.02
N LEU A 676 26.06 12.56 -4.49
CA LEU A 676 25.42 13.83 -4.07
C LEU A 676 25.21 13.90 -2.55
N LEU A 677 24.76 12.78 -1.98
CA LEU A 677 24.52 12.68 -0.54
C LEU A 677 25.83 12.72 0.27
N LEU A 678 26.86 12.05 -0.24
CA LEU A 678 28.20 12.12 0.36
C LEU A 678 28.77 13.55 0.38
N ILE A 679 28.51 14.32 -0.67
CA ILE A 679 28.90 15.74 -0.73
C ILE A 679 28.12 16.57 0.30
N GLN A 680 26.83 16.26 0.48
CA GLN A 680 25.99 16.94 1.46
C GLN A 680 26.40 16.65 2.91
N ALA A 681 27.05 15.52 3.16
CA ALA A 681 27.65 15.22 4.47
C ALA A 681 28.87 16.11 4.74
N LEU A 682 29.74 16.23 3.74
CA LEU A 682 30.89 17.15 3.78
C LEU A 682 30.48 18.62 3.84
N LYS A 683 29.36 18.96 3.21
CA LYS A 683 28.78 20.31 3.34
C LYS A 683 28.25 20.58 4.77
N ASP A 684 27.59 19.57 5.35
CA ASP A 684 27.08 19.67 6.73
C ASP A 684 28.13 19.38 7.82
N ARG A 685 29.33 18.96 7.42
CA ARG A 685 30.42 18.55 8.34
C ARG A 685 29.99 17.39 9.23
N LYS A 686 29.40 16.36 8.61
CA LYS A 686 28.93 15.18 9.32
C LYS A 686 29.90 13.99 9.20
N GLY A 687 31.19 14.30 9.04
CA GLY A 687 32.26 13.29 9.00
C GLY A 687 31.94 12.02 8.23
N PRO A 688 31.82 12.11 6.89
CA PRO A 688 31.44 10.95 6.08
C PRO A 688 32.60 9.97 5.84
N TRP A 689 32.30 8.67 5.91
CA TRP A 689 33.25 7.59 5.61
C TRP A 689 32.71 6.71 4.47
N VAL A 690 33.63 6.17 3.67
CA VAL A 690 33.27 5.31 2.52
C VAL A 690 34.14 4.05 2.52
N PHE A 691 33.58 2.96 2.00
CA PHE A 691 34.20 1.62 2.05
C PHE A 691 34.86 1.20 0.73
N ASP A 692 34.23 1.55 -0.41
CA ASP A 692 34.81 1.33 -1.74
C ASP A 692 34.34 2.45 -2.69
N LEU A 693 35.09 3.54 -2.72
CA LEU A 693 34.73 4.73 -3.50
C LEU A 693 34.94 4.54 -5.00
N GLU A 694 36.05 3.89 -5.36
CA GLU A 694 36.34 3.60 -6.77
C GLU A 694 35.23 2.78 -7.44
N GLY A 695 34.79 1.74 -6.75
CA GLY A 695 33.68 0.90 -7.21
C GLY A 695 32.33 1.60 -7.21
N MET A 696 32.15 2.58 -6.32
CA MET A 696 30.95 3.44 -6.33
C MET A 696 30.98 4.35 -7.56
N TYR A 697 32.13 5.00 -7.78
CA TYR A 697 32.38 5.78 -9.01
C TYR A 697 32.14 4.95 -10.28
N SER A 698 32.69 3.74 -10.30
CA SER A 698 32.54 2.81 -11.42
C SER A 698 31.07 2.66 -11.87
N GLY A 699 30.17 2.52 -10.91
CA GLY A 699 28.73 2.47 -11.16
C GLY A 699 28.17 3.74 -11.80
N ILE A 700 28.71 4.90 -11.41
CA ILE A 700 28.27 6.19 -11.95
C ILE A 700 28.81 6.40 -13.36
N GLU A 701 30.11 6.15 -13.54
CA GLU A 701 30.80 6.47 -14.80
C GLU A 701 30.40 5.60 -15.99
N GLU A 702 30.03 4.34 -15.75
CA GLU A 702 29.61 3.43 -16.83
C GLU A 702 28.30 3.83 -17.54
N CYS A 703 27.44 4.59 -16.84
CA CYS A 703 26.18 5.07 -17.40
C CYS A 703 26.32 6.24 -18.38
N ILE A 704 27.49 6.89 -18.41
CA ILE A 704 27.74 8.02 -19.31
C ILE A 704 28.34 7.49 -20.63
N SER A 705 27.51 7.44 -21.67
CA SER A 705 27.94 6.96 -22.99
C SER A 705 27.57 7.96 -24.09
N ASN A 706 26.32 7.91 -24.58
CA ASN A 706 25.86 8.81 -25.66
C ASN A 706 24.51 9.51 -25.41
N ASN A 707 24.06 9.59 -24.16
CA ASN A 707 22.88 10.39 -23.83
C ASN A 707 23.35 11.82 -23.55
N PRO A 708 22.79 12.81 -24.29
CA PRO A 708 23.21 14.22 -24.13
C PRO A 708 23.04 14.77 -22.71
N TRP A 709 21.86 14.57 -22.13
CA TRP A 709 21.56 15.09 -20.80
C TRP A 709 22.39 14.42 -19.70
N VAL A 710 22.78 13.16 -19.91
CA VAL A 710 23.71 12.46 -19.01
C VAL A 710 25.13 13.05 -19.15
N ILE A 711 25.56 13.26 -20.39
CA ILE A 711 26.91 13.78 -20.66
C ILE A 711 27.06 15.23 -20.18
N GLN A 712 26.04 16.07 -20.40
CA GLN A 712 26.09 17.47 -19.94
C GLN A 712 25.95 17.59 -18.41
N SER A 713 25.13 16.72 -17.82
CA SER A 713 24.98 16.67 -16.36
C SER A 713 26.23 16.11 -15.65
N ALA A 714 27.05 15.35 -16.35
CA ALA A 714 28.36 14.92 -15.83
C ALA A 714 29.34 16.11 -15.76
N TYR A 715 29.27 16.99 -16.76
CA TYR A 715 30.03 18.25 -16.78
C TYR A 715 29.50 19.20 -15.69
N TRP A 716 28.19 19.49 -15.75
CA TRP A 716 27.52 20.33 -14.73
C TRP A 716 27.74 19.89 -13.28
N PHE A 717 27.83 18.57 -13.08
CA PHE A 717 28.21 18.01 -11.78
C PHE A 717 29.63 18.45 -11.42
N ASN A 718 30.56 18.30 -12.36
CA ASN A 718 31.97 18.63 -12.12
C ASN A 718 32.23 20.14 -12.00
N GLU A 719 31.39 20.97 -12.61
CA GLU A 719 31.48 22.42 -12.41
C GLU A 719 31.04 22.80 -10.99
N TRP A 720 29.83 22.37 -10.63
CA TRP A 720 29.26 22.57 -9.29
C TRP A 720 30.16 22.03 -8.17
N LEU A 721 30.64 20.80 -8.38
CA LEU A 721 31.61 20.17 -7.49
C LEU A 721 32.81 21.07 -7.23
N GLY A 722 33.34 21.66 -8.30
CA GLY A 722 34.47 22.60 -8.20
C GLY A 722 34.20 23.84 -7.37
N PHE A 723 32.98 24.37 -7.45
CA PHE A 723 32.57 25.54 -6.66
C PHE A 723 32.31 25.16 -5.20
N GLU A 724 31.55 24.08 -4.98
CA GLU A 724 31.31 23.57 -3.62
C GLU A 724 32.58 23.02 -2.93
N LYS A 725 33.58 22.66 -3.72
CA LYS A 725 34.87 22.20 -3.20
C LYS A 725 35.70 23.37 -2.66
N GLU A 726 35.77 24.47 -3.40
CA GLU A 726 36.55 25.64 -2.98
C GLU A 726 35.84 26.49 -1.92
N GLY A 727 34.51 26.48 -1.90
CA GLY A 727 33.76 27.16 -0.85
C GLY A 727 33.97 26.52 0.52
N SER A 728 33.64 25.23 0.61
CA SER A 728 33.64 24.49 1.88
C SER A 728 35.02 24.19 2.44
N LYS A 729 35.98 23.83 1.57
CA LYS A 729 37.33 23.44 2.01
C LYS A 729 38.19 24.63 2.50
N VAL A 730 37.78 25.86 2.17
CA VAL A 730 38.48 27.07 2.62
C VAL A 730 37.86 27.63 3.90
N LEU A 731 36.56 27.94 3.86
CA LEU A 731 35.88 28.61 5.00
C LEU A 731 35.74 27.70 6.22
N GLU A 732 35.20 26.50 6.01
CA GLU A 732 34.86 25.58 7.10
C GLU A 732 36.06 24.80 7.65
N SER A 733 37.19 24.81 6.94
CA SER A 733 38.41 24.14 7.39
C SER A 733 39.01 24.81 8.63
N VAL A 734 39.13 26.14 8.59
CA VAL A 734 39.64 26.93 9.71
C VAL A 734 38.55 27.91 10.16
N ASP A 735 38.03 27.70 11.37
CA ASP A 735 37.06 28.62 11.98
C ASP A 735 37.19 28.61 13.51
N GLU A 736 36.83 27.50 14.15
CA GLU A 736 37.07 27.30 15.59
C GLU A 736 38.43 26.64 15.80
N ILE A 737 39.50 27.43 15.64
CA ILE A 737 40.88 26.97 15.84
C ILE A 737 41.65 28.05 16.61
N GLY B 9 29.47 34.32 -22.63
CA GLY B 9 28.03 34.12 -22.31
C GLY B 9 27.77 33.63 -20.89
N MET B 10 26.51 33.31 -20.60
CA MET B 10 26.07 32.86 -19.28
C MET B 10 25.61 31.40 -19.33
N ASN B 11 26.34 30.52 -18.65
CA ASN B 11 26.05 29.08 -18.62
C ASN B 11 25.18 28.73 -17.41
N ILE B 12 23.90 28.43 -17.65
CA ILE B 12 22.97 28.01 -16.60
C ILE B 12 23.31 26.57 -16.18
N ASN B 13 23.37 26.35 -14.87
CA ASN B 13 23.66 25.05 -14.28
C ASN B 13 22.52 24.70 -13.32
N PRO B 14 21.87 23.53 -13.50
CA PRO B 14 20.81 23.12 -12.56
C PRO B 14 21.33 22.67 -11.19
N TYR B 15 22.52 22.06 -11.16
CA TYR B 15 23.17 21.64 -9.90
C TYR B 15 23.47 22.80 -8.94
N PHE B 16 23.55 24.03 -9.46
CA PHE B 16 23.76 25.23 -8.63
C PHE B 16 22.60 25.58 -7.68
N LEU B 17 21.43 24.94 -7.83
CA LEU B 17 20.37 25.02 -6.80
C LEU B 17 20.85 24.43 -5.47
N PHE B 18 21.67 23.37 -5.56
CA PHE B 18 22.21 22.70 -4.36
C PHE B 18 23.14 23.55 -3.49
N ILE B 19 23.55 24.73 -3.97
CA ILE B 19 24.13 25.76 -3.10
C ILE B 19 23.03 26.27 -2.16
N ASP B 20 21.90 26.69 -2.73
CA ASP B 20 20.81 27.30 -1.97
C ASP B 20 19.99 26.31 -1.16
N VAL B 21 19.82 25.09 -1.68
CA VAL B 21 18.98 24.07 -1.03
C VAL B 21 19.80 22.77 -0.89
N PRO B 22 19.87 22.19 0.33
CA PRO B 22 20.66 20.96 0.50
C PRO B 22 20.02 19.74 -0.18
N ILE B 23 20.85 18.77 -0.56
CA ILE B 23 20.47 17.64 -1.43
C ILE B 23 19.15 16.97 -0.98
N GLN B 24 19.05 16.67 0.32
CA GLN B 24 17.88 16.01 0.88
C GLN B 24 16.60 16.86 0.79
N ALA B 25 16.73 18.18 0.88
CA ALA B 25 15.55 19.07 0.82
C ALA B 25 14.89 19.05 -0.56
N ALA B 26 15.72 19.12 -1.61
CA ALA B 26 15.25 19.08 -2.99
C ALA B 26 15.65 17.76 -3.68
N ILE B 27 15.43 16.64 -2.99
CA ILE B 27 15.76 15.32 -3.53
C ILE B 27 14.82 14.95 -4.69
N SER B 28 13.57 15.42 -4.64
CA SER B 28 12.60 15.24 -5.74
C SER B 28 13.17 15.53 -7.14
N THR B 29 14.06 16.52 -7.22
CA THR B 29 14.70 16.89 -8.49
C THR B 29 15.85 15.96 -8.97
N THR B 30 16.19 14.94 -8.18
CA THR B 30 17.16 13.91 -8.62
C THR B 30 16.49 12.65 -9.17
N PHE B 31 15.16 12.63 -9.24
CA PHE B 31 14.40 11.47 -9.74
C PHE B 31 13.74 11.79 -11.09
N PRO B 32 14.20 11.14 -12.19
CA PRO B 32 13.67 11.43 -13.54
C PRO B 32 12.41 10.61 -13.86
N TYR B 33 11.34 10.87 -13.13
CA TYR B 33 10.14 10.03 -13.17
C TYR B 33 9.08 10.54 -14.16
N THR B 34 9.28 11.73 -14.71
CA THR B 34 8.56 12.18 -15.91
C THR B 34 9.02 11.42 -17.14
N GLY B 35 10.25 10.91 -17.12
CA GLY B 35 10.81 10.11 -18.20
C GLY B 35 10.29 8.69 -18.31
N VAL B 36 10.89 7.94 -19.23
CA VAL B 36 10.44 6.61 -19.60
C VAL B 36 11.30 5.57 -18.86
N PRO B 37 10.66 4.54 -18.28
CA PRO B 37 11.44 3.53 -17.57
C PRO B 37 12.09 2.54 -18.54
N PRO B 38 13.16 1.85 -18.11
CA PRO B 38 13.80 0.89 -19.00
C PRO B 38 13.00 -0.40 -19.11
N TYR B 39 12.85 -0.88 -20.35
CA TYR B 39 12.16 -2.14 -20.64
C TYR B 39 13.15 -3.14 -21.23
N SER B 40 12.81 -4.42 -21.12
CA SER B 40 13.59 -5.49 -21.74
C SER B 40 13.14 -5.69 -23.17
N HIS B 41 14.02 -6.26 -23.98
CA HIS B 41 13.71 -6.64 -25.36
C HIS B 41 14.16 -8.08 -25.58
N GLY B 42 13.33 -8.87 -26.25
CA GLY B 42 13.69 -10.24 -26.64
C GLY B 42 13.75 -11.23 -25.48
N THR B 43 14.62 -12.23 -25.62
CA THR B 43 14.77 -13.31 -24.63
C THR B 43 15.45 -12.86 -23.34
N GLY B 44 15.24 -13.66 -22.29
CA GLY B 44 15.93 -13.49 -21.00
C GLY B 44 16.70 -14.74 -20.59
N THR B 45 17.18 -15.48 -21.59
CA THR B 45 17.92 -16.71 -21.36
C THR B 45 19.34 -16.41 -20.87
N GLY B 46 20.00 -15.48 -21.56
CA GLY B 46 21.34 -15.01 -21.16
C GLY B 46 21.35 -14.31 -19.82
N TYR B 47 20.29 -13.56 -19.53
CA TYR B 47 20.08 -12.94 -18.22
C TYR B 47 19.93 -13.97 -17.10
N THR B 48 19.13 -15.02 -17.36
CA THR B 48 18.92 -16.11 -16.41
C THR B 48 20.22 -16.91 -16.19
N ILE B 49 20.80 -17.38 -17.30
CA ILE B 49 22.06 -18.15 -17.28
C ILE B 49 23.15 -17.39 -16.51
N ASP B 50 23.22 -16.07 -16.70
CA ASP B 50 24.14 -15.23 -15.93
C ASP B 50 23.86 -15.31 -14.42
N THR B 51 22.58 -15.32 -14.02
CA THR B 51 22.21 -15.54 -12.61
C THR B 51 22.61 -16.93 -12.14
N VAL B 52 22.35 -17.94 -12.97
CA VAL B 52 22.72 -19.33 -12.65
C VAL B 52 24.23 -19.48 -12.45
N ILE B 53 25.03 -18.85 -13.33
CA ILE B 53 26.49 -18.88 -13.21
C ILE B 53 26.95 -18.18 -11.93
N ARG B 54 26.46 -16.97 -11.72
CA ARG B 54 26.80 -16.17 -10.52
C ARG B 54 26.42 -16.88 -9.22
N THR B 55 25.21 -17.45 -9.16
CA THR B 55 24.75 -18.20 -7.97
C THR B 55 25.70 -19.35 -7.62
N HIS B 56 26.08 -20.13 -8.64
CA HIS B 56 27.02 -21.25 -8.45
C HIS B 56 28.48 -20.80 -8.27
N GLU B 57 28.82 -19.61 -8.75
CA GLU B 57 30.16 -19.01 -8.53
C GLU B 57 30.43 -18.72 -7.05
N TYR B 58 29.38 -18.33 -6.32
CA TYR B 58 29.49 -18.00 -4.89
C TYR B 58 29.48 -19.24 -3.97
N SER B 59 29.08 -20.39 -4.51
CA SER B 59 29.01 -21.65 -3.75
C SER B 59 30.00 -22.75 -4.19
N ASN B 60 30.70 -22.55 -5.32
CA ASN B 60 31.52 -23.61 -5.95
C ASN B 60 32.62 -24.24 -5.08
N LYS B 61 33.07 -23.53 -4.04
CA LYS B 61 34.06 -24.07 -3.09
C LYS B 61 33.42 -24.93 -1.98
N GLY B 62 32.09 -25.03 -1.95
CA GLY B 62 31.39 -25.89 -0.99
C GLY B 62 31.35 -27.36 -1.38
N LYS B 63 30.28 -28.04 -0.99
CA LYS B 63 30.10 -29.48 -1.25
C LYS B 63 29.23 -29.69 -2.49
N GLN B 64 29.83 -30.19 -3.58
CA GLN B 64 29.09 -30.54 -4.80
C GLN B 64 28.69 -32.01 -4.76
N TYR B 65 27.42 -32.29 -5.05
CA TYR B 65 26.91 -33.66 -5.10
C TYR B 65 25.78 -33.84 -6.11
N ILE B 66 25.41 -35.09 -6.36
CA ILE B 66 24.40 -35.46 -7.34
C ILE B 66 23.15 -35.95 -6.60
N SER B 67 22.01 -35.32 -6.87
CA SER B 67 20.73 -35.70 -6.27
C SER B 67 20.25 -37.02 -6.86
N ASP B 68 20.07 -38.04 -6.03
CA ASP B 68 19.56 -39.35 -6.48
C ASP B 68 18.06 -39.33 -6.83
N VAL B 69 17.32 -38.32 -6.34
CA VAL B 69 15.89 -38.19 -6.63
C VAL B 69 15.69 -37.69 -8.05
N THR B 70 16.24 -36.51 -8.34
CA THR B 70 16.07 -35.86 -9.64
C THR B 70 17.11 -36.30 -10.68
N GLY B 71 18.34 -36.53 -10.23
CA GLY B 71 19.48 -36.78 -11.13
C GLY B 71 20.18 -35.50 -11.56
N CYS B 72 20.10 -34.47 -10.72
CA CYS B 72 20.61 -33.13 -11.03
C CYS B 72 21.94 -32.87 -10.33
N THR B 73 22.62 -31.80 -10.76
CA THR B 73 23.88 -31.35 -10.15
C THR B 73 23.59 -30.33 -9.06
N MET B 74 23.91 -30.69 -7.81
CA MET B 74 23.60 -29.86 -6.63
C MET B 74 24.88 -29.38 -5.96
N VAL B 75 24.86 -28.15 -5.46
CA VAL B 75 25.97 -27.56 -4.71
C VAL B 75 25.46 -27.08 -3.34
N ASP B 76 26.31 -27.20 -2.32
CA ASP B 76 25.96 -26.87 -0.93
C ASP B 76 27.07 -26.07 -0.26
N PRO B 77 26.85 -24.75 -0.04
CA PRO B 77 27.83 -23.89 0.64
C PRO B 77 27.71 -23.84 2.17
N THR B 78 26.55 -24.24 2.73
CA THR B 78 26.31 -24.10 4.17
C THR B 78 27.27 -24.96 4.99
N ASN B 79 27.77 -24.40 6.09
CA ASN B 79 28.86 -24.96 6.89
C ASN B 79 30.08 -25.28 6.02
N GLY B 80 30.43 -24.35 5.12
CA GLY B 80 31.58 -24.49 4.23
C GLY B 80 32.75 -23.67 4.73
N PRO B 81 33.86 -23.66 3.96
CA PRO B 81 35.04 -22.87 4.34
C PRO B 81 34.79 -21.37 4.22
N LEU B 82 35.27 -20.60 5.20
CA LEU B 82 35.05 -19.15 5.23
C LEU B 82 35.85 -18.45 4.14
N PRO B 83 35.34 -17.30 3.64
CA PRO B 83 36.02 -16.62 2.55
C PRO B 83 37.30 -15.91 2.98
N GLU B 84 38.23 -15.78 2.04
CA GLU B 84 39.46 -15.01 2.23
C GLU B 84 39.52 -13.88 1.20
N ASP B 85 38.36 -13.25 0.96
CA ASP B 85 38.22 -12.16 0.01
C ASP B 85 36.89 -11.42 0.21
N ASN B 86 36.75 -10.27 -0.43
CA ASN B 86 35.53 -9.45 -0.33
C ASN B 86 34.47 -9.79 -1.40
N GLU B 87 34.64 -10.91 -2.10
CA GLU B 87 33.66 -11.38 -3.09
C GLU B 87 32.42 -11.90 -2.36
N PRO B 88 31.25 -11.90 -3.02
CA PRO B 88 30.02 -12.41 -2.37
C PRO B 88 30.11 -13.88 -1.91
N SER B 89 30.15 -14.08 -0.60
CA SER B 89 30.21 -15.40 0.02
C SER B 89 28.81 -15.91 0.33
N ALA B 90 28.49 -17.12 -0.16
CA ALA B 90 27.27 -17.84 0.21
C ALA B 90 27.51 -18.86 1.34
N TYR B 91 28.73 -18.86 1.91
CA TYR B 91 29.13 -19.86 2.89
C TYR B 91 28.72 -19.41 4.30
N ALA B 92 27.43 -19.60 4.58
CA ALA B 92 26.83 -19.22 5.86
C ALA B 92 26.92 -20.37 6.85
N GLN B 93 27.44 -20.09 8.05
CA GLN B 93 27.68 -21.12 9.07
C GLN B 93 26.47 -21.27 10.01
N LEU B 94 25.87 -22.46 9.99
CA LEU B 94 24.63 -22.79 10.72
C LEU B 94 24.63 -22.35 12.18
N ASP B 95 25.70 -22.69 12.90
CA ASP B 95 25.84 -22.39 14.34
C ASP B 95 25.67 -20.89 14.63
N CYS B 96 26.31 -20.06 13.80
CA CYS B 96 26.20 -18.61 13.91
C CYS B 96 24.78 -18.10 13.65
N VAL B 97 24.08 -18.74 12.71
CA VAL B 97 22.68 -18.41 12.41
C VAL B 97 21.79 -18.82 13.59
N LEU B 98 22.04 -20.00 14.14
CA LEU B 98 21.30 -20.47 15.32
C LEU B 98 21.55 -19.60 16.55
N GLU B 99 22.80 -19.20 16.78
CA GLU B 99 23.13 -18.30 17.88
C GLU B 99 22.49 -16.92 17.72
N ALA B 100 22.47 -16.42 16.48
CA ALA B 100 21.78 -15.15 16.16
C ALA B 100 20.28 -15.24 16.46
N LEU B 101 19.68 -16.37 16.14
CA LEU B 101 18.27 -16.63 16.47
C LEU B 101 18.05 -16.78 17.99
N ASP B 102 18.92 -17.53 18.67
CA ASP B 102 18.86 -17.68 20.13
C ASP B 102 18.85 -16.35 20.87
N ARG B 103 19.74 -15.45 20.45
CA ARG B 103 19.80 -14.07 20.99
C ARG B 103 18.48 -13.32 20.75
N MET B 104 17.93 -13.47 19.56
CA MET B 104 16.64 -12.85 19.20
C MET B 104 15.48 -13.43 20.02
N ASP B 105 15.55 -14.72 20.32
CA ASP B 105 14.58 -15.38 21.21
C ASP B 105 14.71 -14.88 22.64
N GLU B 106 15.94 -14.62 23.09
CA GLU B 106 16.16 -14.01 24.41
C GLU B 106 15.67 -12.56 24.46
N GLU B 107 16.03 -11.76 23.45
CA GLU B 107 15.63 -10.34 23.40
C GLU B 107 14.12 -10.18 23.16
N HIS B 108 13.51 -11.12 22.44
CA HIS B 108 12.06 -11.15 22.22
C HIS B 108 11.52 -12.53 22.66
N PRO B 109 11.27 -12.71 23.97
CA PRO B 109 10.87 -13.99 24.54
C PRO B 109 9.38 -14.30 24.36
N GLY B 110 9.07 -15.59 24.19
CA GLY B 110 7.70 -16.05 23.97
C GLY B 110 7.08 -15.66 22.63
N LEU B 111 7.91 -15.19 21.70
CA LEU B 111 7.46 -14.69 20.41
C LEU B 111 7.38 -15.83 19.39
N PHE B 112 8.41 -16.67 19.36
CA PHE B 112 8.56 -17.73 18.35
C PHE B 112 7.40 -18.72 18.43
N GLN B 113 7.16 -19.27 19.62
CA GLN B 113 6.06 -20.21 19.85
C GLN B 113 4.67 -19.59 19.69
N ALA B 114 4.54 -18.29 20.00
CA ALA B 114 3.27 -17.56 19.84
C ALA B 114 2.96 -17.32 18.36
N ALA B 115 3.97 -16.87 17.62
CA ALA B 115 3.87 -16.69 16.16
C ALA B 115 3.68 -18.02 15.44
N SER B 116 4.36 -19.06 15.92
CA SER B 116 4.17 -20.43 15.40
C SER B 116 2.74 -20.93 15.65
N GLN B 117 2.17 -20.58 16.81
CA GLN B 117 0.75 -20.83 17.09
C GLN B 117 -0.16 -20.03 16.17
N ASN B 118 0.07 -18.72 16.08
CA ASN B 118 -0.73 -17.81 15.24
C ASN B 118 -0.87 -18.32 13.80
N ALA B 119 0.27 -18.66 13.20
CA ALA B 119 0.31 -19.18 11.82
C ALA B 119 -0.36 -20.54 11.70
N MET B 120 -0.19 -21.40 12.71
CA MET B 120 -0.80 -22.73 12.72
C MET B 120 -2.33 -22.63 12.81
N GLU B 121 -2.82 -21.78 13.71
CA GLU B 121 -4.27 -21.53 13.84
C GLU B 121 -4.87 -20.84 12.62
N THR B 122 -4.06 -20.06 11.90
CA THR B 122 -4.46 -19.52 10.60
C THR B 122 -4.62 -20.66 9.57
N LEU B 123 -3.58 -21.48 9.44
CA LEU B 123 -3.53 -22.60 8.49
C LEU B 123 -4.84 -23.41 8.47
N MET B 124 -5.36 -23.75 9.65
CA MET B 124 -6.62 -24.50 9.77
C MET B 124 -7.80 -23.80 9.12
N VAL B 125 -7.89 -22.48 9.25
CA VAL B 125 -9.00 -21.70 8.70
C VAL B 125 -8.83 -21.44 7.18
N THR B 126 -7.57 -21.45 6.71
CA THR B 126 -7.26 -21.11 5.31
C THR B 126 -7.79 -22.15 4.32
N THR B 127 -8.58 -21.66 3.35
CA THR B 127 -9.24 -22.49 2.34
C THR B 127 -8.32 -22.75 1.14
N VAL B 128 -8.81 -23.54 0.18
CA VAL B 128 -8.04 -23.87 -1.04
C VAL B 128 -8.01 -22.68 -2.01
N ASP B 129 -9.13 -21.95 -2.07
CA ASP B 129 -9.24 -20.75 -2.92
C ASP B 129 -8.19 -19.65 -2.67
N LYS B 130 -7.61 -19.61 -1.47
CA LYS B 130 -6.49 -18.71 -1.12
C LYS B 130 -5.36 -18.69 -2.18
N LEU B 131 -5.14 -19.83 -2.84
CA LEU B 131 -4.16 -19.93 -3.94
C LEU B 131 -4.51 -19.13 -5.21
N THR B 132 -5.76 -18.72 -5.39
CA THR B 132 -6.19 -18.01 -6.61
C THR B 132 -5.66 -16.58 -6.76
N GLN B 133 -5.17 -15.97 -5.67
CA GLN B 133 -4.67 -14.59 -5.70
C GLN B 133 -3.14 -14.48 -5.87
N GLY B 134 -2.54 -15.43 -6.60
CA GLY B 134 -1.09 -15.43 -6.86
C GLY B 134 -0.67 -14.96 -8.24
N ARG B 135 -1.46 -14.07 -8.86
CA ARG B 135 -1.16 -13.47 -10.18
C ARG B 135 -0.91 -14.53 -11.26
N GLN B 136 0.17 -14.42 -12.05
CA GLN B 136 0.56 -15.45 -13.00
C GLN B 136 1.41 -16.50 -12.30
N THR B 137 0.96 -17.77 -12.37
CA THR B 137 1.64 -18.91 -11.75
C THR B 137 2.01 -19.93 -12.84
N PHE B 138 3.09 -20.66 -12.60
CA PHE B 138 3.56 -21.69 -13.53
C PHE B 138 2.66 -22.93 -13.45
N ASP B 139 1.99 -23.26 -14.56
CA ASP B 139 1.17 -24.47 -14.65
C ASP B 139 2.03 -25.63 -15.17
N TRP B 140 2.32 -26.57 -14.27
CA TRP B 140 3.13 -27.76 -14.58
C TRP B 140 2.53 -28.70 -15.66
N THR B 141 1.21 -28.66 -15.84
CA THR B 141 0.54 -29.51 -16.83
C THR B 141 0.86 -29.10 -18.27
N VAL B 142 0.84 -27.79 -18.53
CA VAL B 142 1.10 -27.24 -19.88
C VAL B 142 2.44 -26.50 -20.03
N CYS B 143 3.19 -26.35 -18.94
CA CYS B 143 4.51 -25.67 -18.93
C CYS B 143 4.46 -24.20 -19.38
N ARG B 144 3.38 -23.51 -19.02
CA ARG B 144 3.20 -22.09 -19.34
C ARG B 144 2.81 -21.35 -18.07
N ASN B 145 3.22 -20.09 -17.96
CA ASN B 145 2.77 -19.22 -16.87
C ASN B 145 1.33 -18.80 -17.15
N GLN B 146 0.39 -19.41 -16.43
CA GLN B 146 -1.05 -19.15 -16.59
C GLN B 146 -1.61 -18.38 -15.39
N PRO B 147 -2.86 -17.86 -15.49
CA PRO B 147 -3.49 -17.23 -14.32
C PRO B 147 -3.65 -18.18 -13.13
N ALA B 148 -3.29 -17.72 -11.94
CA ALA B 148 -3.31 -18.53 -10.71
C ALA B 148 -4.62 -19.30 -10.50
N ALA B 149 -5.75 -18.66 -10.83
CA ALA B 149 -7.06 -19.27 -10.74
C ALA B 149 -7.21 -20.47 -11.68
N THR B 150 -6.68 -20.35 -12.89
CA THR B 150 -6.72 -21.45 -13.87
C THR B 150 -5.69 -22.53 -13.50
N ALA B 151 -4.44 -22.10 -13.27
CA ALA B 151 -3.34 -22.99 -12.89
C ALA B 151 -3.65 -23.90 -11.69
N LEU B 152 -4.45 -23.37 -10.77
CA LEU B 152 -5.00 -24.16 -9.67
C LEU B 152 -6.02 -25.17 -10.22
N ASN B 153 -7.02 -24.69 -10.96
CA ASN B 153 -8.12 -25.53 -11.46
C ASN B 153 -7.63 -26.69 -12.34
N THR B 154 -6.60 -26.43 -13.13
CA THR B 154 -5.93 -27.49 -13.91
C THR B 154 -5.27 -28.52 -13.00
N THR B 155 -4.68 -28.06 -11.90
CA THR B 155 -4.02 -28.93 -10.92
C THR B 155 -5.00 -29.74 -10.07
N ILE B 156 -6.16 -29.16 -9.73
CA ILE B 156 -7.19 -29.89 -8.97
C ILE B 156 -7.81 -31.00 -9.82
N THR B 157 -8.13 -30.70 -11.09
CA THR B 157 -8.74 -31.67 -12.01
C THR B 157 -7.79 -32.81 -12.39
N SER B 158 -6.50 -32.50 -12.53
CA SER B 158 -5.47 -33.51 -12.82
C SER B 158 -5.25 -34.45 -11.64
N PHE B 159 -5.27 -33.91 -10.42
CA PHE B 159 -5.14 -34.69 -9.18
C PHE B 159 -6.27 -35.71 -9.03
N ARG B 160 -7.51 -35.28 -9.29
CA ARG B 160 -8.69 -36.15 -9.27
C ARG B 160 -8.55 -37.43 -10.11
N LEU B 161 -7.85 -37.32 -11.25
CA LEU B 161 -7.55 -38.48 -12.10
C LEU B 161 -6.58 -39.46 -11.43
N ASN B 162 -5.66 -38.96 -10.59
CA ASN B 162 -4.71 -39.80 -9.86
C ASN B 162 -5.15 -40.15 -8.43
N ASP B 163 -6.46 -40.06 -8.17
CA ASP B 163 -7.06 -40.43 -6.88
C ASP B 163 -6.55 -39.52 -5.75
N LEU B 164 -6.71 -38.21 -5.95
CA LEU B 164 -6.29 -37.19 -4.98
C LEU B 164 -7.35 -36.08 -4.88
N ASN B 165 -8.27 -36.23 -3.93
CA ASN B 165 -9.44 -35.34 -3.79
C ASN B 165 -9.38 -34.44 -2.56
N GLY B 166 -8.16 -34.06 -2.15
CA GLY B 166 -7.95 -33.25 -0.94
C GLY B 166 -8.63 -31.89 -1.00
N ALA B 167 -8.64 -31.29 -2.19
CA ALA B 167 -9.33 -30.03 -2.44
C ALA B 167 -10.84 -30.08 -2.15
N ASP B 168 -11.46 -31.24 -2.34
CA ASP B 168 -12.90 -31.41 -2.09
C ASP B 168 -13.30 -31.17 -0.64
N LYS B 169 -12.37 -31.43 0.29
CA LYS B 169 -12.61 -31.16 1.73
C LYS B 169 -12.73 -29.67 2.08
N GLY B 170 -12.16 -28.80 1.25
CA GLY B 170 -12.28 -27.35 1.43
C GLY B 170 -11.12 -26.69 2.15
N GLY B 171 -10.42 -27.43 3.01
CA GLY B 171 -9.24 -26.92 3.70
C GLY B 171 -7.99 -26.99 2.84
N LEU B 172 -7.04 -26.11 3.13
CA LEU B 172 -5.73 -26.12 2.45
C LEU B 172 -4.87 -27.33 2.84
N ILE B 173 -5.00 -27.75 4.10
CA ILE B 173 -4.14 -28.79 4.69
C ILE B 173 -4.19 -30.12 3.92
N PRO B 174 -5.40 -30.60 3.55
CA PRO B 174 -5.45 -31.81 2.71
C PRO B 174 -4.91 -31.61 1.28
N PHE B 175 -5.14 -30.43 0.71
CA PHE B 175 -4.58 -30.12 -0.62
C PHE B 175 -3.06 -30.10 -0.58
N CYS B 176 -2.48 -29.57 0.50
CA CYS B 176 -1.03 -29.65 0.70
C CYS B 176 -0.53 -31.09 0.94
N GLN B 177 -1.33 -31.89 1.65
CA GLN B 177 -1.06 -33.33 1.81
C GLN B 177 -1.10 -34.07 0.46
N ASP B 178 -2.02 -33.68 -0.42
CA ASP B 178 -2.07 -34.24 -1.78
C ASP B 178 -0.84 -33.87 -2.62
N ILE B 179 -0.29 -32.68 -2.42
CA ILE B 179 0.90 -32.22 -3.15
C ILE B 179 2.15 -33.03 -2.79
N ILE B 180 2.38 -33.21 -1.48
CA ILE B 180 3.51 -34.06 -1.02
C ILE B 180 3.33 -35.55 -1.39
N ASP B 181 2.09 -36.02 -1.43
CA ASP B 181 1.77 -37.39 -1.87
C ASP B 181 1.81 -37.57 -3.39
N SER B 182 1.58 -36.51 -4.16
CA SER B 182 1.62 -36.59 -5.63
C SER B 182 3.01 -36.85 -6.19
N LEU B 183 4.05 -36.54 -5.43
CA LEU B 183 5.43 -36.92 -5.76
C LEU B 183 5.60 -38.45 -5.79
N ASP B 184 4.92 -39.14 -4.88
CA ASP B 184 5.01 -40.61 -4.75
C ASP B 184 4.31 -41.37 -5.87
N ARG B 185 3.32 -40.77 -6.53
CA ARG B 185 2.57 -41.43 -7.61
C ARG B 185 3.50 -41.70 -8.80
N PRO B 186 3.60 -42.96 -9.25
CA PRO B 186 4.60 -43.32 -10.28
C PRO B 186 4.31 -42.71 -11.66
N GLU B 187 3.07 -42.77 -12.11
CA GLU B 187 2.63 -42.15 -13.37
C GLU B 187 1.57 -41.10 -13.09
N MET B 188 1.91 -39.83 -13.32
CA MET B 188 0.96 -38.72 -13.13
C MET B 188 0.22 -38.42 -14.43
N THR B 189 -1.05 -38.79 -14.46
CA THR B 189 -1.94 -38.51 -15.58
C THR B 189 -2.49 -37.09 -15.48
N PHE B 190 -2.77 -36.49 -16.64
CA PHE B 190 -3.34 -35.14 -16.73
C PHE B 190 -4.02 -34.93 -18.08
N PHE B 191 -4.81 -33.87 -18.18
CA PHE B 191 -5.56 -33.58 -19.41
C PHE B 191 -4.77 -32.78 -20.43
N SER B 192 -5.06 -33.04 -21.70
CA SER B 192 -4.56 -32.29 -22.84
C SER B 192 -5.65 -32.35 -23.92
N VAL B 193 -6.07 -31.19 -24.42
CA VAL B 193 -7.25 -31.08 -25.28
C VAL B 193 -6.86 -31.16 -26.75
N LYS B 194 -7.60 -31.96 -27.52
CA LYS B 194 -7.34 -32.17 -28.96
C LYS B 194 -8.64 -32.12 -29.74
N ASN B 195 -8.57 -31.62 -30.97
CA ASN B 195 -9.76 -31.31 -31.77
C ASN B 195 -10.20 -32.45 -32.68
N ILE B 196 -11.52 -32.67 -32.75
CA ILE B 196 -12.15 -33.62 -33.67
C ILE B 196 -13.07 -32.83 -34.61
N LYS B 197 -12.96 -33.12 -35.90
CA LYS B 197 -13.82 -32.51 -36.92
C LYS B 197 -15.15 -33.27 -36.92
N LYS B 198 -16.28 -32.55 -36.91
CA LYS B 198 -17.60 -33.17 -37.00
C LYS B 198 -18.52 -32.45 -37.98
N LYS B 199 -19.24 -33.24 -38.78
CA LYS B 199 -20.27 -32.72 -39.67
C LYS B 199 -21.45 -32.25 -38.84
N LEU B 200 -21.86 -31.00 -39.04
CA LEU B 200 -23.10 -30.48 -38.45
C LEU B 200 -23.94 -29.88 -39.58
N PRO B 201 -25.25 -30.21 -39.62
CA PRO B 201 -26.09 -29.88 -40.78
C PRO B 201 -26.24 -28.38 -41.01
N ALA B 202 -26.33 -27.98 -42.28
CA ALA B 202 -26.37 -26.57 -42.65
C ALA B 202 -27.04 -26.36 -44.01
N LYS B 203 -27.28 -25.09 -44.33
CA LYS B 203 -27.85 -24.66 -45.62
C LYS B 203 -26.70 -24.20 -46.52
N ASN B 204 -25.74 -25.11 -46.71
CA ASN B 204 -24.38 -24.79 -47.13
C ASN B 204 -24.10 -25.32 -48.55
N ARG B 205 -25.07 -25.19 -49.45
CA ARG B 205 -25.04 -25.83 -50.78
C ARG B 205 -24.91 -27.36 -50.64
N LYS B 206 -23.73 -27.84 -50.25
CA LYS B 206 -23.55 -29.20 -49.76
C LYS B 206 -23.95 -29.17 -48.29
N GLY B 207 -25.13 -29.72 -47.98
CA GLY B 207 -25.82 -29.46 -46.71
C GLY B 207 -25.18 -29.97 -45.42
N PHE B 208 -24.06 -29.37 -45.05
CA PHE B 208 -23.35 -29.66 -43.80
C PHE B 208 -22.25 -28.62 -43.55
N LEU B 209 -21.55 -28.76 -42.43
CA LEU B 209 -20.38 -27.94 -42.12
C LEU B 209 -19.47 -28.65 -41.13
N ILE B 210 -18.16 -28.49 -41.34
CA ILE B 210 -17.14 -29.03 -40.43
C ILE B 210 -16.97 -28.04 -39.29
N LYS B 211 -17.04 -28.55 -38.05
CA LYS B 211 -16.77 -27.78 -36.84
C LYS B 211 -15.79 -28.57 -35.97
N ARG B 212 -14.64 -27.97 -35.67
CA ARG B 212 -13.62 -28.63 -34.84
C ARG B 212 -14.00 -28.59 -33.36
N ILE B 213 -14.71 -29.63 -32.92
CA ILE B 213 -15.11 -29.78 -31.51
C ILE B 213 -13.88 -30.25 -30.71
N PRO B 214 -13.51 -29.52 -29.65
CA PRO B 214 -12.43 -30.02 -28.78
C PRO B 214 -12.85 -31.21 -27.92
N MET B 215 -11.88 -32.07 -27.58
CA MET B 215 -12.09 -33.17 -26.64
C MET B 215 -10.83 -33.43 -25.82
N LYS B 216 -11.03 -33.75 -24.54
CA LYS B 216 -9.93 -33.90 -23.59
C LYS B 216 -9.36 -35.31 -23.66
N VAL B 217 -8.02 -35.40 -23.69
CA VAL B 217 -7.30 -36.66 -23.82
C VAL B 217 -6.40 -36.87 -22.60
N LYS B 218 -6.39 -38.08 -22.05
CA LYS B 218 -5.56 -38.41 -20.89
C LYS B 218 -4.11 -38.59 -21.32
N ASP B 219 -3.20 -37.91 -20.63
CA ASP B 219 -1.78 -37.86 -20.98
C ASP B 219 -0.93 -38.12 -19.74
N LYS B 220 0.06 -39.00 -19.84
CA LYS B 220 0.86 -39.45 -18.69
C LYS B 220 2.29 -38.91 -18.73
N ILE B 221 2.90 -38.82 -17.55
CA ILE B 221 4.34 -38.57 -17.41
C ILE B 221 4.90 -39.42 -16.27
N THR B 222 6.22 -39.62 -16.29
CA THR B 222 6.91 -40.42 -15.27
C THR B 222 7.01 -39.68 -13.93
N LYS B 223 7.35 -40.43 -12.90
CA LYS B 223 7.52 -39.91 -11.53
C LYS B 223 8.54 -38.77 -11.48
N VAL B 224 9.71 -39.03 -12.08
CA VAL B 224 10.84 -38.09 -12.07
C VAL B 224 10.50 -36.82 -12.85
N GLU B 225 9.91 -37.00 -14.05
CA GLU B 225 9.46 -35.87 -14.88
C GLU B 225 8.48 -34.98 -14.10
N TYR B 226 7.58 -35.59 -13.34
CA TYR B 226 6.65 -34.84 -12.48
C TYR B 226 7.36 -34.18 -11.30
N ILE B 227 8.31 -34.88 -10.69
CA ILE B 227 9.13 -34.30 -9.61
C ILE B 227 9.84 -33.03 -10.11
N LYS B 228 10.48 -33.13 -11.28
CA LYS B 228 11.18 -31.99 -11.89
C LYS B 228 10.24 -30.82 -12.24
N ARG B 229 9.07 -31.15 -12.80
CA ARG B 229 8.01 -30.17 -13.07
C ARG B 229 7.50 -29.49 -11.80
N ALA B 230 7.37 -30.28 -10.73
CA ALA B 230 7.00 -29.76 -9.41
C ALA B 230 8.09 -28.86 -8.83
N LEU B 231 9.35 -29.22 -9.09
CA LEU B 231 10.49 -28.37 -8.69
C LEU B 231 10.92 -27.29 -9.73
N SER B 232 10.06 -26.97 -10.70
CA SER B 232 10.40 -26.00 -11.76
C SER B 232 10.05 -24.54 -11.41
N LEU B 233 10.94 -23.62 -11.77
CA LEU B 233 10.71 -22.17 -11.66
C LEU B 233 10.91 -21.52 -13.04
N ASN B 234 9.85 -20.95 -13.59
CA ASN B 234 9.88 -20.35 -14.95
C ASN B 234 10.44 -18.93 -14.88
N THR B 235 11.45 -18.63 -15.71
CA THR B 235 12.18 -17.35 -15.64
C THR B 235 11.84 -16.35 -16.77
N MET B 236 11.75 -15.07 -16.39
CA MET B 236 11.49 -13.97 -17.32
C MET B 236 12.62 -12.93 -17.17
N THR B 237 12.38 -11.72 -17.68
CA THR B 237 13.20 -10.54 -17.35
C THR B 237 12.33 -9.49 -16.66
N LYS B 238 12.99 -8.60 -15.93
CA LYS B 238 12.31 -7.58 -15.11
C LYS B 238 12.09 -6.30 -15.92
N ASP B 239 10.85 -6.11 -16.41
CA ASP B 239 10.48 -4.92 -17.18
C ASP B 239 10.13 -3.74 -16.28
N ALA B 240 10.39 -2.54 -16.79
CA ALA B 240 9.96 -1.27 -16.15
C ALA B 240 10.52 -1.04 -14.74
N GLU B 241 11.70 -1.61 -14.45
CA GLU B 241 12.36 -1.43 -13.16
C GLU B 241 13.20 -0.17 -13.23
N ARG B 242 12.94 0.76 -12.34
CA ARG B 242 13.56 2.08 -12.38
C ARG B 242 15.01 2.05 -11.91
N GLY B 243 15.71 3.15 -12.13
CA GLY B 243 17.05 3.40 -11.57
C GLY B 243 18.10 2.32 -11.76
N LYS B 244 18.12 1.69 -12.94
CA LYS B 244 19.11 0.67 -13.26
C LYS B 244 19.48 0.71 -14.74
N LEU B 245 20.78 0.56 -15.02
CA LEU B 245 21.30 0.58 -16.39
C LEU B 245 20.99 -0.74 -17.08
N LYS B 246 21.58 -1.83 -16.59
CA LYS B 246 21.39 -3.16 -17.17
C LYS B 246 20.17 -3.83 -16.51
N ARG B 247 19.55 -4.75 -17.26
CA ARG B 247 18.32 -5.42 -16.83
C ARG B 247 18.66 -6.67 -16.03
N ARG B 248 17.69 -7.17 -15.26
CA ARG B 248 17.86 -8.41 -14.48
C ARG B 248 16.73 -9.40 -14.71
N ALA B 249 16.98 -10.65 -14.31
CA ALA B 249 16.04 -11.75 -14.45
C ALA B 249 15.19 -11.92 -13.19
N ILE B 250 13.98 -12.43 -13.39
CA ILE B 250 13.04 -12.75 -12.30
C ILE B 250 12.52 -14.17 -12.53
N ALA B 251 11.70 -14.68 -11.61
CA ALA B 251 11.17 -16.04 -11.72
C ALA B 251 9.75 -16.18 -11.16
N THR B 252 9.06 -17.22 -11.61
CA THR B 252 7.71 -17.57 -11.18
C THR B 252 7.70 -19.05 -10.85
N ALA B 253 7.21 -19.38 -9.66
CA ALA B 253 7.18 -20.77 -9.16
C ALA B 253 5.82 -21.42 -9.39
N GLY B 254 5.80 -22.75 -9.27
CA GLY B 254 4.61 -23.55 -9.55
C GLY B 254 3.60 -23.61 -8.42
N ILE B 255 2.41 -24.11 -8.74
CA ILE B 255 1.28 -24.19 -7.81
C ILE B 255 1.55 -25.05 -6.56
N GLN B 256 2.43 -26.05 -6.70
CA GLN B 256 2.78 -26.96 -5.61
C GLN B 256 3.41 -26.21 -4.44
N ILE B 257 4.52 -25.52 -4.72
CA ILE B 257 5.25 -24.76 -3.71
C ILE B 257 4.47 -23.56 -3.13
N ARG B 258 3.59 -22.96 -3.94
CA ARG B 258 2.81 -21.78 -3.55
C ARG B 258 2.07 -21.92 -2.22
N GLY B 259 1.45 -23.09 -2.01
CA GLY B 259 0.75 -23.39 -0.75
C GLY B 259 1.63 -23.36 0.48
N PHE B 260 2.85 -23.91 0.36
CA PHE B 260 3.79 -24.00 1.48
C PHE B 260 4.54 -22.70 1.76
N VAL B 261 4.68 -21.84 0.75
CA VAL B 261 5.34 -20.54 0.93
C VAL B 261 4.48 -19.62 1.81
N LEU B 262 3.17 -19.59 1.54
CA LEU B 262 2.21 -18.77 2.31
C LEU B 262 2.36 -18.87 3.83
N VAL B 263 2.48 -20.10 4.32
CA VAL B 263 2.54 -20.38 5.76
C VAL B 263 3.90 -19.94 6.33
N VAL B 264 4.98 -20.25 5.61
CA VAL B 264 6.34 -19.90 6.03
C VAL B 264 6.53 -18.37 6.02
N GLU B 265 5.91 -17.71 5.04
CA GLU B 265 5.89 -16.24 5.00
C GLU B 265 4.98 -15.64 6.07
N ASN B 266 3.83 -16.26 6.33
CA ASN B 266 2.95 -15.84 7.42
C ASN B 266 3.64 -15.95 8.79
N LEU B 267 4.37 -17.06 8.97
CA LEU B 267 5.16 -17.30 10.17
C LEU B 267 6.19 -16.19 10.43
N ALA B 268 6.96 -15.88 9.39
CA ALA B 268 7.98 -14.83 9.46
C ALA B 268 7.36 -13.44 9.57
N LYS B 269 6.20 -13.24 8.94
CA LYS B 269 5.45 -11.98 9.04
C LYS B 269 5.02 -11.70 10.48
N ASN B 270 4.52 -12.74 11.16
CA ASN B 270 4.15 -12.64 12.58
C ASN B 270 5.34 -12.20 13.45
N ILE B 271 6.53 -12.70 13.15
CA ILE B 271 7.76 -12.30 13.85
C ILE B 271 8.15 -10.87 13.47
N CYS B 272 8.16 -10.57 12.18
CA CYS B 272 8.54 -9.25 11.66
C CYS B 272 7.66 -8.08 12.15
N GLU B 273 6.39 -8.35 12.45
CA GLU B 273 5.50 -7.33 13.05
C GLU B 273 5.99 -6.87 14.43
N ASN B 274 6.36 -7.84 15.26
CA ASN B 274 6.80 -7.58 16.64
C ASN B 274 8.24 -7.06 16.77
N LEU B 275 9.11 -7.38 15.80
CA LEU B 275 10.50 -6.90 15.82
C LEU B 275 10.58 -5.38 15.64
N GLU B 276 11.37 -4.74 16.51
CA GLU B 276 11.46 -3.26 16.57
C GLU B 276 12.32 -2.64 15.48
N GLN B 277 13.13 -3.46 14.80
CA GLN B 277 14.14 -2.99 13.83
C GLN B 277 13.84 -3.47 12.40
N SER B 278 12.58 -3.37 12.00
CA SER B 278 12.14 -3.81 10.67
C SER B 278 11.10 -2.86 10.08
N GLY B 279 11.16 -2.67 8.76
CA GLY B 279 10.15 -1.90 8.02
C GLY B 279 9.19 -2.76 7.23
N LEU B 280 8.90 -3.96 7.75
CA LEU B 280 8.03 -4.93 7.10
C LEU B 280 7.24 -5.69 8.17
N PRO B 281 5.96 -6.01 7.93
CA PRO B 281 5.19 -5.59 6.75
C PRO B 281 4.68 -4.14 6.81
N VAL B 282 4.84 -3.47 7.96
CA VAL B 282 4.46 -2.06 8.13
C VAL B 282 4.85 -1.17 6.93
N GLY B 283 3.94 -0.27 6.57
CA GLY B 283 4.13 0.61 5.42
C GLY B 283 3.35 1.90 5.54
N GLY B 284 3.52 2.77 4.54
CA GLY B 284 2.86 4.07 4.50
C GLY B 284 3.20 4.92 5.71
N ASN B 285 2.19 5.58 6.26
CA ASN B 285 2.36 6.43 7.44
C ASN B 285 2.69 5.67 8.73
N GLU B 286 2.47 4.35 8.75
CA GLU B 286 2.85 3.51 9.90
C GLU B 286 4.38 3.33 9.97
N LYS B 287 4.98 2.95 8.84
CA LYS B 287 6.43 2.79 8.75
C LYS B 287 7.17 4.12 8.87
N LYS B 288 6.60 5.18 8.29
CA LYS B 288 7.11 6.55 8.47
C LYS B 288 7.23 6.94 9.95
N ALA B 289 6.26 6.52 10.75
CA ALA B 289 6.29 6.73 12.20
C ALA B 289 7.30 5.80 12.89
N LYS B 290 7.16 4.49 12.62
CA LYS B 290 7.96 3.45 13.30
C LYS B 290 9.47 3.72 13.23
N LEU B 291 9.95 4.11 12.05
CA LEU B 291 11.35 4.48 11.88
C LEU B 291 11.67 5.79 12.57
N SER B 292 10.78 6.78 12.45
CA SER B 292 10.99 8.11 13.05
C SER B 292 11.12 8.03 14.58
N ASN B 293 10.25 7.25 15.22
CA ASN B 293 10.32 7.03 16.68
C ASN B 293 11.53 6.18 17.08
N ALA B 294 11.82 5.14 16.32
CA ALA B 294 12.98 4.27 16.56
C ALA B 294 14.33 4.96 16.33
N VAL B 295 14.35 6.00 15.49
CA VAL B 295 15.54 6.83 15.30
C VAL B 295 15.80 7.66 16.57
N ALA B 296 14.79 8.39 17.04
CA ALA B 296 14.92 9.24 18.24
C ALA B 296 15.48 8.51 19.47
N LYS B 297 15.02 7.29 19.68
CA LYS B 297 15.52 6.43 20.78
C LYS B 297 16.99 6.05 20.58
N MET B 298 17.32 5.52 19.41
CA MET B 298 18.69 5.06 19.11
C MET B 298 19.70 6.21 18.88
N LEU B 299 19.17 7.41 18.73
CA LEU B 299 19.95 8.64 18.69
C LEU B 299 20.34 9.05 20.12
N SER B 300 19.33 9.38 20.94
CA SER B 300 19.57 9.87 22.31
C SER B 300 20.09 8.82 23.29
N ASN B 301 20.01 7.54 22.92
CA ASN B 301 20.61 6.44 23.68
C ASN B 301 22.15 6.51 23.75
N CYS B 302 22.79 7.10 22.73
CA CYS B 302 24.26 7.11 22.64
C CYS B 302 24.95 7.81 23.82
N PRO B 303 26.23 7.47 24.11
CA PRO B 303 26.90 8.09 25.26
C PRO B 303 27.19 9.58 25.04
N PRO B 304 26.98 10.43 26.08
CA PRO B 304 27.35 11.84 25.93
C PRO B 304 28.87 12.02 25.85
N GLY B 305 29.33 12.94 25.01
CA GLY B 305 30.75 13.08 24.71
C GLY B 305 31.31 11.90 23.93
N GLY B 306 30.46 11.26 23.13
CA GLY B 306 30.84 10.15 22.25
C GLY B 306 30.41 10.48 20.84
N ILE B 307 30.34 9.45 19.98
CA ILE B 307 29.93 9.63 18.58
C ILE B 307 28.88 8.58 18.19
N SER B 308 27.89 9.03 17.42
CA SER B 308 26.83 8.17 16.87
C SER B 308 26.82 8.31 15.35
N MET B 309 27.15 7.23 14.64
CA MET B 309 27.25 7.26 13.17
C MET B 309 26.18 6.38 12.50
N THR B 310 25.54 6.93 11.46
CA THR B 310 24.53 6.21 10.68
C THR B 310 25.11 5.72 9.35
N VAL B 311 25.32 4.41 9.25
CA VAL B 311 25.72 3.77 7.99
C VAL B 311 24.48 3.63 7.11
N THR B 312 24.42 4.44 6.05
CA THR B 312 23.42 4.29 4.98
C THR B 312 23.82 3.04 4.17
N GLY B 313 23.14 1.93 4.45
CA GLY B 313 23.55 0.61 3.99
C GLY B 313 22.70 0.00 2.90
N ASP B 314 23.28 -1.00 2.23
CA ASP B 314 22.60 -1.77 1.18
C ASP B 314 23.40 -3.05 0.89
N ASN B 315 22.69 -4.15 0.68
CA ASN B 315 23.33 -5.45 0.38
C ASN B 315 23.49 -5.68 -1.13
N THR B 316 24.33 -6.66 -1.48
CA THR B 316 24.56 -7.05 -2.88
C THR B 316 24.45 -8.56 -3.05
N LYS B 317 23.90 -8.97 -4.19
CA LYS B 317 23.64 -10.40 -4.50
C LYS B 317 22.75 -11.08 -3.45
N TRP B 318 21.88 -10.28 -2.84
CA TRP B 318 21.03 -10.67 -1.70
C TRP B 318 20.35 -12.02 -1.91
N ASN B 319 19.72 -12.17 -3.08
CA ASN B 319 19.05 -13.41 -3.46
C ASN B 319 20.03 -14.54 -3.76
N GLU B 320 21.15 -14.23 -4.44
CA GLU B 320 22.08 -15.27 -4.89
C GLU B 320 22.91 -15.93 -3.78
N CYS B 321 23.08 -15.24 -2.65
CA CYS B 321 23.93 -15.72 -1.55
C CYS B 321 23.19 -16.55 -0.49
N LEU B 322 21.97 -16.14 -0.15
CA LEU B 322 21.17 -16.80 0.89
C LEU B 322 20.73 -18.21 0.45
N ASN B 323 21.24 -19.23 1.14
CA ASN B 323 20.96 -20.63 0.79
C ASN B 323 19.62 -21.09 1.40
N PRO B 324 18.84 -21.93 0.67
CA PRO B 324 17.59 -22.49 1.21
C PRO B 324 17.73 -23.36 2.47
N ARG B 325 18.85 -24.06 2.62
CA ARG B 325 19.11 -24.90 3.80
C ARG B 325 19.24 -24.11 5.11
N ILE B 326 19.59 -22.83 5.02
CA ILE B 326 19.57 -21.92 6.17
C ILE B 326 18.11 -21.64 6.55
N PHE B 327 17.29 -21.30 5.55
CA PHE B 327 15.84 -21.07 5.74
C PHE B 327 15.13 -22.30 6.32
N LEU B 328 15.59 -23.49 5.95
CA LEU B 328 15.07 -24.74 6.53
C LEU B 328 15.40 -24.85 8.03
N ALA B 329 16.67 -24.59 8.36
CA ALA B 329 17.13 -24.55 9.75
C ALA B 329 16.47 -23.43 10.58
N MET B 330 16.11 -22.33 9.92
CA MET B 330 15.37 -21.24 10.59
C MET B 330 13.99 -21.68 11.10
N THR B 331 13.19 -22.32 10.23
CA THR B 331 11.83 -22.75 10.58
C THR B 331 11.81 -23.71 11.77
N GLU B 332 12.70 -24.70 11.73
CA GLU B 332 12.84 -25.69 12.79
C GLU B 332 13.01 -25.07 14.18
N ARG B 333 13.88 -24.06 14.27
CA ARG B 333 14.12 -23.37 15.55
C ARG B 333 12.95 -22.48 15.96
N ILE B 334 12.22 -21.94 14.98
CA ILE B 334 11.02 -21.12 15.26
C ILE B 334 9.83 -21.96 15.72
N THR B 335 9.67 -23.15 15.13
CA THR B 335 8.57 -24.06 15.47
C THR B 335 8.85 -25.02 16.64
N ARG B 336 9.95 -24.81 17.36
CA ARG B 336 10.47 -25.72 18.40
C ARG B 336 9.40 -26.28 19.36
N ASP B 337 8.51 -25.40 19.82
CA ASP B 337 7.42 -25.78 20.73
C ASP B 337 6.19 -26.33 19.99
N SER B 338 5.94 -25.87 18.77
CA SER B 338 4.78 -26.31 17.98
C SER B 338 4.86 -27.78 17.56
N PRO B 339 3.70 -28.43 17.32
CA PRO B 339 3.66 -29.89 17.09
C PRO B 339 4.39 -30.40 15.83
N ILE B 340 4.56 -31.72 15.79
CA ILE B 340 5.44 -32.38 14.83
C ILE B 340 4.90 -32.28 13.39
N TRP B 341 3.58 -32.26 13.23
CA TRP B 341 2.97 -32.10 11.91
C TRP B 341 3.23 -30.70 11.32
N PHE B 342 3.13 -29.67 12.16
CA PHE B 342 3.35 -28.28 11.74
C PHE B 342 4.83 -28.03 11.46
N ARG B 343 5.70 -28.58 12.31
CA ARG B 343 7.16 -28.58 12.08
C ARG B 343 7.53 -29.17 10.71
N ASP B 344 6.87 -30.27 10.34
CA ASP B 344 7.03 -30.89 9.02
C ASP B 344 6.37 -30.07 7.90
N PHE B 345 5.22 -29.45 8.20
CA PHE B 345 4.53 -28.58 7.25
C PHE B 345 5.40 -27.38 6.86
N CYS B 346 5.92 -26.68 7.87
CA CYS B 346 6.79 -25.51 7.64
C CYS B 346 8.12 -25.85 6.93
N SER B 347 8.61 -27.08 7.12
CA SER B 347 9.88 -27.50 6.54
C SER B 347 9.87 -27.82 5.04
N ILE B 348 8.70 -27.88 4.41
CA ILE B 348 8.60 -28.30 3.00
C ILE B 348 9.08 -27.24 2.01
N ALA B 349 8.53 -26.03 2.12
CA ALA B 349 8.85 -24.94 1.20
C ALA B 349 10.37 -24.66 1.07
N PRO B 350 11.11 -24.64 2.18
CA PRO B 350 12.58 -24.56 2.08
C PRO B 350 13.25 -25.82 1.51
N VAL B 351 12.65 -27.00 1.70
CA VAL B 351 13.14 -28.24 1.08
C VAL B 351 12.96 -28.20 -0.44
N LEU B 352 11.84 -27.63 -0.91
CA LEU B 352 11.62 -27.48 -2.36
C LEU B 352 12.65 -26.53 -2.99
N PHE B 353 12.69 -25.30 -2.48
CA PHE B 353 13.68 -24.28 -2.91
C PHE B 353 15.13 -24.79 -2.88
N SER B 354 15.46 -25.68 -1.94
CA SER B 354 16.77 -26.31 -1.87
C SER B 354 17.08 -27.22 -3.07
N ASN B 355 16.05 -27.84 -3.65
CA ASN B 355 16.21 -28.73 -4.81
C ASN B 355 15.56 -28.18 -6.11
N LYS B 356 15.35 -26.87 -6.18
CA LYS B 356 14.70 -26.25 -7.34
C LYS B 356 15.51 -26.35 -8.64
N ILE B 357 14.78 -26.34 -9.76
CA ILE B 357 15.34 -26.40 -11.11
C ILE B 357 14.83 -25.18 -11.88
N ALA B 358 15.76 -24.41 -12.47
CA ALA B 358 15.42 -23.16 -13.15
C ALA B 358 15.30 -23.36 -14.66
N ARG B 359 14.14 -23.03 -15.22
CA ARG B 359 13.93 -23.02 -16.68
C ARG B 359 14.63 -21.79 -17.27
N LEU B 360 15.07 -21.91 -18.52
CA LEU B 360 16.00 -20.93 -19.12
C LEU B 360 15.36 -19.99 -20.16
N GLY B 361 14.22 -19.41 -19.80
CA GLY B 361 13.55 -18.43 -20.66
C GLY B 361 13.08 -18.98 -21.99
N LYS B 362 13.22 -18.19 -23.06
CA LYS B 362 12.82 -18.59 -24.40
C LYS B 362 13.92 -19.38 -25.10
N GLY B 363 15.09 -18.77 -25.22
CA GLY B 363 16.23 -19.38 -25.91
C GLY B 363 17.19 -18.34 -26.47
N PHE B 364 17.70 -18.58 -27.69
CA PHE B 364 18.60 -17.62 -28.35
C PHE B 364 18.30 -17.50 -29.85
N MET B 365 17.90 -16.31 -30.29
CA MET B 365 17.62 -16.07 -31.72
C MET B 365 18.94 -15.94 -32.50
N ILE B 366 19.11 -16.77 -33.54
CA ILE B 366 20.28 -16.67 -34.42
C ILE B 366 19.87 -16.18 -35.81
N THR B 367 20.76 -15.40 -36.44
CA THR B 367 20.46 -14.72 -37.70
C THR B 367 21.62 -14.75 -38.70
N SER B 368 21.29 -14.49 -39.96
CA SER B 368 22.28 -14.18 -40.99
C SER B 368 21.86 -12.88 -41.67
N LYS B 369 22.69 -11.86 -41.56
CA LYS B 369 22.39 -10.53 -42.10
C LYS B 369 22.37 -10.51 -43.63
N THR B 370 23.21 -11.34 -44.24
CA THR B 370 23.24 -11.50 -45.69
C THR B 370 21.96 -12.13 -46.23
N LYS B 371 21.55 -13.24 -45.61
CA LYS B 371 20.32 -13.95 -45.99
C LYS B 371 19.02 -13.29 -45.50
N ARG B 372 19.12 -12.44 -44.48
CA ARG B 372 17.95 -11.80 -43.83
C ARG B 372 16.97 -12.83 -43.29
N LEU B 373 17.49 -13.70 -42.42
CA LEU B 373 16.72 -14.77 -41.79
C LEU B 373 16.92 -14.75 -40.27
N LYS B 374 15.91 -15.21 -39.53
CA LYS B 374 15.99 -15.32 -38.07
C LYS B 374 15.33 -16.61 -37.58
N ALA B 375 15.79 -17.09 -36.43
CA ALA B 375 15.28 -18.32 -35.83
C ALA B 375 15.67 -18.45 -34.35
N GLN B 376 14.67 -18.69 -33.51
CA GLN B 376 14.87 -18.97 -32.09
C GLN B 376 15.43 -20.39 -31.89
N ILE B 377 16.63 -20.48 -31.32
CA ILE B 377 17.18 -21.74 -30.82
C ILE B 377 16.60 -21.94 -29.41
N PRO B 378 15.71 -22.94 -29.23
CA PRO B 378 15.10 -23.13 -27.90
C PRO B 378 16.04 -23.77 -26.88
N CYS B 379 15.66 -23.63 -25.60
CA CYS B 379 16.49 -24.03 -24.45
C CYS B 379 17.09 -25.45 -24.49
N PRO B 380 16.31 -26.44 -24.97
CA PRO B 380 16.89 -27.79 -25.15
C PRO B 380 17.94 -27.88 -26.27
N ASP B 381 17.78 -27.09 -27.33
CA ASP B 381 18.72 -27.11 -28.47
C ASP B 381 19.91 -26.13 -28.32
N LEU B 382 20.14 -25.59 -27.12
CA LEU B 382 21.32 -24.74 -26.85
C LEU B 382 22.66 -25.39 -27.21
N PHE B 383 22.76 -26.71 -27.05
CA PHE B 383 23.97 -27.46 -27.41
C PHE B 383 23.72 -28.41 -28.59
N SER B 384 22.89 -27.98 -29.54
CA SER B 384 22.67 -28.70 -30.81
C SER B 384 23.22 -27.83 -31.95
N ILE B 385 24.42 -27.30 -31.73
CA ILE B 385 24.99 -26.24 -32.56
C ILE B 385 26.39 -25.92 -32.00
N PRO B 386 27.40 -25.71 -32.88
CA PRO B 386 28.75 -25.38 -32.37
C PRO B 386 28.82 -24.01 -31.67
N LEU B 387 29.52 -23.98 -30.54
CA LEU B 387 29.55 -22.79 -29.67
C LEU B 387 30.22 -21.56 -30.31
N GLU B 388 30.97 -21.77 -31.39
CA GLU B 388 31.45 -20.67 -32.24
C GLU B 388 30.32 -19.87 -32.91
N ARG B 389 29.15 -20.50 -33.08
CA ARG B 389 27.98 -19.82 -33.67
C ARG B 389 27.43 -18.70 -32.76
N TYR B 390 27.49 -18.91 -31.44
CA TYR B 390 27.07 -17.89 -30.47
C TYR B 390 28.12 -16.79 -30.36
N ASN B 391 27.69 -15.60 -29.94
CA ASN B 391 28.62 -14.47 -29.73
C ASN B 391 29.48 -14.69 -28.49
N GLU B 392 30.57 -13.94 -28.37
CA GLU B 392 31.58 -14.16 -27.31
C GLU B 392 31.00 -14.10 -25.90
N GLU B 393 30.09 -13.15 -25.68
CA GLU B 393 29.37 -13.02 -24.40
C GLU B 393 28.60 -14.30 -24.05
N THR B 394 27.80 -14.78 -25.00
CA THR B 394 26.98 -15.98 -24.81
C THR B 394 27.80 -17.28 -24.80
N ARG B 395 28.96 -17.26 -25.46
CA ARG B 395 29.84 -18.43 -25.55
C ARG B 395 30.46 -18.76 -24.20
N ALA B 396 30.88 -17.73 -23.46
CA ALA B 396 31.39 -17.90 -22.10
C ALA B 396 30.33 -18.44 -21.15
N LYS B 397 29.12 -17.88 -21.25
CA LYS B 397 27.99 -18.28 -20.40
C LYS B 397 27.58 -19.75 -20.57
N LEU B 398 27.51 -20.21 -21.82
CA LEU B 398 27.10 -21.59 -22.12
C LEU B 398 28.14 -22.63 -21.67
N LYS B 399 29.44 -22.29 -21.80
CA LYS B 399 30.53 -23.13 -21.31
C LYS B 399 30.48 -23.31 -19.79
N LYS B 400 30.14 -22.23 -19.07
CA LYS B 400 30.03 -22.26 -17.61
C LYS B 400 28.73 -22.93 -17.11
N LEU B 401 27.69 -22.94 -17.94
CA LEU B 401 26.43 -23.62 -17.63
C LEU B 401 26.51 -25.15 -17.72
N LYS B 402 27.48 -25.66 -18.49
CA LYS B 402 27.64 -27.10 -18.78
C LYS B 402 27.37 -28.10 -17.65
N PRO B 403 28.12 -27.99 -16.51
CA PRO B 403 27.91 -28.98 -15.43
C PRO B 403 26.55 -28.91 -14.74
N PHE B 404 25.91 -27.74 -14.76
CA PHE B 404 24.59 -27.53 -14.15
C PHE B 404 23.43 -27.74 -15.12
N PHE B 405 23.71 -27.71 -16.42
CA PHE B 405 22.69 -27.87 -17.47
C PHE B 405 22.09 -29.29 -17.48
N ASN B 406 20.76 -29.36 -17.55
CA ASN B 406 20.02 -30.61 -17.71
C ASN B 406 19.63 -30.81 -19.17
N GLU B 407 19.74 -32.04 -19.65
CA GLU B 407 19.56 -32.36 -21.08
C GLU B 407 18.17 -32.01 -21.62
N GLU B 408 17.15 -32.02 -20.75
CA GLU B 408 15.81 -31.54 -21.11
C GLU B 408 15.75 -30.04 -21.44
N GLY B 409 16.67 -29.25 -20.89
CA GLY B 409 16.76 -27.81 -21.16
C GLY B 409 16.44 -26.92 -19.97
N THR B 410 17.06 -27.22 -18.83
CA THR B 410 16.95 -26.44 -17.59
C THR B 410 18.31 -26.44 -16.90
N ALA B 411 18.40 -25.80 -15.73
CA ALA B 411 19.61 -25.81 -14.91
C ALA B 411 19.25 -25.91 -13.43
N SER B 412 19.89 -26.84 -12.73
CA SER B 412 19.59 -27.10 -11.31
C SER B 412 20.24 -26.04 -10.43
N LEU B 413 19.40 -25.18 -9.85
CA LEU B 413 19.86 -24.07 -9.03
C LEU B 413 19.60 -24.37 -7.55
N SER B 414 20.43 -25.25 -6.98
CA SER B 414 20.28 -25.67 -5.59
C SER B 414 20.56 -24.53 -4.59
N PRO B 415 21.65 -23.76 -4.79
CA PRO B 415 21.85 -22.60 -3.93
C PRO B 415 21.06 -21.38 -4.40
N GLY B 416 21.13 -20.31 -3.62
CA GLY B 416 20.44 -19.06 -3.95
C GLY B 416 18.94 -19.12 -3.82
N MET B 417 18.29 -17.97 -3.97
CA MET B 417 16.83 -17.87 -3.95
C MET B 417 16.37 -17.07 -5.17
N MET B 418 16.21 -17.77 -6.30
CA MET B 418 15.60 -17.19 -7.51
C MET B 418 14.26 -16.57 -7.16
N MET B 419 13.99 -15.39 -7.74
CA MET B 419 12.84 -14.55 -7.39
C MET B 419 12.98 -13.97 -5.97
N GLY B 420 12.98 -14.84 -4.97
CA GLY B 420 13.06 -14.44 -3.56
C GLY B 420 11.93 -15.11 -2.84
N MET B 421 10.73 -14.52 -2.96
CA MET B 421 9.50 -15.03 -2.35
C MET B 421 9.51 -14.96 -0.82
N PHE B 422 10.49 -15.62 -0.20
CA PHE B 422 10.78 -15.46 1.23
C PHE B 422 11.37 -14.08 1.52
N ASN B 423 10.51 -13.07 1.58
CA ASN B 423 10.91 -11.70 1.95
C ASN B 423 11.04 -11.58 3.47
N MET B 424 9.93 -11.88 4.16
CA MET B 424 9.82 -11.67 5.60
C MET B 424 10.88 -12.46 6.37
N LEU B 425 10.99 -13.76 6.04
CA LEU B 425 11.93 -14.65 6.70
C LEU B 425 13.39 -14.26 6.43
N SER B 426 13.66 -13.73 5.24
CA SER B 426 14.99 -13.18 4.93
C SER B 426 15.25 -11.86 5.66
N THR B 427 14.19 -11.06 5.85
CA THR B 427 14.27 -9.84 6.69
C THR B 427 14.52 -10.17 8.16
N VAL B 428 13.89 -11.23 8.65
CA VAL B 428 14.14 -11.72 10.02
C VAL B 428 15.62 -12.06 10.23
N LEU B 429 16.25 -12.71 9.25
CA LEU B 429 17.68 -13.04 9.32
C LEU B 429 18.56 -11.78 9.36
N GLY B 430 18.11 -10.71 8.70
CA GLY B 430 18.74 -9.39 8.81
C GLY B 430 18.62 -8.83 10.22
N VAL B 431 17.39 -8.78 10.73
CA VAL B 431 17.13 -8.34 12.11
C VAL B 431 17.98 -9.14 13.12
N ALA B 432 18.10 -10.45 12.87
CA ALA B 432 18.97 -11.31 13.67
C ALA B 432 20.44 -10.86 13.66
N ALA B 433 20.91 -10.33 12.54
CA ALA B 433 22.25 -9.72 12.48
C ALA B 433 22.33 -8.44 13.32
N LEU B 434 21.31 -7.60 13.19
CA LEU B 434 21.20 -6.36 13.98
C LEU B 434 21.09 -6.60 15.49
N GLY B 435 20.50 -7.73 15.87
CA GLY B 435 20.34 -8.11 17.27
C GLY B 435 21.59 -8.49 18.07
N ILE B 436 22.71 -8.73 17.40
CA ILE B 436 23.98 -9.06 18.09
C ILE B 436 24.47 -7.88 18.92
N LYS B 437 24.56 -6.70 18.30
CA LYS B 437 24.95 -5.42 18.92
C LYS B 437 26.45 -5.22 19.21
N ASN B 438 27.16 -6.27 19.65
CA ASN B 438 28.57 -6.15 20.04
C ASN B 438 29.30 -7.49 19.90
N ILE B 439 30.62 -7.42 19.70
CA ILE B 439 31.49 -8.60 19.63
C ILE B 439 32.71 -8.37 20.53
N GLY B 440 32.94 -9.30 21.47
CA GLY B 440 34.10 -9.25 22.35
C GLY B 440 34.09 -8.18 23.42
N ASN B 441 32.90 -7.67 23.76
CA ASN B 441 32.72 -6.62 24.78
C ASN B 441 33.54 -5.35 24.54
N LYS B 442 33.60 -4.92 23.28
CA LYS B 442 34.33 -3.72 22.88
C LYS B 442 33.48 -2.47 23.09
N GLU B 443 34.08 -1.29 22.91
CA GLU B 443 33.40 -0.01 23.19
C GLU B 443 32.69 0.59 21.98
N TYR B 444 31.80 -0.21 21.38
CA TYR B 444 30.81 0.26 20.40
C TYR B 444 29.48 -0.43 20.65
N LEU B 445 28.45 0.02 19.96
CA LEU B 445 27.12 -0.57 20.09
C LEU B 445 26.31 -0.27 18.83
N TRP B 446 25.83 -1.32 18.15
CA TRP B 446 25.04 -1.15 16.92
C TRP B 446 23.59 -1.62 17.04
N ASP B 447 22.72 -0.95 16.29
CA ASP B 447 21.35 -1.40 16.03
C ASP B 447 20.87 -0.65 14.80
N GLY B 448 19.92 -1.22 14.06
CA GLY B 448 19.50 -0.64 12.78
C GLY B 448 18.04 -0.87 12.41
N LEU B 449 17.81 -0.93 11.10
CA LEU B 449 16.50 -1.19 10.51
C LEU B 449 16.69 -2.16 9.33
N GLN B 450 15.61 -2.79 8.87
CA GLN B 450 15.72 -3.81 7.82
C GLN B 450 14.48 -3.91 6.92
N SER B 451 14.74 -4.02 5.61
CA SER B 451 13.73 -4.38 4.60
C SER B 451 14.43 -5.19 3.51
N SER B 452 14.48 -6.51 3.70
CA SER B 452 15.14 -7.45 2.80
C SER B 452 16.61 -7.06 2.51
N ASP B 453 16.93 -6.64 1.28
CA ASP B 453 18.30 -6.24 0.92
C ASP B 453 18.75 -4.92 1.54
N ASP B 454 17.78 -4.05 1.85
CA ASP B 454 18.06 -2.70 2.33
C ASP B 454 18.10 -2.67 3.87
N PHE B 455 19.23 -2.20 4.43
CA PHE B 455 19.38 -2.01 5.87
C PHE B 455 19.91 -0.61 6.17
N ALA B 456 19.82 -0.20 7.43
CA ALA B 456 20.31 1.11 7.88
C ALA B 456 20.90 1.02 9.29
N LEU B 457 22.18 0.65 9.36
CA LEU B 457 22.86 0.41 10.64
C LEU B 457 23.22 1.73 11.34
N PHE B 458 22.96 1.80 12.64
CA PHE B 458 23.50 2.88 13.50
C PHE B 458 24.62 2.29 14.34
N VAL B 459 25.60 3.12 14.70
CA VAL B 459 26.73 2.71 15.56
C VAL B 459 27.05 3.82 16.56
N ASN B 460 26.82 3.54 17.84
CA ASN B 460 27.15 4.45 18.95
C ASN B 460 28.45 3.99 19.60
N ALA B 461 29.42 4.89 19.73
CA ALA B 461 30.75 4.55 20.25
C ALA B 461 31.48 5.75 20.85
N LYS B 462 32.71 5.51 21.33
CA LYS B 462 33.53 6.53 21.99
C LYS B 462 34.06 7.55 20.97
N ASP B 463 34.76 7.05 19.96
CA ASP B 463 35.30 7.88 18.87
C ASP B 463 34.95 7.25 17.52
N GLU B 464 35.23 7.97 16.44
CA GLU B 464 34.88 7.51 15.09
C GLU B 464 35.76 6.35 14.60
N GLU B 465 37.03 6.31 15.03
CA GLU B 465 37.93 5.19 14.70
C GLU B 465 37.44 3.86 15.27
N THR B 466 36.79 3.92 16.44
CA THR B 466 36.13 2.76 17.03
C THR B 466 34.91 2.34 16.20
N CYS B 467 34.03 3.30 15.90
CA CYS B 467 32.81 3.05 15.10
C CYS B 467 33.09 2.19 13.87
N MET B 468 34.08 2.59 13.08
CA MET B 468 34.46 1.88 11.86
C MET B 468 34.94 0.45 12.14
N GLU B 469 35.58 0.24 13.29
CA GLU B 469 35.98 -1.11 13.72
C GLU B 469 34.75 -1.96 14.07
N GLY B 470 33.70 -1.33 14.61
CA GLY B 470 32.42 -2.00 14.86
C GLY B 470 31.64 -2.37 13.60
N ILE B 471 31.71 -1.50 12.58
CA ILE B 471 31.06 -1.76 11.29
C ILE B 471 31.77 -2.90 10.54
N ASN B 472 33.10 -2.99 10.70
CA ASN B 472 33.86 -4.14 10.21
C ASN B 472 33.42 -5.44 10.90
N ASP B 473 33.26 -5.35 12.22
CA ASP B 473 32.72 -6.47 13.01
C ASP B 473 31.28 -6.82 12.62
N PHE B 474 30.48 -5.82 12.24
CA PHE B 474 29.14 -6.07 11.65
C PHE B 474 29.23 -6.76 10.28
N TYR B 475 30.12 -6.24 9.43
CA TYR B 475 30.38 -6.82 8.10
C TYR B 475 30.82 -8.27 8.19
N ARG B 476 31.78 -8.55 9.06
CA ARG B 476 32.31 -9.90 9.24
C ARG B 476 31.32 -10.88 9.94
N THR B 477 30.32 -10.34 10.64
CA THR B 477 29.19 -11.12 11.14
C THR B 477 28.28 -11.54 9.99
N CYS B 478 27.83 -10.54 9.21
CA CYS B 478 26.88 -10.76 8.12
C CYS B 478 27.39 -11.72 7.04
N LYS B 479 28.71 -11.76 6.85
CA LYS B 479 29.36 -12.80 6.01
C LYS B 479 29.01 -14.22 6.48
N LEU B 480 28.99 -14.42 7.81
CA LEU B 480 28.67 -15.72 8.39
C LEU B 480 27.19 -16.11 8.31
N LEU B 481 26.32 -15.14 8.00
CA LEU B 481 24.89 -15.40 7.76
C LEU B 481 24.55 -15.56 6.27
N GLY B 482 25.50 -15.24 5.39
CA GLY B 482 25.27 -15.20 3.94
C GLY B 482 24.72 -13.86 3.44
N ILE B 483 24.81 -12.82 4.28
CA ILE B 483 24.30 -11.49 3.94
C ILE B 483 25.51 -10.63 3.55
N ASN B 484 25.62 -10.32 2.26
CA ASN B 484 26.78 -9.57 1.75
C ASN B 484 26.47 -8.09 1.58
N MET B 485 27.17 -7.27 2.37
CA MET B 485 27.04 -5.81 2.33
C MET B 485 27.72 -5.27 1.07
N SER B 486 27.06 -4.32 0.41
CA SER B 486 27.63 -3.67 -0.77
C SER B 486 28.61 -2.58 -0.34
N LYS B 487 29.91 -2.91 -0.36
CA LYS B 487 30.97 -1.92 -0.11
C LYS B 487 30.91 -0.72 -1.05
N LYS B 488 30.51 -0.96 -2.30
CA LYS B 488 30.42 0.09 -3.31
C LYS B 488 29.24 1.02 -3.02
N LYS B 489 28.05 0.44 -2.97
CA LYS B 489 26.81 1.21 -2.83
C LYS B 489 26.61 1.82 -1.44
N SER B 490 27.01 1.09 -0.38
CA SER B 490 26.84 1.58 1.00
C SER B 490 27.83 2.69 1.36
N TYR B 491 27.44 3.54 2.30
CA TYR B 491 28.28 4.65 2.76
C TYR B 491 27.85 5.16 4.14
N CYS B 492 28.81 5.72 4.89
CA CYS B 492 28.61 6.09 6.29
C CYS B 492 28.77 7.59 6.55
N ASN B 493 28.17 8.05 7.64
CA ASN B 493 28.28 9.44 8.12
C ASN B 493 27.85 9.56 9.58
N GLU B 494 28.00 10.76 10.15
CA GLU B 494 27.53 11.05 11.51
C GLU B 494 26.00 11.12 11.51
N THR B 495 25.39 10.60 12.57
CA THR B 495 23.92 10.48 12.65
C THR B 495 23.23 11.85 12.59
N GLY B 496 22.11 11.90 11.88
CA GLY B 496 21.43 13.14 11.57
C GLY B 496 20.67 13.03 10.26
N MET B 497 21.36 12.49 9.24
CA MET B 497 20.74 12.26 7.93
C MET B 497 21.17 10.91 7.33
N PHE B 498 20.25 10.28 6.59
CA PHE B 498 20.52 8.99 5.93
C PHE B 498 19.48 8.66 4.85
N GLU B 499 19.65 7.51 4.19
CA GLU B 499 18.70 6.99 3.21
C GLU B 499 18.32 5.55 3.53
N PHE B 500 17.06 5.20 3.28
CA PHE B 500 16.54 3.85 3.51
C PHE B 500 15.31 3.62 2.64
N THR B 501 15.41 2.67 1.71
CA THR B 501 14.33 2.32 0.77
C THR B 501 13.75 3.55 0.05
N SER B 502 14.65 4.41 -0.43
CA SER B 502 14.31 5.71 -1.03
C SER B 502 13.48 6.64 -0.13
N MET B 503 13.71 6.55 1.19
CA MET B 503 13.13 7.48 2.16
C MET B 503 14.31 8.24 2.76
N PHE B 504 14.30 9.55 2.60
CA PHE B 504 15.45 10.40 2.93
C PHE B 504 15.24 11.16 4.24
N TYR B 505 15.97 10.73 5.27
CA TYR B 505 15.93 11.34 6.59
C TYR B 505 17.02 12.42 6.66
N ARG B 506 16.62 13.61 7.09
CA ARG B 506 17.52 14.72 7.40
C ARG B 506 16.94 15.47 8.62
N ASP B 507 17.17 14.92 9.81
CA ASP B 507 16.53 15.35 11.06
C ASP B 507 14.99 15.31 10.94
N GLY B 508 14.51 14.32 10.19
CA GLY B 508 13.09 14.14 9.86
C GLY B 508 13.00 13.64 8.43
N PHE B 509 12.06 12.74 8.17
CA PHE B 509 11.89 12.20 6.82
C PHE B 509 11.33 13.25 5.86
N VAL B 510 12.11 13.59 4.82
CA VAL B 510 11.73 14.65 3.88
C VAL B 510 10.69 14.18 2.87
N SER B 511 9.98 15.14 2.29
CA SER B 511 8.99 14.89 1.25
C SER B 511 9.68 14.63 -0.09
N ASN B 512 9.25 13.59 -0.80
CA ASN B 512 9.81 13.19 -2.09
C ASN B 512 8.67 12.93 -3.09
N PHE B 513 8.15 14.03 -3.64
CA PHE B 513 6.98 14.03 -4.52
C PHE B 513 7.17 13.24 -5.83
N ALA B 514 8.41 13.17 -6.30
CA ALA B 514 8.77 12.46 -7.54
C ALA B 514 8.50 10.96 -7.54
N MET B 515 8.43 10.34 -6.35
CA MET B 515 8.18 8.88 -6.25
C MET B 515 6.75 8.54 -6.63
N GLU B 516 5.79 9.30 -6.09
CA GLU B 516 4.37 9.12 -6.41
C GLU B 516 3.96 9.71 -7.77
N LEU B 517 4.75 10.66 -8.27
CA LEU B 517 4.43 11.42 -9.50
C LEU B 517 3.79 10.63 -10.67
N PRO B 518 4.35 9.45 -11.03
CA PRO B 518 3.72 8.64 -12.09
C PRO B 518 2.25 8.27 -11.85
N SER B 519 1.85 8.06 -10.60
CA SER B 519 0.47 7.69 -10.26
C SER B 519 -0.58 8.78 -10.52
N PHE B 520 -0.14 10.01 -10.81
CA PHE B 520 -1.06 11.10 -11.20
C PHE B 520 -1.69 10.95 -12.59
N GLY B 521 -1.12 10.10 -13.45
CA GLY B 521 -1.70 9.83 -14.78
C GLY B 521 -3.02 9.10 -14.74
N VAL B 522 -3.66 8.93 -15.90
CA VAL B 522 -4.96 8.24 -16.00
C VAL B 522 -4.73 6.74 -15.79
N ALA B 523 -5.59 6.13 -14.99
CA ALA B 523 -5.35 4.80 -14.42
C ALA B 523 -5.45 3.65 -15.42
N GLY B 524 -6.60 3.58 -16.10
CA GLY B 524 -6.91 2.49 -17.03
C GLY B 524 -7.87 1.43 -16.50
N VAL B 525 -8.88 1.85 -15.76
CA VAL B 525 -9.98 0.98 -15.33
C VAL B 525 -11.21 1.34 -16.17
N ASN B 526 -11.70 2.57 -16.02
CA ASN B 526 -12.79 3.12 -16.84
C ASN B 526 -13.05 4.59 -16.47
N GLU B 527 -13.85 5.27 -17.27
CA GLU B 527 -14.14 6.70 -17.09
C GLU B 527 -14.61 7.10 -15.69
N SER B 528 -15.52 6.29 -15.11
CA SER B 528 -16.05 6.55 -13.77
C SER B 528 -15.01 6.30 -12.68
N ALA B 529 -14.28 5.19 -12.78
CA ALA B 529 -13.28 4.80 -11.77
C ALA B 529 -12.02 5.66 -11.80
N ASP B 530 -11.54 5.96 -13.01
CA ASP B 530 -10.32 6.75 -13.21
C ASP B 530 -10.44 8.19 -12.69
N MET B 531 -11.63 8.78 -12.85
CA MET B 531 -11.94 10.09 -12.27
C MET B 531 -11.77 10.05 -10.76
N ALA B 532 -12.46 9.11 -10.12
CA ALA B 532 -12.38 8.90 -8.67
C ALA B 532 -10.96 8.62 -8.20
N ILE B 533 -10.25 7.75 -8.91
CA ILE B 533 -8.84 7.46 -8.61
C ILE B 533 -7.97 8.72 -8.73
N GLY B 534 -8.16 9.46 -9.83
CA GLY B 534 -7.40 10.69 -10.10
C GLY B 534 -7.49 11.75 -9.03
N MET B 535 -8.72 12.06 -8.60
CA MET B 535 -8.93 13.04 -7.53
C MET B 535 -8.48 12.51 -6.17
N THR B 536 -8.50 11.19 -5.99
CA THR B 536 -8.00 10.54 -4.78
C THR B 536 -6.48 10.64 -4.65
N ILE B 537 -5.75 10.42 -5.75
CA ILE B 537 -4.27 10.50 -5.70
C ILE B 537 -3.79 11.94 -5.40
N ILE B 538 -4.57 12.93 -5.84
CA ILE B 538 -4.29 14.34 -5.53
C ILE B 538 -4.43 14.52 -4.00
N LYS B 539 -5.67 14.43 -3.52
CA LYS B 539 -6.03 14.48 -2.09
C LYS B 539 -4.97 13.85 -1.18
N ASN B 540 -4.58 12.62 -1.50
CA ASN B 540 -3.62 11.87 -0.69
C ASN B 540 -2.22 12.46 -0.67
N ASN B 541 -1.77 13.02 -1.80
CA ASN B 541 -0.40 13.56 -1.89
C ASN B 541 -0.27 14.90 -1.14
N MET B 542 -1.31 15.73 -1.25
CA MET B 542 -1.46 16.96 -0.44
C MET B 542 -1.21 16.74 1.05
N ILE B 543 -1.74 15.64 1.56
CA ILE B 543 -1.61 15.27 2.96
C ILE B 543 -0.17 14.85 3.26
N ASN B 544 0.23 13.67 2.79
CA ASN B 544 1.45 13.00 3.25
C ASN B 544 2.63 13.00 2.28
N ASN B 545 2.45 13.51 1.06
CA ASN B 545 3.57 13.69 0.12
C ASN B 545 3.88 15.16 -0.18
N GLY B 546 3.22 16.09 0.50
CA GLY B 546 3.66 17.49 0.54
C GLY B 546 3.46 18.26 -0.74
N MET B 547 2.25 18.17 -1.28
CA MET B 547 1.84 18.97 -2.42
C MET B 547 1.03 20.14 -1.89
N GLY B 548 1.49 21.36 -2.17
CA GLY B 548 0.77 22.56 -1.76
C GLY B 548 -0.49 22.77 -2.60
N PRO B 549 -1.37 23.71 -2.16
CA PRO B 549 -2.66 23.93 -2.84
C PRO B 549 -2.57 24.37 -4.30
N ALA B 550 -1.51 25.09 -4.66
CA ALA B 550 -1.31 25.56 -6.05
C ALA B 550 -0.99 24.40 -6.99
N THR B 551 0.03 23.62 -6.62
CA THR B 551 0.43 22.43 -7.36
C THR B 551 -0.71 21.40 -7.38
N ALA B 552 -1.42 21.27 -6.25
CA ALA B 552 -2.61 20.42 -6.17
C ALA B 552 -3.73 20.89 -7.11
N GLN B 553 -3.99 22.20 -7.13
CA GLN B 553 -4.97 22.78 -8.06
C GLN B 553 -4.53 22.68 -9.53
N THR B 554 -3.22 22.73 -9.77
CA THR B 554 -2.67 22.45 -11.11
C THR B 554 -2.89 20.99 -11.50
N ALA B 555 -2.55 20.07 -10.60
CA ALA B 555 -2.78 18.62 -10.83
C ALA B 555 -4.23 18.26 -11.20
N ILE B 556 -5.19 19.01 -10.65
CA ILE B 556 -6.60 18.88 -11.02
C ILE B 556 -6.81 19.23 -12.51
N GLN B 557 -6.16 20.30 -12.96
CA GLN B 557 -6.18 20.69 -14.37
C GLN B 557 -5.47 19.65 -15.24
N LEU B 558 -4.28 19.23 -14.79
CA LEU B 558 -3.45 18.29 -15.53
C LEU B 558 -3.99 16.87 -15.58
N PHE B 559 -4.81 16.48 -14.61
CA PHE B 559 -5.52 15.20 -14.72
C PHE B 559 -6.62 15.32 -15.79
N ILE B 560 -7.51 16.29 -15.64
CA ILE B 560 -8.61 16.51 -16.61
C ILE B 560 -8.10 16.63 -18.06
N ALA B 561 -6.96 17.32 -18.24
CA ALA B 561 -6.33 17.42 -19.56
C ALA B 561 -6.06 16.05 -20.17
N ASP B 562 -5.38 15.19 -19.40
CA ASP B 562 -5.03 13.84 -19.85
C ASP B 562 -6.28 12.95 -19.99
N TYR B 563 -7.22 13.12 -19.07
CA TYR B 563 -8.51 12.42 -19.08
C TYR B 563 -9.31 12.70 -20.36
N ARG B 564 -9.46 13.99 -20.67
CA ARG B 564 -10.22 14.44 -21.83
C ARG B 564 -9.66 13.97 -23.18
N TYR B 565 -8.34 13.85 -23.27
CA TYR B 565 -7.67 13.31 -24.46
C TYR B 565 -7.68 11.78 -24.47
N THR B 566 -7.40 11.16 -23.32
CA THR B 566 -7.38 9.70 -23.21
C THR B 566 -8.76 9.10 -23.50
N TYR B 567 -9.80 9.64 -22.86
CA TYR B 567 -11.17 9.17 -23.10
C TYR B 567 -11.93 9.93 -24.20
N LYS B 568 -11.26 10.89 -24.85
CA LYS B 568 -11.79 11.62 -26.00
C LYS B 568 -13.13 12.27 -25.66
N CYS B 569 -13.12 13.09 -24.61
CA CYS B 569 -14.34 13.65 -24.02
C CYS B 569 -14.17 15.11 -23.61
N HIS B 570 -13.87 15.96 -24.58
CA HIS B 570 -13.71 17.40 -24.36
C HIS B 570 -15.05 18.07 -24.14
N ARG B 571 -15.02 19.30 -23.61
CA ARG B 571 -16.23 20.08 -23.29
C ARG B 571 -17.18 20.18 -24.47
N GLY B 572 -18.46 19.94 -24.22
CA GLY B 572 -19.50 20.00 -25.25
C GLY B 572 -19.50 21.26 -26.09
N ASP B 573 -19.29 22.41 -25.44
CA ASP B 573 -19.14 23.69 -26.15
C ASP B 573 -17.88 23.78 -27.01
N SER B 574 -16.78 23.13 -26.58
CA SER B 574 -15.54 23.15 -27.34
C SER B 574 -15.70 22.41 -28.67
N LYS B 575 -15.10 22.96 -29.72
CA LYS B 575 -15.29 22.45 -31.10
C LYS B 575 -14.16 21.52 -31.55
N VAL B 576 -13.64 20.71 -30.63
CA VAL B 576 -12.58 19.75 -30.94
C VAL B 576 -13.26 18.54 -31.58
N GLU B 577 -12.83 18.19 -32.79
CA GLU B 577 -13.52 17.17 -33.58
C GLU B 577 -13.16 15.75 -33.14
N GLY B 578 -14.13 14.85 -33.31
CA GLY B 578 -13.99 13.45 -32.89
C GLY B 578 -15.28 12.69 -33.08
N LYS B 579 -15.17 11.36 -33.15
CA LYS B 579 -16.32 10.47 -33.36
C LYS B 579 -17.35 10.61 -32.25
N ARG B 580 -16.88 10.52 -31.01
CA ARG B 580 -17.70 10.72 -29.82
C ARG B 580 -18.10 12.18 -29.65
N MET B 581 -17.13 13.07 -29.88
CA MET B 581 -17.32 14.52 -29.76
C MET B 581 -18.54 15.01 -30.55
N LYS B 582 -18.79 14.40 -31.70
CA LYS B 582 -20.00 14.66 -32.50
C LYS B 582 -21.31 14.44 -31.72
N ILE B 583 -21.38 13.37 -30.93
CA ILE B 583 -22.56 13.09 -30.07
C ILE B 583 -22.48 13.92 -28.78
N ILE B 584 -21.26 14.15 -28.28
CA ILE B 584 -21.06 15.02 -27.10
C ILE B 584 -21.58 16.45 -27.35
N LYS B 585 -21.33 16.99 -28.55
CA LYS B 585 -21.82 18.32 -28.94
C LYS B 585 -23.35 18.37 -29.02
N GLU B 586 -23.97 17.28 -29.47
CA GLU B 586 -25.44 17.16 -29.46
C GLU B 586 -26.00 17.11 -28.04
N LEU B 587 -25.33 16.35 -27.16
CA LEU B 587 -25.73 16.28 -25.74
C LEU B 587 -25.73 17.65 -25.05
N TRP B 588 -24.68 18.43 -25.32
CA TRP B 588 -24.55 19.80 -24.81
C TRP B 588 -25.71 20.69 -25.25
N GLU B 589 -26.03 20.64 -26.55
CA GLU B 589 -27.13 21.43 -27.11
C GLU B 589 -28.51 20.91 -26.69
N ASN B 590 -28.63 19.61 -26.44
CA ASN B 590 -29.89 19.02 -25.93
C ASN B 590 -30.16 19.39 -24.47
N THR B 591 -29.18 19.12 -23.61
CA THR B 591 -29.38 19.21 -22.16
C THR B 591 -29.42 20.67 -21.67
N LYS B 592 -30.32 20.94 -20.71
CA LYS B 592 -30.44 22.26 -20.08
C LYS B 592 -29.43 22.39 -18.95
N GLY B 593 -29.46 21.44 -18.02
CA GLY B 593 -28.53 21.40 -16.90
C GLY B 593 -27.16 20.88 -17.31
N ARG B 594 -26.43 21.72 -18.04
CA ARG B 594 -25.15 21.34 -18.64
C ARG B 594 -24.02 21.26 -17.62
N ASP B 595 -24.10 22.05 -16.55
CA ASP B 595 -23.19 21.92 -15.41
C ASP B 595 -23.31 20.59 -14.66
N GLY B 596 -24.48 19.93 -14.77
CA GLY B 596 -24.69 18.59 -14.23
C GLY B 596 -24.06 17.44 -15.00
N LEU B 597 -23.60 17.69 -16.23
CA LEU B 597 -22.96 16.66 -17.05
C LEU B 597 -21.58 16.28 -16.51
N LEU B 598 -21.23 15.00 -16.64
CA LEU B 598 -19.91 14.51 -16.26
C LEU B 598 -18.91 14.86 -17.34
N VAL B 599 -17.64 15.00 -16.96
CA VAL B 599 -16.55 15.33 -17.91
C VAL B 599 -16.49 14.28 -19.03
N ALA B 600 -16.67 13.01 -18.66
CA ALA B 600 -16.80 11.90 -19.61
C ALA B 600 -17.88 12.12 -20.68
N ASP B 601 -18.96 12.83 -20.32
CA ASP B 601 -19.97 13.26 -21.28
C ASP B 601 -19.78 14.73 -21.71
N GLY B 602 -18.52 15.15 -21.81
CA GLY B 602 -18.16 16.53 -22.19
C GLY B 602 -18.72 17.62 -21.29
N GLY B 603 -18.85 17.30 -20.00
CA GLY B 603 -19.31 18.27 -19.01
C GLY B 603 -18.16 19.09 -18.47
N PRO B 604 -18.47 20.13 -17.68
CA PRO B 604 -17.44 20.99 -17.09
C PRO B 604 -16.86 20.39 -15.81
N ASN B 605 -15.56 20.56 -15.60
CA ASN B 605 -14.89 20.09 -14.39
C ASN B 605 -15.27 20.97 -13.20
N ILE B 606 -15.96 20.38 -12.23
CA ILE B 606 -16.42 21.09 -11.03
C ILE B 606 -15.48 20.89 -9.83
N TYR B 607 -14.41 20.11 -10.01
CA TYR B 607 -13.53 19.71 -8.90
C TYR B 607 -12.62 20.81 -8.39
N ASN B 608 -12.33 20.75 -7.09
CA ASN B 608 -11.40 21.65 -6.42
C ASN B 608 -10.99 21.05 -5.06
N LEU B 609 -9.86 21.53 -4.55
CA LEU B 609 -9.24 21.08 -3.30
C LEU B 609 -10.22 20.55 -2.25
N ARG B 610 -11.29 21.29 -2.00
CA ARG B 610 -12.26 20.94 -0.95
C ARG B 610 -13.10 19.68 -1.22
N ASN B 611 -13.48 19.45 -2.49
CA ASN B 611 -14.44 18.37 -2.81
C ASN B 611 -13.82 17.13 -3.49
N LEU B 612 -12.50 16.98 -3.39
CA LEU B 612 -11.77 15.84 -4.01
C LEU B 612 -12.23 14.47 -3.49
N HIS B 613 -12.64 14.42 -2.23
CA HIS B 613 -13.14 13.19 -1.60
C HIS B 613 -14.53 12.72 -2.09
N ILE B 614 -15.29 13.59 -2.77
CA ILE B 614 -16.66 13.25 -3.21
C ILE B 614 -16.64 12.75 -4.67
N PRO B 615 -17.43 11.70 -4.99
CA PRO B 615 -17.52 11.28 -6.41
C PRO B 615 -18.32 12.23 -7.30
N GLU B 616 -17.81 12.47 -8.51
CA GLU B 616 -18.41 13.40 -9.49
C GLU B 616 -19.91 13.18 -9.71
N ILE B 617 -20.31 11.92 -9.71
CA ILE B 617 -21.72 11.53 -9.89
C ILE B 617 -22.58 12.08 -8.75
N VAL B 618 -22.04 12.03 -7.52
CA VAL B 618 -22.76 12.46 -6.32
C VAL B 618 -22.85 13.98 -6.24
N LEU B 619 -21.73 14.64 -6.57
CA LEU B 619 -21.64 16.10 -6.61
C LEU B 619 -22.70 16.70 -7.54
N LYS B 620 -22.69 16.24 -8.79
CA LYS B 620 -23.55 16.79 -9.83
C LYS B 620 -25.00 16.27 -9.84
N TYR B 621 -25.29 15.21 -9.09
CA TYR B 621 -26.64 14.59 -9.08
C TYR B 621 -27.80 15.59 -9.00
N ASN B 622 -27.65 16.63 -8.19
CA ASN B 622 -28.70 17.64 -8.00
C ASN B 622 -28.92 18.56 -9.22
N LEU B 623 -27.91 18.68 -10.07
CA LEU B 623 -27.95 19.59 -11.23
C LEU B 623 -28.10 18.86 -12.59
N MET B 624 -28.36 17.55 -12.55
CA MET B 624 -28.63 16.75 -13.75
C MET B 624 -30.10 16.86 -14.16
N ASP B 625 -30.35 16.64 -15.45
CA ASP B 625 -31.73 16.52 -15.96
C ASP B 625 -32.27 15.11 -15.70
N PRO B 626 -33.58 14.99 -15.38
CA PRO B 626 -34.17 13.68 -15.04
C PRO B 626 -33.92 12.61 -16.10
N GLU B 627 -34.09 13.00 -17.36
CA GLU B 627 -33.76 12.15 -18.51
C GLU B 627 -32.26 11.79 -18.58
N TYR B 628 -31.38 12.75 -18.25
CA TYR B 628 -29.93 12.49 -18.26
C TYR B 628 -29.52 11.53 -17.15
N LYS B 629 -29.93 11.82 -15.91
CA LYS B 629 -29.64 10.94 -14.77
C LYS B 629 -30.33 9.58 -14.89
N GLY B 630 -31.53 9.56 -15.48
CA GLY B 630 -32.24 8.32 -15.77
C GLY B 630 -31.48 7.38 -16.69
N ARG B 631 -30.91 7.94 -17.76
CA ARG B 631 -30.07 7.18 -18.68
C ARG B 631 -28.72 6.84 -18.06
N LEU B 632 -28.06 7.86 -17.51
CA LEU B 632 -26.75 7.74 -16.86
C LEU B 632 -26.71 6.67 -15.77
N LEU B 633 -27.76 6.67 -14.93
CA LEU B 633 -27.84 5.76 -13.79
C LEU B 633 -28.94 4.71 -13.99
N HIS B 634 -29.11 4.25 -15.23
CA HIS B 634 -30.15 3.27 -15.56
C HIS B 634 -29.81 1.93 -14.91
N PRO B 635 -30.81 1.25 -14.29
CA PRO B 635 -30.47 0.04 -13.53
C PRO B 635 -30.05 -1.15 -14.39
N GLN B 636 -30.82 -1.43 -15.44
CA GLN B 636 -30.56 -2.56 -16.35
C GLN B 636 -29.70 -2.22 -17.58
N ASN B 637 -28.86 -1.18 -17.51
CA ASN B 637 -28.04 -0.80 -18.67
C ASN B 637 -26.99 -1.88 -18.97
N PRO B 638 -26.59 -2.02 -20.25
CA PRO B 638 -25.73 -3.12 -20.65
C PRO B 638 -24.23 -2.91 -20.38
N PHE B 639 -23.82 -1.69 -20.07
CA PHE B 639 -22.40 -1.34 -20.07
C PHE B 639 -21.62 -1.95 -18.91
N VAL B 640 -22.22 -1.96 -17.72
CA VAL B 640 -21.58 -2.51 -16.52
C VAL B 640 -21.82 -4.02 -16.46
N GLY B 641 -23.07 -4.42 -16.62
CA GLY B 641 -23.46 -5.82 -16.70
C GLY B 641 -23.45 -6.54 -15.36
N HIS B 642 -22.29 -7.09 -15.00
CA HIS B 642 -22.13 -7.90 -13.80
C HIS B 642 -20.88 -7.48 -13.03
N LEU B 643 -21.06 -7.17 -11.75
CA LEU B 643 -19.99 -6.67 -10.87
C LEU B 643 -19.54 -7.73 -9.88
N SER B 644 -18.49 -7.42 -9.13
CA SER B 644 -18.01 -8.24 -8.01
C SER B 644 -17.51 -7.33 -6.88
N ILE B 645 -17.55 -7.84 -5.65
CA ILE B 645 -17.23 -7.06 -4.44
C ILE B 645 -15.82 -6.43 -4.49
N GLU B 646 -14.87 -7.12 -5.11
CA GLU B 646 -13.52 -6.59 -5.32
C GLU B 646 -13.50 -5.53 -6.44
N GLY B 647 -14.28 -5.74 -7.49
CA GLY B 647 -14.28 -4.88 -8.68
C GLY B 647 -14.81 -3.47 -8.52
N ILE B 648 -15.79 -3.28 -7.65
CA ILE B 648 -16.44 -1.97 -7.47
C ILE B 648 -15.55 -1.04 -6.63
N LYS B 649 -15.02 -1.56 -5.52
CA LYS B 649 -14.28 -0.77 -4.54
C LYS B 649 -12.79 -0.60 -4.86
N GLU B 650 -12.13 -1.72 -5.17
CA GLU B 650 -10.67 -1.77 -5.30
C GLU B 650 -10.15 -1.76 -6.74
N ALA B 651 -8.90 -1.31 -6.90
CA ALA B 651 -8.21 -1.37 -8.19
C ALA B 651 -6.70 -1.25 -7.99
N ASP B 652 -5.93 -1.86 -8.88
CA ASP B 652 -4.48 -1.99 -8.71
C ASP B 652 -3.73 -0.66 -8.86
N ILE B 653 -2.58 -0.57 -8.21
CA ILE B 653 -1.66 0.57 -8.38
C ILE B 653 -0.22 0.11 -8.10
N THR B 654 0.71 0.53 -8.96
CA THR B 654 2.12 0.10 -8.89
C THR B 654 3.03 1.32 -8.94
N PRO B 659 5.83 -5.67 -5.04
CA PRO B 659 4.49 -6.20 -5.30
C PRO B 659 3.47 -5.09 -5.59
N VAL B 660 2.42 -5.45 -6.33
CA VAL B 660 1.35 -4.51 -6.72
C VAL B 660 0.28 -4.46 -5.64
N LYS B 661 0.17 -3.32 -4.95
CA LYS B 661 -0.82 -3.13 -3.88
C LYS B 661 -2.13 -2.59 -4.46
N LYS B 662 -3.25 -3.19 -4.03
CA LYS B 662 -4.57 -2.85 -4.55
C LYS B 662 -5.28 -1.82 -3.65
N MET B 663 -5.17 -0.55 -4.02
CA MET B 663 -5.89 0.54 -3.33
C MET B 663 -7.38 0.52 -3.64
N ASP B 664 -8.14 1.27 -2.84
CA ASP B 664 -9.60 1.36 -2.98
C ASP B 664 -10.07 2.80 -3.22
N TYR B 665 -11.23 2.93 -3.83
CA TYR B 665 -11.81 4.24 -4.15
C TYR B 665 -13.33 4.21 -3.99
N ASP B 666 -13.98 5.35 -4.25
CA ASP B 666 -15.44 5.46 -4.21
C ASP B 666 -15.97 6.14 -5.47
N ALA B 667 -16.91 5.46 -6.14
CA ALA B 667 -17.62 6.01 -7.30
C ALA B 667 -18.93 5.27 -7.54
N VAL B 668 -19.93 6.00 -8.00
CA VAL B 668 -21.23 5.41 -8.33
C VAL B 668 -21.11 4.52 -9.56
N SER B 669 -21.77 3.36 -9.52
CA SER B 669 -21.78 2.42 -10.64
C SER B 669 -22.87 2.78 -11.64
N GLY B 670 -22.45 3.42 -12.74
CA GLY B 670 -23.35 3.81 -13.83
C GLY B 670 -22.75 3.51 -15.20
N THR B 671 -23.31 4.14 -16.24
CA THR B 671 -22.95 3.83 -17.64
C THR B 671 -21.46 3.94 -17.95
N HIS B 672 -20.76 4.85 -17.28
CA HIS B 672 -19.32 5.02 -17.45
C HIS B 672 -18.45 3.99 -16.70
N SER B 673 -19.06 3.16 -15.86
CA SER B 673 -18.35 2.06 -15.19
C SER B 673 -18.37 0.79 -16.05
N TRP B 674 -17.81 0.88 -17.25
CA TRP B 674 -17.92 -0.18 -18.26
C TRP B 674 -16.72 -1.13 -18.23
N ARG B 675 -16.77 -2.18 -19.06
CA ARG B 675 -15.64 -3.09 -19.27
C ARG B 675 -15.20 -3.11 -20.73
N THR B 676 -13.96 -3.53 -20.96
CA THR B 676 -13.37 -3.58 -22.30
C THR B 676 -13.42 -5.00 -22.87
N LYS B 677 -13.10 -5.12 -24.16
CA LYS B 677 -13.05 -6.43 -24.84
C LYS B 677 -11.89 -7.28 -24.33
N ARG B 678 -12.04 -8.60 -24.43
CA ARG B 678 -10.97 -9.54 -24.12
C ARG B 678 -9.93 -9.50 -25.24
N ASN B 679 -8.68 -9.82 -24.91
CA ASN B 679 -7.62 -9.88 -25.92
C ASN B 679 -7.90 -11.06 -26.84
N ARG B 680 -8.14 -10.74 -28.11
CA ARG B 680 -8.67 -11.70 -29.08
C ARG B 680 -7.58 -12.55 -29.76
N SER B 681 -6.30 -12.24 -29.48
CA SER B 681 -5.15 -13.08 -29.88
C SER B 681 -5.34 -14.58 -29.62
N ILE B 682 -6.06 -14.89 -28.53
CA ILE B 682 -6.43 -16.26 -28.18
C ILE B 682 -7.25 -17.00 -29.27
N LEU B 683 -7.98 -16.26 -30.11
CA LEU B 683 -8.74 -16.87 -31.22
C LEU B 683 -7.85 -17.57 -32.26
N ASN B 684 -6.73 -16.95 -32.61
CA ASN B 684 -5.78 -17.54 -33.57
C ASN B 684 -5.01 -18.75 -33.02
N THR B 685 -4.76 -18.76 -31.70
CA THR B 685 -3.92 -19.78 -31.07
C THR B 685 -4.68 -21.07 -30.76
N ASP B 686 -3.93 -22.11 -30.44
CA ASP B 686 -4.48 -23.43 -30.10
C ASP B 686 -5.24 -23.45 -28.76
N GLN B 687 -5.03 -22.45 -27.91
CA GLN B 687 -5.77 -22.29 -26.66
C GLN B 687 -7.23 -21.79 -26.80
N ARG B 688 -7.77 -21.76 -28.02
CA ARG B 688 -9.23 -21.62 -28.25
C ARG B 688 -10.06 -22.45 -27.27
N ASN B 689 -9.62 -23.69 -27.04
CA ASN B 689 -10.33 -24.66 -26.19
C ASN B 689 -10.67 -24.15 -24.78
N MET B 690 -9.84 -23.28 -24.22
CA MET B 690 -10.13 -22.63 -22.93
C MET B 690 -11.31 -21.64 -22.97
N ILE B 691 -11.61 -21.08 -24.16
CA ILE B 691 -12.69 -20.10 -24.31
C ILE B 691 -14.05 -20.72 -23.99
N LEU B 692 -14.29 -21.92 -24.52
CA LEU B 692 -15.50 -22.67 -24.22
C LEU B 692 -15.46 -23.19 -22.78
N GLU B 693 -14.28 -23.62 -22.34
CA GLU B 693 -14.05 -24.11 -20.98
C GLU B 693 -14.41 -23.05 -19.92
N GLU B 694 -14.10 -21.79 -20.21
CA GLU B 694 -14.53 -20.63 -19.39
C GLU B 694 -16.06 -20.53 -19.40
N GLN B 695 -16.63 -20.37 -20.59
CA GLN B 695 -18.06 -20.13 -20.75
C GLN B 695 -18.94 -21.28 -20.23
N CYS B 696 -18.37 -22.48 -20.14
CA CYS B 696 -19.01 -23.59 -19.45
C CYS B 696 -19.12 -23.34 -17.94
N TYR B 697 -18.02 -22.88 -17.33
CA TYR B 697 -18.01 -22.53 -15.91
C TYR B 697 -18.91 -21.33 -15.64
N ALA B 698 -18.75 -20.29 -16.46
CA ALA B 698 -19.56 -19.07 -16.36
C ALA B 698 -21.06 -19.34 -16.40
N LYS B 699 -21.49 -20.28 -17.24
CA LYS B 699 -22.88 -20.71 -17.29
C LYS B 699 -23.34 -21.35 -15.97
N CYS B 700 -22.48 -22.17 -15.37
CA CYS B 700 -22.78 -22.81 -14.07
C CYS B 700 -22.82 -21.80 -12.93
N CYS B 701 -21.80 -20.95 -12.87
CA CYS B 701 -21.66 -19.95 -11.79
C CYS B 701 -22.74 -18.87 -11.83
N ASN B 702 -23.13 -18.44 -13.04
CA ASN B 702 -24.23 -17.47 -13.20
C ASN B 702 -25.59 -18.07 -12.82
N LEU B 703 -25.77 -19.37 -13.07
CA LEU B 703 -26.99 -20.06 -12.63
C LEU B 703 -26.96 -20.27 -11.11
N PHE B 704 -25.80 -20.66 -10.57
CA PHE B 704 -25.61 -20.78 -9.11
C PHE B 704 -25.96 -19.48 -8.37
N GLU B 705 -25.57 -18.34 -8.95
CA GLU B 705 -25.87 -17.02 -8.40
C GLU B 705 -27.36 -16.63 -8.50
N ALA B 706 -28.08 -17.18 -9.48
CA ALA B 706 -29.53 -16.99 -9.57
C ALA B 706 -30.27 -17.73 -8.46
N CYS B 707 -29.77 -18.89 -8.07
CA CYS B 707 -30.29 -19.64 -6.92
C CYS B 707 -29.85 -19.00 -5.61
N PHE B 708 -28.55 -18.74 -5.47
CA PHE B 708 -27.97 -18.10 -4.29
C PHE B 708 -27.50 -16.68 -4.62
N ASN B 709 -28.32 -15.68 -4.30
CA ASN B 709 -27.99 -14.28 -4.56
C ASN B 709 -26.85 -13.74 -3.69
N SER B 710 -26.63 -14.35 -2.53
CA SER B 710 -25.52 -14.00 -1.64
C SER B 710 -24.16 -14.55 -2.11
N ALA B 711 -24.13 -15.37 -3.16
CA ALA B 711 -22.88 -15.90 -3.72
C ALA B 711 -21.93 -14.82 -4.27
N SER B 712 -22.50 -13.69 -4.70
CA SER B 712 -21.71 -12.54 -5.14
C SER B 712 -20.96 -11.89 -3.97
N TYR B 713 -21.67 -11.65 -2.87
CA TYR B 713 -21.11 -10.98 -1.69
C TYR B 713 -20.28 -11.96 -0.83
N ARG B 714 -20.96 -12.98 -0.31
CA ARG B 714 -20.39 -13.96 0.61
C ARG B 714 -19.83 -15.16 -0.14
N LYS B 715 -18.67 -15.65 0.28
CA LYS B 715 -18.11 -16.91 -0.26
C LYS B 715 -18.93 -18.10 0.27
N PRO B 716 -19.60 -18.85 -0.63
CA PRO B 716 -20.40 -19.99 -0.15
C PRO B 716 -19.54 -21.16 0.35
N VAL B 717 -20.02 -21.84 1.39
CA VAL B 717 -19.31 -22.96 2.01
C VAL B 717 -20.10 -24.25 1.79
N GLY B 718 -19.39 -25.37 1.65
CA GLY B 718 -20.02 -26.68 1.46
C GLY B 718 -19.12 -27.68 0.75
N GLN B 719 -18.86 -28.81 1.40
CA GLN B 719 -18.10 -29.92 0.80
C GLN B 719 -18.96 -30.75 -0.16
N HIS B 720 -20.28 -30.70 0.05
CA HIS B 720 -21.26 -31.36 -0.84
C HIS B 720 -21.27 -30.80 -2.28
N SER B 721 -22.01 -31.48 -3.16
CA SER B 721 -22.04 -31.17 -4.58
C SER B 721 -22.74 -29.84 -4.90
N MET B 722 -22.24 -29.16 -5.94
CA MET B 722 -22.77 -27.87 -6.38
C MET B 722 -24.20 -27.98 -6.95
N LEU B 723 -24.48 -29.09 -7.64
CA LEU B 723 -25.82 -29.39 -8.14
C LEU B 723 -26.80 -29.64 -7.00
N GLU B 724 -26.36 -30.45 -6.03
CA GLU B 724 -27.16 -30.80 -4.85
C GLU B 724 -27.67 -29.55 -4.13
N ALA B 725 -26.78 -28.58 -3.92
CA ALA B 725 -27.16 -27.29 -3.31
C ALA B 725 -28.23 -26.55 -4.11
N MET B 726 -28.05 -26.51 -5.44
CA MET B 726 -28.99 -25.84 -6.34
C MET B 726 -30.34 -26.53 -6.40
N ALA B 727 -30.34 -27.86 -6.37
CA ALA B 727 -31.57 -28.65 -6.39
C ALA B 727 -32.42 -28.40 -5.15
N HIS B 728 -31.81 -28.51 -3.98
CA HIS B 728 -32.50 -28.28 -2.70
C HIS B 728 -33.04 -26.86 -2.58
N ARG B 729 -32.26 -25.88 -3.05
CA ARG B 729 -32.68 -24.48 -3.07
C ARG B 729 -33.93 -24.28 -3.94
N LEU B 730 -33.89 -24.82 -5.16
CA LEU B 730 -35.03 -24.74 -6.08
C LEU B 730 -36.24 -25.58 -5.62
N ARG B 731 -35.99 -26.65 -4.88
CA ARG B 731 -37.07 -27.49 -4.33
C ARG B 731 -37.98 -26.70 -3.38
N MET B 732 -37.37 -26.02 -2.41
CA MET B 732 -38.14 -25.19 -1.46
C MET B 732 -38.75 -23.96 -2.12
N ASP B 733 -37.99 -23.30 -2.99
CA ASP B 733 -38.48 -22.15 -3.78
C ASP B 733 -39.78 -22.46 -4.51
N ALA B 734 -39.90 -23.68 -5.04
CA ALA B 734 -41.15 -24.13 -5.68
C ALA B 734 -42.25 -24.35 -4.64
N ARG B 735 -41.96 -25.22 -3.67
CA ARG B 735 -42.93 -25.63 -2.65
C ARG B 735 -43.54 -24.46 -1.87
N LEU B 736 -42.69 -23.52 -1.46
CA LEU B 736 -43.14 -22.35 -0.71
C LEU B 736 -43.94 -21.36 -1.57
N ASP B 737 -43.50 -21.16 -2.82
CA ASP B 737 -44.24 -20.30 -3.77
C ASP B 737 -45.63 -20.84 -4.10
N TYR B 738 -45.78 -22.17 -4.15
CA TYR B 738 -47.11 -22.77 -4.34
C TYR B 738 -48.00 -22.49 -3.13
N GLU B 739 -47.52 -22.90 -1.95
CA GLU B 739 -48.26 -22.74 -0.69
C GLU B 739 -48.59 -21.29 -0.34
N SER B 740 -47.67 -20.37 -0.68
CA SER B 740 -47.92 -18.93 -0.48
C SER B 740 -48.97 -18.37 -1.46
N GLY B 741 -48.96 -18.87 -2.71
CA GLY B 741 -49.84 -18.36 -3.77
C GLY B 741 -49.13 -17.74 -4.96
N ARG B 742 -47.81 -17.62 -4.90
CA ARG B 742 -47.00 -17.09 -6.02
C ARG B 742 -46.92 -18.06 -7.22
N MET B 743 -47.12 -19.35 -6.98
CA MET B 743 -47.12 -20.38 -8.03
C MET B 743 -48.47 -21.10 -8.06
N SER B 744 -48.92 -21.44 -9.27
CA SER B 744 -50.21 -22.12 -9.47
C SER B 744 -50.03 -23.64 -9.49
N LYS B 745 -51.16 -24.35 -9.49
CA LYS B 745 -51.16 -25.82 -9.64
C LYS B 745 -50.57 -26.26 -10.97
N ASP B 746 -50.85 -25.49 -12.02
CA ASP B 746 -50.31 -25.72 -13.36
C ASP B 746 -48.79 -25.67 -13.36
N ASP B 747 -48.24 -24.59 -12.79
CA ASP B 747 -46.79 -24.37 -12.77
C ASP B 747 -46.05 -25.21 -11.72
N PHE B 748 -46.68 -25.46 -10.57
CA PHE B 748 -46.08 -26.28 -9.51
C PHE B 748 -45.84 -27.72 -9.97
N GLU B 749 -46.84 -28.32 -10.60
CA GLU B 749 -46.75 -29.69 -11.12
C GLU B 749 -45.69 -29.84 -12.21
N LYS B 750 -45.52 -28.80 -13.04
CA LYS B 750 -44.42 -28.72 -14.02
C LYS B 750 -43.06 -28.67 -13.31
N ALA B 751 -42.96 -27.83 -12.29
CA ALA B 751 -41.72 -27.67 -11.51
C ALA B 751 -41.33 -28.94 -10.76
N MET B 752 -42.31 -29.59 -10.12
CA MET B 752 -42.07 -30.86 -9.43
C MET B 752 -41.71 -32.00 -10.37
N ALA B 753 -42.21 -31.95 -11.61
CA ALA B 753 -41.84 -32.93 -12.66
C ALA B 753 -40.38 -32.79 -13.10
N HIS B 754 -39.91 -31.55 -13.25
CA HIS B 754 -38.53 -31.28 -13.69
C HIS B 754 -37.50 -31.68 -12.64
N LEU B 755 -37.75 -31.29 -11.38
CA LEU B 755 -36.84 -31.62 -10.27
C LEU B 755 -36.72 -33.13 -10.02
N GLY B 756 -37.78 -33.88 -10.33
CA GLY B 756 -37.75 -35.35 -10.28
C GLY B 756 -36.77 -35.96 -11.27
N GLU B 757 -36.68 -35.36 -12.47
CA GLU B 757 -35.73 -35.83 -13.50
C GLU B 757 -34.27 -35.64 -13.09
N ILE B 758 -34.01 -34.59 -12.31
CA ILE B 758 -32.66 -34.23 -11.89
C ILE B 758 -32.32 -34.96 -10.59
N GLY C 9 -43.44 -15.53 -10.45
CA GLY C 9 -42.28 -16.19 -9.79
C GLY C 9 -41.24 -16.69 -10.78
N MET C 10 -39.97 -16.45 -10.46
CA MET C 10 -38.85 -16.87 -11.33
C MET C 10 -38.62 -18.39 -11.30
N THR C 11 -38.95 -19.03 -10.18
CA THR C 11 -38.65 -20.44 -9.88
C THR C 11 -38.67 -21.39 -11.09
N LEU C 12 -39.75 -21.33 -11.87
CA LEU C 12 -39.94 -22.21 -13.04
C LEU C 12 -38.81 -22.04 -14.06
N ALA C 13 -38.53 -20.77 -14.39
CA ALA C 13 -37.46 -20.41 -15.33
C ALA C 13 -36.08 -20.92 -14.89
N LYS C 14 -35.81 -20.86 -13.59
CA LYS C 14 -34.53 -21.34 -13.05
C LYS C 14 -34.36 -22.85 -13.24
N ILE C 15 -35.42 -23.60 -12.95
CA ILE C 15 -35.42 -25.06 -13.07
C ILE C 15 -35.39 -25.46 -14.55
N GLU C 16 -36.20 -24.79 -15.37
CA GLU C 16 -36.20 -25.04 -16.82
C GLU C 16 -34.90 -24.59 -17.51
N LEU C 17 -34.19 -23.63 -16.93
CA LEU C 17 -32.82 -23.29 -17.37
C LEU C 17 -31.79 -24.30 -16.85
N LEU C 18 -32.02 -24.82 -15.64
CA LEU C 18 -31.21 -25.94 -15.12
C LEU C 18 -31.38 -27.20 -15.99
N LYS C 19 -32.59 -27.40 -16.53
CA LYS C 19 -32.84 -28.46 -17.52
C LYS C 19 -32.04 -28.23 -18.81
N GLN C 20 -32.03 -26.98 -19.30
CA GLN C 20 -31.17 -26.58 -20.43
C GLN C 20 -29.69 -26.84 -20.14
N LEU C 21 -29.26 -26.45 -18.93
CA LEU C 21 -27.85 -26.60 -18.53
C LEU C 21 -27.44 -28.06 -18.38
N LEU C 22 -28.30 -28.87 -17.77
CA LEU C 22 -28.00 -30.30 -17.57
C LEU C 22 -28.06 -31.16 -18.85
N ARG C 23 -28.67 -30.64 -19.92
CA ARG C 23 -28.64 -31.32 -21.23
C ARG C 23 -27.22 -31.40 -21.81
N ASP C 24 -26.45 -30.33 -21.68
CA ASP C 24 -25.03 -30.34 -22.07
C ASP C 24 -24.24 -31.18 -21.08
N ASN C 25 -23.53 -32.20 -21.57
CA ASN C 25 -22.80 -33.15 -20.73
C ASN C 25 -21.63 -32.51 -19.97
N GLU C 26 -20.91 -31.62 -20.65
CA GLU C 26 -19.76 -30.93 -20.06
C GLU C 26 -20.17 -30.04 -18.89
N ALA C 27 -21.33 -29.38 -19.03
CA ALA C 27 -21.92 -28.59 -17.94
C ALA C 27 -22.41 -29.48 -16.79
N LYS C 28 -23.03 -30.60 -17.14
CA LYS C 28 -23.56 -31.57 -16.16
C LYS C 28 -22.45 -32.14 -15.26
N THR C 29 -21.32 -32.49 -15.88
CA THR C 29 -20.16 -32.98 -15.12
C THR C 29 -19.58 -31.94 -14.15
N VAL C 30 -19.57 -30.67 -14.56
CA VAL C 30 -19.08 -29.57 -13.71
C VAL C 30 -19.92 -29.44 -12.44
N LEU C 31 -21.24 -29.44 -12.61
CA LEU C 31 -22.18 -29.30 -11.50
C LEU C 31 -22.09 -30.47 -10.52
N LYS C 32 -21.85 -31.67 -11.05
CA LYS C 32 -21.71 -32.88 -10.23
C LYS C 32 -20.34 -33.00 -9.56
N GLN C 33 -19.27 -32.63 -10.27
CA GLN C 33 -17.90 -32.75 -9.75
C GLN C 33 -17.44 -31.58 -8.87
N THR C 34 -17.87 -30.35 -9.18
CA THR C 34 -17.49 -29.16 -8.41
C THR C 34 -18.24 -29.11 -7.08
N THR C 35 -17.52 -28.80 -6.00
CA THR C 35 -18.11 -28.59 -4.68
C THR C 35 -18.54 -27.13 -4.51
N VAL C 36 -19.32 -26.85 -3.48
CA VAL C 36 -19.79 -25.49 -3.18
C VAL C 36 -18.62 -24.61 -2.69
N ASP C 37 -17.63 -25.22 -2.05
CA ASP C 37 -16.35 -24.55 -1.76
C ASP C 37 -15.69 -24.10 -3.06
N GLN C 38 -15.54 -25.05 -3.98
CA GLN C 38 -14.81 -24.83 -5.24
C GLN C 38 -15.41 -23.78 -6.19
N TYR C 39 -16.69 -23.43 -6.02
CA TYR C 39 -17.32 -22.31 -6.75
C TYR C 39 -16.37 -21.13 -6.93
N ASN C 40 -15.75 -20.70 -5.83
CA ASN C 40 -14.83 -19.56 -5.82
C ASN C 40 -13.60 -19.73 -6.72
N ILE C 41 -13.16 -20.98 -6.93
CA ILE C 41 -12.05 -21.28 -7.84
C ILE C 41 -12.50 -21.24 -9.30
N ILE C 42 -13.62 -21.90 -9.60
CA ILE C 42 -14.16 -21.93 -10.98
C ILE C 42 -14.79 -20.61 -11.44
N ARG C 43 -15.18 -19.75 -10.51
CA ARG C 43 -15.71 -18.42 -10.88
C ARG C 43 -14.60 -17.53 -11.46
N LYS C 44 -13.39 -17.63 -10.90
CA LYS C 44 -12.24 -16.85 -11.35
C LYS C 44 -11.47 -17.46 -12.55
N PHE C 45 -11.97 -18.57 -13.10
CA PHE C 45 -11.37 -19.20 -14.28
C PHE C 45 -11.68 -18.40 -15.56
N ASN C 46 -10.64 -17.99 -16.27
CA ASN C 46 -10.78 -17.37 -17.60
C ASN C 46 -9.44 -17.33 -18.37
N THR C 47 -9.52 -16.94 -19.65
CA THR C 47 -8.33 -16.72 -20.47
C THR C 47 -7.62 -15.40 -20.11
N SER C 48 -8.34 -14.48 -19.46
CA SER C 48 -7.84 -13.15 -19.15
C SER C 48 -6.60 -13.13 -18.24
N ARG C 49 -5.45 -12.75 -18.81
CA ARG C 49 -4.26 -12.38 -18.03
C ARG C 49 -4.45 -10.99 -17.43
N ILE C 50 -3.67 -10.68 -16.40
CA ILE C 50 -3.80 -9.40 -15.68
C ILE C 50 -3.03 -8.35 -16.47
N GLU C 51 -3.63 -7.16 -16.61
CA GLU C 51 -3.00 -6.06 -17.34
C GLU C 51 -1.92 -5.40 -16.50
N LYS C 52 -0.66 -5.51 -16.95
CA LYS C 52 0.47 -4.94 -16.21
C LYS C 52 0.59 -3.42 -16.35
N ASN C 53 0.28 -2.89 -17.55
CA ASN C 53 0.36 -1.44 -17.82
C ASN C 53 -1.01 -0.89 -18.24
N PRO C 54 -1.93 -0.75 -17.26
CA PRO C 54 -3.31 -0.35 -17.56
C PRO C 54 -3.45 1.07 -18.12
N SER C 55 -2.60 1.98 -17.64
CA SER C 55 -2.55 3.35 -18.17
C SER C 55 -2.19 3.37 -19.66
N LEU C 56 -1.24 2.52 -20.05
CA LEU C 56 -0.87 2.34 -21.46
C LEU C 56 -2.01 1.70 -22.24
N ARG C 57 -2.40 0.50 -21.80
CA ARG C 57 -3.39 -0.31 -22.53
C ARG C 57 -4.72 0.43 -22.76
N MET C 58 -5.15 1.21 -21.77
CA MET C 58 -6.35 2.04 -21.92
C MET C 58 -6.13 3.15 -22.95
N LYS C 59 -4.97 3.82 -22.88
CA LYS C 59 -4.65 4.89 -23.85
C LYS C 59 -4.55 4.37 -25.28
N TRP C 60 -3.97 3.18 -25.43
CA TRP C 60 -3.95 2.48 -26.72
C TRP C 60 -5.37 2.12 -27.14
N ALA C 61 -6.03 1.27 -26.35
CA ALA C 61 -7.36 0.72 -26.69
C ALA C 61 -8.42 1.78 -27.06
N MET C 62 -8.36 2.94 -26.43
CA MET C 62 -9.27 4.04 -26.75
C MET C 62 -9.12 4.61 -28.17
N CYS C 63 -7.96 4.40 -28.79
CA CYS C 63 -7.75 4.81 -30.19
C CYS C 63 -8.29 3.82 -31.23
N SER C 64 -8.64 2.60 -30.80
CA SER C 64 -9.27 1.61 -31.68
C SER C 64 -10.76 1.90 -31.88
N ASN C 65 -11.38 1.17 -32.80
CA ASN C 65 -12.77 1.39 -33.19
C ASN C 65 -13.77 0.92 -32.14
N PHE C 66 -13.66 -0.35 -31.74
CA PHE C 66 -14.64 -1.00 -30.86
C PHE C 66 -13.97 -1.68 -29.64
N PRO C 67 -13.51 -0.88 -28.66
CA PRO C 67 -12.78 -1.43 -27.51
C PRO C 67 -13.65 -1.92 -26.35
N LEU C 68 -14.82 -1.32 -26.18
CA LEU C 68 -15.73 -1.69 -25.10
C LEU C 68 -16.45 -2.99 -25.42
N ALA C 69 -16.65 -3.82 -24.39
CA ALA C 69 -17.49 -5.01 -24.46
C ALA C 69 -18.84 -4.71 -23.83
N LEU C 70 -19.85 -5.48 -24.21
CA LEU C 70 -21.23 -5.24 -23.83
C LEU C 70 -21.86 -6.53 -23.31
N THR C 71 -22.94 -6.42 -22.55
CA THR C 71 -23.63 -7.57 -21.95
C THR C 71 -24.75 -8.03 -22.89
N LYS C 72 -24.84 -9.34 -23.09
CA LYS C 72 -25.85 -9.92 -23.99
C LYS C 72 -27.23 -9.80 -23.36
N GLY C 73 -27.98 -8.78 -23.76
CA GLY C 73 -29.32 -8.52 -23.23
C GLY C 73 -30.18 -7.66 -24.15
N ASP C 74 -31.46 -7.54 -23.77
CA ASP C 74 -32.46 -6.76 -24.54
C ASP C 74 -32.09 -5.28 -24.63
N MET C 75 -31.50 -4.74 -23.57
CA MET C 75 -31.08 -3.33 -23.53
C MET C 75 -29.91 -3.07 -24.47
N ALA C 76 -28.92 -3.96 -24.47
CA ALA C 76 -27.81 -3.89 -25.43
C ALA C 76 -28.30 -3.86 -26.88
N ASN C 77 -29.35 -4.62 -27.16
CA ASN C 77 -29.97 -4.65 -28.50
C ASN C 77 -30.72 -3.36 -28.84
N ARG C 78 -31.13 -2.59 -27.83
CA ARG C 78 -31.79 -1.29 -28.05
C ARG C 78 -30.84 -0.19 -28.53
N ILE C 79 -29.53 -0.40 -28.37
CA ILE C 79 -28.52 0.47 -28.99
C ILE C 79 -28.45 0.13 -30.49
N PRO C 80 -28.55 1.15 -31.38
CA PRO C 80 -28.43 0.86 -32.81
C PRO C 80 -26.97 0.61 -33.23
N LEU C 81 -26.81 -0.01 -34.41
CA LEU C 81 -25.48 -0.34 -34.94
C LEU C 81 -24.70 0.92 -35.36
N GLU C 82 -25.40 1.88 -35.97
CA GLU C 82 -24.81 3.19 -36.27
C GLU C 82 -25.78 4.34 -36.04
N TYR C 83 -25.20 5.55 -35.95
CA TYR C 83 -25.95 6.78 -35.71
C TYR C 83 -25.25 7.93 -36.42
N LYS C 84 -25.98 8.62 -37.31
CA LYS C 84 -25.45 9.75 -38.10
C LYS C 84 -24.10 9.45 -38.78
N GLY C 85 -23.91 8.20 -39.23
CA GLY C 85 -22.66 7.76 -39.82
C GLY C 85 -21.68 7.08 -38.87
N ILE C 86 -21.75 7.39 -37.58
CA ILE C 86 -20.82 6.83 -36.60
C ILE C 86 -21.27 5.43 -36.20
N GLN C 87 -20.36 4.46 -36.32
CA GLN C 87 -20.62 3.08 -35.88
C GLN C 87 -20.58 3.00 -34.36
N LEU C 88 -21.70 2.64 -33.74
CA LEU C 88 -21.80 2.57 -32.28
C LEU C 88 -21.32 1.21 -31.76
N LYS C 89 -21.80 0.14 -32.40
CA LYS C 89 -21.39 -1.22 -32.06
C LYS C 89 -21.17 -2.08 -33.31
N THR C 90 -20.58 -3.25 -33.09
CA THR C 90 -20.34 -4.23 -34.17
C THR C 90 -21.00 -5.57 -33.82
N ASN C 91 -21.38 -6.32 -34.86
CA ASN C 91 -22.00 -7.65 -34.68
C ASN C 91 -21.05 -8.69 -34.06
N ALA C 92 -19.74 -8.45 -34.16
CA ALA C 92 -18.73 -9.29 -33.53
C ALA C 92 -18.91 -9.39 -32.01
N GLU C 93 -19.02 -10.62 -31.52
CA GLU C 93 -19.21 -10.88 -30.09
C GLU C 93 -17.89 -10.79 -29.33
N ASP C 94 -17.96 -10.43 -28.05
CA ASP C 94 -16.81 -10.47 -27.16
C ASP C 94 -16.65 -11.89 -26.62
N ILE C 95 -15.42 -12.28 -26.32
CA ILE C 95 -15.12 -13.63 -25.82
C ILE C 95 -15.74 -13.87 -24.44
N GLY C 96 -15.50 -12.95 -23.51
CA GLY C 96 -15.96 -13.10 -22.13
C GLY C 96 -17.45 -12.85 -21.94
N THR C 97 -17.93 -11.72 -22.44
CA THR C 97 -19.31 -11.27 -22.20
C THR C 97 -20.35 -11.83 -23.17
N LYS C 98 -19.90 -12.46 -24.26
CA LYS C 98 -20.79 -12.97 -25.32
C LYS C 98 -21.72 -11.88 -25.91
N GLY C 99 -21.25 -10.63 -25.91
CA GLY C 99 -22.06 -9.48 -26.34
C GLY C 99 -21.37 -8.68 -27.42
N GLN C 100 -22.18 -7.92 -28.15
CA GLN C 100 -21.71 -7.08 -29.26
C GLN C 100 -20.71 -6.03 -28.78
N MET C 101 -19.47 -6.11 -29.27
CA MET C 101 -18.44 -5.11 -28.94
C MET C 101 -18.85 -3.74 -29.50
N CYS C 102 -18.44 -2.68 -28.79
CA CYS C 102 -18.87 -1.31 -29.12
C CYS C 102 -17.79 -0.25 -28.91
N SER C 103 -18.10 0.96 -29.39
CA SER C 103 -17.24 2.13 -29.24
C SER C 103 -17.71 2.98 -28.07
N ILE C 104 -16.82 3.83 -27.58
CA ILE C 104 -17.15 4.81 -26.53
C ILE C 104 -18.27 5.81 -26.93
N ALA C 105 -18.50 5.96 -28.25
CA ALA C 105 -19.65 6.71 -28.75
C ALA C 105 -21.00 6.13 -28.29
N ALA C 106 -21.07 4.80 -28.14
CA ALA C 106 -22.28 4.12 -27.67
C ALA C 106 -22.69 4.57 -26.25
N VAL C 107 -21.70 4.77 -25.39
CA VAL C 107 -21.90 5.25 -24.02
C VAL C 107 -22.57 6.62 -24.07
N THR C 108 -22.03 7.53 -24.89
CA THR C 108 -22.57 8.87 -25.06
C THR C 108 -23.96 8.83 -25.71
N TRP C 109 -24.13 7.98 -26.73
CA TRP C 109 -25.45 7.82 -27.35
C TRP C 109 -26.49 7.32 -26.34
N TRP C 110 -26.11 6.36 -25.50
CA TRP C 110 -27.02 5.88 -24.45
C TRP C 110 -27.43 7.03 -23.54
N ASN C 111 -26.45 7.80 -23.07
CA ASN C 111 -26.69 8.93 -22.17
C ASN C 111 -27.47 10.08 -22.83
N THR C 112 -27.32 10.27 -24.14
CA THR C 112 -28.01 11.35 -24.86
C THR C 112 -29.42 10.97 -25.36
N TYR C 113 -29.54 9.79 -25.96
CA TYR C 113 -30.79 9.35 -26.61
C TYR C 113 -31.33 7.98 -26.14
N GLY C 114 -30.74 7.40 -25.10
CA GLY C 114 -31.13 6.05 -24.65
C GLY C 114 -32.44 6.02 -23.87
N PRO C 115 -32.77 4.85 -23.27
CA PRO C 115 -33.96 4.74 -22.43
C PRO C 115 -33.76 5.38 -21.05
N ILE C 116 -34.83 5.95 -20.50
CA ILE C 116 -34.78 6.73 -19.26
C ILE C 116 -35.24 5.84 -18.10
N GLY C 117 -34.27 5.31 -17.34
CA GLY C 117 -34.53 4.36 -16.27
C GLY C 117 -35.10 4.92 -14.97
N ASP C 118 -35.20 4.04 -13.98
CA ASP C 118 -35.78 4.37 -12.68
C ASP C 118 -34.69 4.83 -11.71
N THR C 119 -34.75 6.11 -11.31
CA THR C 119 -33.80 6.70 -10.36
C THR C 119 -34.34 6.80 -8.92
N GLU C 120 -35.45 6.11 -8.63
CA GLU C 120 -36.10 6.17 -7.32
C GLU C 120 -35.36 5.22 -6.35
N GLY C 121 -34.92 5.77 -5.21
CA GLY C 121 -34.16 5.02 -4.20
C GLY C 121 -32.68 5.36 -4.16
N PHE C 122 -32.11 5.69 -5.31
CA PHE C 122 -30.68 6.05 -5.49
C PHE C 122 -30.08 6.85 -4.32
N GLU C 123 -30.75 7.93 -3.95
CA GLU C 123 -30.30 8.82 -2.85
C GLU C 123 -30.20 8.08 -1.52
N ARG C 124 -31.17 7.21 -1.24
CA ARG C 124 -31.16 6.38 -0.03
C ARG C 124 -30.17 5.21 -0.12
N VAL C 125 -29.98 4.67 -1.34
CA VAL C 125 -28.98 3.61 -1.57
C VAL C 125 -27.57 4.14 -1.32
N TYR C 126 -27.24 5.25 -1.99
CA TYR C 126 -25.93 5.90 -1.86
C TYR C 126 -25.89 7.00 -0.77
N GLU C 127 -26.68 6.81 0.29
CA GLU C 127 -26.80 7.79 1.39
C GLU C 127 -25.42 8.25 1.88
N SER C 128 -24.59 7.28 2.25
CA SER C 128 -23.24 7.51 2.80
C SER C 128 -22.46 8.60 2.08
N PHE C 129 -22.53 8.63 0.75
CA PHE C 129 -21.83 9.65 -0.04
C PHE C 129 -22.51 11.01 0.06
N PHE C 130 -23.83 11.05 -0.03
CA PHE C 130 -24.57 12.33 0.01
C PHE C 130 -24.37 13.11 1.31
N LEU C 131 -24.11 12.39 2.39
CA LEU C 131 -23.80 13.02 3.68
C LEU C 131 -22.40 13.66 3.70
N ARG C 132 -21.48 13.18 2.86
CA ARG C 132 -20.18 13.85 2.67
C ARG C 132 -20.37 15.21 1.98
N LYS C 133 -21.25 15.24 0.99
CA LYS C 133 -21.65 16.50 0.33
C LYS C 133 -22.43 17.38 1.31
N MET C 134 -23.31 16.77 2.10
CA MET C 134 -24.03 17.49 3.16
C MET C 134 -23.07 18.12 4.19
N ARG C 135 -22.02 17.39 4.54
CA ARG C 135 -20.97 17.89 5.44
C ARG C 135 -20.03 18.94 4.81
N LEU C 136 -20.10 19.15 3.49
CA LEU C 136 -19.35 20.23 2.82
C LEU C 136 -20.25 21.45 2.54
N ASP C 137 -21.47 21.20 2.08
CA ASP C 137 -22.43 22.27 1.73
C ASP C 137 -22.86 23.06 2.97
N ASN C 138 -23.28 22.35 4.01
CA ASN C 138 -23.70 22.99 5.27
C ASN C 138 -22.53 23.61 6.04
N ALA C 139 -21.32 23.12 5.81
CA ALA C 139 -20.10 23.58 6.51
C ALA C 139 -19.76 25.06 6.27
N THR C 140 -18.88 25.56 7.13
CA THR C 140 -18.33 26.92 7.02
C THR C 140 -16.83 26.92 7.34
N TRP C 141 -16.11 27.84 6.71
CA TRP C 141 -14.66 27.94 6.81
C TRP C 141 -14.25 29.18 7.60
N GLY C 142 -13.03 29.17 8.12
CA GLY C 142 -12.47 30.28 8.91
C GLY C 142 -11.24 30.87 8.25
N ARG C 143 -10.26 31.25 9.07
CA ARG C 143 -9.04 31.90 8.58
C ARG C 143 -7.92 30.92 8.24
N ILE C 144 -7.27 31.16 7.10
CA ILE C 144 -5.95 30.57 6.81
C ILE C 144 -4.90 31.25 7.68
N THR C 145 -3.93 30.49 8.17
CA THR C 145 -2.83 31.03 8.98
C THR C 145 -1.52 30.31 8.69
N PHE C 146 -0.51 31.06 8.26
CA PHE C 146 0.79 30.51 7.89
C PHE C 146 1.71 30.48 9.09
N GLY C 147 2.37 29.34 9.30
CA GLY C 147 3.22 29.14 10.47
C GLY C 147 3.43 27.65 10.72
N PRO C 148 4.54 27.28 11.39
CA PRO C 148 4.90 25.86 11.54
C PRO C 148 3.84 25.01 12.24
N VAL C 149 3.72 23.76 11.82
CA VAL C 149 2.76 22.81 12.40
C VAL C 149 3.42 21.44 12.53
N GLU C 150 3.51 20.95 13.76
CA GLU C 150 3.85 19.55 14.01
C GLU C 150 2.64 18.72 13.61
N ARG C 151 2.87 17.68 12.82
CA ARG C 151 1.83 16.77 12.42
C ARG C 151 2.25 15.36 12.82
N VAL C 152 1.43 14.73 13.67
CA VAL C 152 1.76 13.46 14.31
C VAL C 152 1.08 12.32 13.56
N ARG C 153 1.80 11.20 13.45
CA ARG C 153 1.34 10.04 12.69
C ARG C 153 0.56 9.10 13.61
N LYS C 154 -0.73 8.96 13.36
CA LYS C 154 -1.63 8.18 14.23
C LYS C 154 -2.80 7.57 13.47
N ARG C 155 -3.15 6.32 13.79
CA ARG C 155 -4.28 5.62 13.17
C ARG C 155 -5.59 6.33 13.47
N VAL C 156 -6.38 6.60 12.43
CA VAL C 156 -7.64 7.33 12.55
C VAL C 156 -8.69 6.82 11.57
N LEU C 157 -9.96 7.05 11.91
CA LEU C 157 -11.09 6.67 11.07
C LEU C 157 -11.20 7.61 9.87
N LEU C 158 -11.21 7.05 8.67
CA LEU C 158 -11.20 7.86 7.44
C LEU C 158 -12.56 8.45 7.08
N ASN C 159 -13.63 7.67 7.28
CA ASN C 159 -14.99 8.12 7.01
C ASN C 159 -15.93 7.76 8.16
N PRO C 160 -16.85 8.69 8.52
CA PRO C 160 -17.74 8.47 9.66
C PRO C 160 -18.85 7.46 9.37
N LEU C 161 -19.02 6.48 10.26
CA LEU C 161 -19.92 5.35 10.05
C LEU C 161 -21.28 5.58 10.71
N THR C 162 -22.28 4.82 10.26
CA THR C 162 -23.62 4.87 10.86
C THR C 162 -23.63 4.15 12.20
N LYS C 163 -23.08 2.94 12.21
CA LYS C 163 -22.92 2.15 13.43
C LYS C 163 -21.73 1.20 13.27
N GLU C 164 -20.71 1.36 14.11
CA GLU C 164 -19.47 0.59 13.97
C GLU C 164 -19.65 -0.85 14.45
N MET C 165 -19.09 -1.79 13.68
CA MET C 165 -19.19 -3.22 13.96
C MET C 165 -17.90 -3.92 13.50
N PRO C 166 -17.59 -5.11 14.05
CA PRO C 166 -16.53 -5.94 13.46
C PRO C 166 -16.90 -6.46 12.05
N PRO C 167 -15.89 -6.94 11.28
CA PRO C 167 -16.12 -7.41 9.91
C PRO C 167 -17.20 -8.49 9.79
N ASP C 168 -17.23 -9.43 10.74
CA ASP C 168 -18.22 -10.50 10.77
C ASP C 168 -19.62 -9.98 11.12
N GLU C 169 -19.69 -9.12 12.13
CA GLU C 169 -20.97 -8.57 12.60
C GLU C 169 -21.67 -7.74 11.53
N ALA C 170 -20.92 -6.83 10.91
CA ALA C 170 -21.43 -6.04 9.78
C ALA C 170 -21.90 -6.92 8.62
N SER C 171 -21.10 -7.94 8.30
CA SER C 171 -21.43 -8.91 7.25
C SER C 171 -22.73 -9.67 7.57
N ASN C 172 -22.82 -10.17 8.79
CA ASN C 172 -24.04 -10.85 9.25
C ASN C 172 -25.28 -9.94 9.24
N VAL C 173 -25.09 -8.66 9.58
CA VAL C 173 -26.16 -7.66 9.47
C VAL C 173 -26.55 -7.45 8.00
N ILE C 174 -25.55 -7.23 7.15
CA ILE C 174 -25.77 -7.09 5.69
C ILE C 174 -26.59 -8.29 5.19
N MET C 175 -26.10 -9.50 5.46
CA MET C 175 -26.80 -10.73 5.07
C MET C 175 -28.29 -10.71 5.44
N GLU C 176 -28.61 -10.26 6.64
CA GLU C 176 -30.00 -10.16 7.09
C GLU C 176 -30.82 -9.13 6.30
N ILE C 177 -30.16 -8.05 5.87
CA ILE C 177 -30.82 -6.99 5.10
C ILE C 177 -31.17 -7.45 3.69
N LEU C 178 -30.20 -8.05 2.99
CA LEU C 178 -30.33 -8.36 1.56
C LEU C 178 -30.64 -9.84 1.24
N PHE C 179 -30.02 -10.78 1.97
CA PHE C 179 -30.13 -12.21 1.68
C PHE C 179 -30.55 -13.00 2.92
N PRO C 180 -31.81 -12.82 3.38
CA PRO C 180 -32.22 -13.39 4.67
C PRO C 180 -32.23 -14.92 4.74
N LYS C 181 -32.60 -15.57 3.64
CA LYS C 181 -32.69 -17.03 3.59
C LYS C 181 -31.33 -17.72 3.70
N GLU C 182 -30.31 -17.11 3.09
CA GLU C 182 -28.95 -17.67 3.07
C GLU C 182 -28.07 -17.20 4.26
N ALA C 183 -28.62 -16.38 5.15
CA ALA C 183 -27.90 -15.91 6.35
C ALA C 183 -27.31 -17.02 7.22
N GLY C 184 -28.03 -18.13 7.35
CA GLY C 184 -27.57 -19.29 8.12
C GLY C 184 -27.91 -19.24 9.61
N ILE C 185 -26.92 -19.49 10.46
CA ILE C 185 -27.13 -19.54 11.91
C ILE C 185 -27.18 -18.12 12.46
N PRO C 186 -28.26 -17.76 13.20
CA PRO C 186 -28.28 -16.43 13.83
C PRO C 186 -27.32 -16.31 15.01
N ARG C 187 -26.75 -15.12 15.20
CA ARG C 187 -25.89 -14.82 16.36
C ARG C 187 -26.62 -13.85 17.28
N GLU C 188 -25.94 -13.36 18.32
CA GLU C 188 -26.47 -12.28 19.16
C GLU C 188 -26.71 -11.01 18.35
N SER C 189 -25.75 -10.68 17.48
CA SER C 189 -25.83 -9.53 16.57
C SER C 189 -27.14 -9.40 15.79
N THR C 190 -27.76 -10.54 15.47
CA THR C 190 -29.11 -10.58 14.88
C THR C 190 -30.09 -9.72 15.69
N TRP C 191 -30.08 -9.90 17.01
CA TRP C 191 -30.97 -9.15 17.91
C TRP C 191 -30.51 -7.70 18.13
N ILE C 192 -29.21 -7.49 18.30
CA ILE C 192 -28.65 -6.22 18.78
C ILE C 192 -28.98 -5.04 17.84
N HIS C 193 -28.92 -5.29 16.54
CA HIS C 193 -29.11 -4.24 15.52
C HIS C 193 -30.46 -4.36 14.78
N ARG C 194 -31.41 -5.09 15.39
CA ARG C 194 -32.76 -5.28 14.82
C ARG C 194 -33.45 -4.01 14.31
N GLU C 195 -33.21 -2.89 15.01
CA GLU C 195 -33.75 -1.59 14.58
C GLU C 195 -33.09 -1.09 13.28
N LEU C 196 -31.78 -1.28 13.17
CA LEU C 196 -31.03 -0.89 11.96
C LEU C 196 -31.42 -1.71 10.74
N ILE C 197 -31.61 -3.02 10.94
CA ILE C 197 -32.00 -3.94 9.86
C ILE C 197 -33.40 -3.60 9.36
N LYS C 198 -34.34 -3.44 10.30
CA LYS C 198 -35.71 -3.00 9.99
C LYS C 198 -35.73 -1.66 9.25
N GLU C 199 -34.87 -0.73 9.67
CA GLU C 199 -34.76 0.58 9.00
C GLU C 199 -34.21 0.44 7.59
N LYS C 200 -33.08 -0.25 7.46
CA LYS C 200 -32.42 -0.43 6.16
C LYS C 200 -33.24 -1.25 5.16
N ARG C 201 -33.95 -2.28 5.63
CA ARG C 201 -34.83 -3.06 4.75
C ARG C 201 -36.05 -2.24 4.27
N GLU C 202 -36.56 -1.36 5.11
CA GLU C 202 -37.61 -0.42 4.71
C GLU C 202 -37.09 0.68 3.79
N LYS C 203 -35.86 1.16 4.05
CA LYS C 203 -35.22 2.17 3.19
C LYS C 203 -34.84 1.64 1.81
N LEU C 204 -34.23 0.46 1.76
CA LEU C 204 -33.77 -0.15 0.50
C LEU C 204 -34.79 -1.11 -0.11
N LYS C 205 -36.06 -0.73 -0.12
CA LYS C 205 -37.15 -1.60 -0.57
C LYS C 205 -37.47 -1.35 -2.03
N GLY C 206 -37.79 -0.10 -2.37
CA GLY C 206 -38.21 0.28 -3.71
C GLY C 206 -37.15 0.31 -4.80
N THR C 207 -35.87 0.26 -4.43
CA THR C 207 -34.76 0.38 -5.40
C THR C 207 -34.65 -0.83 -6.33
N MET C 208 -34.23 -0.55 -7.57
CA MET C 208 -34.00 -1.57 -8.61
C MET C 208 -32.54 -2.03 -8.67
N ILE C 209 -31.65 -1.38 -7.91
CA ILE C 209 -30.20 -1.56 -8.05
C ILE C 209 -29.76 -2.94 -7.54
N THR C 210 -28.72 -3.48 -8.16
CA THR C 210 -28.20 -4.83 -7.89
C THR C 210 -27.80 -5.02 -6.42
N PRO C 211 -28.12 -6.19 -5.83
CA PRO C 211 -27.72 -6.51 -4.46
C PRO C 211 -26.24 -6.29 -4.15
N ILE C 212 -25.36 -6.84 -4.99
CA ILE C 212 -23.90 -6.70 -4.82
C ILE C 212 -23.43 -5.24 -4.66
N VAL C 213 -24.13 -4.31 -5.32
CA VAL C 213 -23.89 -2.88 -5.13
C VAL C 213 -24.38 -2.46 -3.75
N LEU C 214 -25.61 -2.83 -3.41
CA LEU C 214 -26.23 -2.46 -2.13
C LEU C 214 -25.40 -2.91 -0.94
N ALA C 215 -24.91 -4.16 -1.00
CA ALA C 215 -24.04 -4.74 0.03
C ALA C 215 -22.70 -4.00 0.16
N TYR C 216 -22.17 -3.49 -0.96
CA TYR C 216 -20.96 -2.66 -0.94
C TYR C 216 -21.18 -1.33 -0.21
N MET C 217 -22.32 -0.68 -0.48
CA MET C 217 -22.64 0.61 0.15
C MET C 217 -22.96 0.51 1.64
N LEU C 218 -23.54 -0.61 2.06
CA LEU C 218 -23.72 -0.89 3.50
C LEU C 218 -22.37 -1.06 4.18
N GLU C 219 -21.55 -1.94 3.61
CA GLU C 219 -20.20 -2.23 4.12
C GLU C 219 -19.38 -0.96 4.40
N ARG C 220 -19.51 0.06 3.53
CA ARG C 220 -18.87 1.35 3.76
C ARG C 220 -19.44 2.08 4.97
N GLU C 221 -20.77 2.09 5.09
CA GLU C 221 -21.45 2.76 6.22
C GLU C 221 -21.61 1.87 7.48
N LEU C 222 -20.96 0.70 7.51
CA LEU C 222 -20.87 -0.13 8.72
C LEU C 222 -19.43 -0.49 9.10
N VAL C 223 -18.68 -1.11 8.18
CA VAL C 223 -17.30 -1.52 8.46
C VAL C 223 -16.36 -0.30 8.47
N ALA C 224 -15.40 -0.31 9.40
CA ALA C 224 -14.54 0.85 9.65
C ALA C 224 -13.31 0.86 8.75
N ARG C 225 -13.01 2.04 8.20
CA ARG C 225 -11.76 2.29 7.47
C ARG C 225 -10.81 3.06 8.39
N ARG C 226 -9.86 2.35 8.99
CA ARG C 226 -8.87 2.95 9.89
C ARG C 226 -7.47 2.77 9.33
N ARG C 227 -6.79 3.89 9.07
CA ARG C 227 -5.39 3.87 8.61
C ARG C 227 -4.60 5.05 9.18
N PHE C 228 -3.27 4.94 9.14
CA PHE C 228 -2.37 5.97 9.66
C PHE C 228 -2.32 7.19 8.74
N LEU C 229 -2.37 8.38 9.36
CA LEU C 229 -2.28 9.66 8.67
C LEU C 229 -1.57 10.68 9.56
N PRO C 230 -1.01 11.75 8.96
CA PRO C 230 -0.47 12.84 9.75
C PRO C 230 -1.59 13.80 10.18
N VAL C 231 -1.73 14.00 11.50
CA VAL C 231 -2.82 14.82 12.06
C VAL C 231 -2.31 15.81 13.11
N ALA C 232 -3.12 16.83 13.39
CA ALA C 232 -2.78 17.89 14.34
C ALA C 232 -4.02 18.72 14.70
N GLY C 233 -4.58 18.48 15.89
CA GLY C 233 -5.74 19.21 16.38
C GLY C 233 -7.06 18.49 16.18
N ALA C 234 -7.29 17.97 14.96
CA ALA C 234 -8.51 17.24 14.61
C ALA C 234 -8.23 15.75 14.38
N THR C 235 -8.96 14.90 15.11
CA THR C 235 -8.91 13.44 14.97
C THR C 235 -10.24 12.83 14.46
N SER C 236 -11.35 13.56 14.61
CA SER C 236 -12.69 13.07 14.24
C SER C 236 -12.81 12.80 12.74
N ALA C 237 -13.49 11.71 12.39
CA ALA C 237 -13.61 11.25 10.99
C ALA C 237 -14.15 12.31 10.03
N GLU C 238 -15.15 13.07 10.49
CA GLU C 238 -15.71 14.20 9.71
C GLU C 238 -14.71 15.33 9.45
N PHE C 239 -13.63 15.39 10.22
CA PHE C 239 -12.45 16.20 9.89
C PHE C 239 -11.42 15.41 9.07
N ILE C 240 -11.17 14.15 9.43
CA ILE C 240 -10.18 13.31 8.74
C ILE C 240 -10.43 13.24 7.23
N GLU C 241 -11.71 13.17 6.82
CA GLU C 241 -12.08 13.21 5.39
C GLU C 241 -11.66 14.51 4.68
N MET C 242 -11.67 15.62 5.42
CA MET C 242 -11.25 16.93 4.92
C MET C 242 -9.77 17.27 5.20
N LEU C 243 -9.04 16.37 5.86
CA LEU C 243 -7.65 16.60 6.33
C LEU C 243 -6.76 17.41 5.37
N HIS C 244 -6.72 16.99 4.12
CA HIS C 244 -5.97 17.68 3.05
C HIS C 244 -6.14 19.21 2.99
N CYS C 245 -7.34 19.71 3.30
CA CYS C 245 -7.63 21.15 3.37
C CYS C 245 -7.52 21.79 4.76
N LEU C 246 -7.17 21.00 5.79
CA LEU C 246 -7.13 21.50 7.19
C LEU C 246 -5.76 22.01 7.60
N GLN C 247 -4.72 21.27 7.24
CA GLN C 247 -3.37 21.54 7.73
C GLN C 247 -2.29 21.00 6.80
N GLY C 248 -1.27 21.82 6.57
CA GLY C 248 -0.03 21.40 5.91
C GLY C 248 1.12 21.69 6.84
N GLU C 249 2.29 21.14 6.51
CA GLU C 249 3.49 21.27 7.35
C GLU C 249 3.86 22.73 7.71
N ASN C 250 3.44 23.68 6.89
CA ASN C 250 3.71 25.12 7.11
C ASN C 250 2.45 26.02 7.13
N TRP C 251 1.25 25.44 7.27
CA TRP C 251 0.02 26.25 7.34
C TRP C 251 -1.14 25.58 8.07
N ARG C 252 -2.12 26.41 8.46
CA ARG C 252 -3.31 25.98 9.20
C ARG C 252 -4.56 26.60 8.57
N GLN C 253 -5.64 25.83 8.56
CA GLN C 253 -6.94 26.28 8.04
C GLN C 253 -8.06 25.86 9.00
N ILE C 254 -8.91 26.81 9.36
CA ILE C 254 -10.03 26.58 10.27
C ILE C 254 -11.26 26.14 9.45
N TYR C 255 -11.90 25.06 9.90
CA TYR C 255 -13.01 24.43 9.18
C TYR C 255 -14.06 23.95 10.18
N HIS C 256 -15.34 24.11 9.82
CA HIS C 256 -16.46 23.72 10.68
C HIS C 256 -17.44 22.86 9.86
N PRO C 257 -17.41 21.52 10.04
CA PRO C 257 -18.31 20.65 9.27
C PRO C 257 -19.78 20.76 9.73
N GLY C 258 -20.69 20.35 8.85
CA GLY C 258 -22.14 20.50 9.07
C GLY C 258 -22.82 19.30 9.67
N GLY C 259 -24.15 19.30 9.59
CA GLY C 259 -24.98 18.23 10.15
C GLY C 259 -25.08 18.33 11.66
N ASN C 260 -24.61 17.29 12.36
CA ASN C 260 -24.53 17.26 13.82
C ASN C 260 -23.21 16.67 14.27
N LYS C 261 -22.82 16.96 15.51
CA LYS C 261 -21.60 16.42 16.12
C LYS C 261 -21.92 15.65 17.40
N LEU C 262 -21.07 14.67 17.70
CA LEU C 262 -21.27 13.76 18.82
C LEU C 262 -20.92 14.43 20.16
N THR C 263 -21.55 13.96 21.24
CA THR C 263 -21.34 14.52 22.58
C THR C 263 -20.03 14.05 23.22
N GLU C 264 -19.70 12.77 23.06
CA GLU C 264 -18.41 12.21 23.52
C GLU C 264 -17.22 12.86 22.80
N SER C 265 -17.33 13.03 21.49
CA SER C 265 -16.31 13.72 20.68
C SER C 265 -16.01 15.13 21.19
N ARG C 266 -17.04 15.82 21.70
CA ARG C 266 -16.89 17.15 22.28
C ARG C 266 -16.15 17.15 23.63
N SER C 267 -16.17 16.04 24.36
CA SER C 267 -15.45 15.94 25.65
C SER C 267 -13.96 15.69 25.45
N GLN C 268 -13.64 14.65 24.66
CA GLN C 268 -12.25 14.31 24.30
C GLN C 268 -11.46 15.52 23.83
N SER C 269 -12.10 16.37 23.04
CA SER C 269 -11.53 17.66 22.67
C SER C 269 -11.42 18.56 23.89
N MET C 270 -12.54 18.78 24.58
CA MET C 270 -12.64 19.68 25.74
C MET C 270 -11.57 19.44 26.81
N ILE C 271 -11.19 18.19 27.02
CA ILE C 271 -10.14 17.85 27.99
C ILE C 271 -8.79 18.46 27.60
N VAL C 272 -8.37 18.21 26.36
CA VAL C 272 -7.03 18.61 25.91
C VAL C 272 -6.92 20.14 25.82
N ALA C 273 -8.03 20.82 25.55
CA ALA C 273 -8.11 22.28 25.57
C ALA C 273 -7.75 22.83 26.94
N CYS C 274 -8.37 22.29 27.98
CA CYS C 274 -8.06 22.67 29.36
C CYS C 274 -6.63 22.28 29.70
N ARG C 275 -6.32 21.00 29.49
CA ARG C 275 -4.98 20.44 29.79
C ARG C 275 -3.81 21.30 29.32
N LYS C 276 -3.95 21.93 28.16
CA LYS C 276 -2.91 22.82 27.61
C LYS C 276 -2.96 24.24 28.20
N ILE C 277 -4.16 24.72 28.51
CA ILE C 277 -4.32 26.04 29.18
C ILE C 277 -3.60 26.01 30.53
N ILE C 278 -3.78 24.93 31.27
CA ILE C 278 -3.09 24.73 32.55
C ILE C 278 -1.59 24.53 32.31
N ARG C 279 -1.23 23.64 31.38
CA ARG C 279 0.18 23.34 31.07
C ARG C 279 0.98 24.57 30.63
N ARG C 280 0.31 25.51 29.97
CA ARG C 280 0.92 26.79 29.61
C ARG C 280 1.02 27.72 30.83
N SER C 281 -0.13 27.99 31.45
CA SER C 281 -0.27 29.05 32.46
C SER C 281 0.55 28.89 33.76
N ILE C 282 1.04 27.67 34.03
CA ILE C 282 1.82 27.39 35.25
C ILE C 282 3.12 28.21 35.34
N VAL C 283 3.87 28.31 34.24
CA VAL C 283 5.20 28.93 34.27
C VAL C 283 5.13 30.45 34.42
N ALA C 284 4.18 31.06 33.71
CA ALA C 284 3.90 32.49 33.85
C ALA C 284 3.26 32.77 35.22
N SER C 285 3.63 33.90 35.83
CA SER C 285 3.10 34.27 37.14
C SER C 285 1.65 34.73 37.03
N ASN C 286 0.93 34.59 38.15
CA ASN C 286 -0.53 34.73 38.21
C ASN C 286 -1.26 33.72 37.27
N PRO C 287 -0.95 32.41 37.42
CA PRO C 287 -1.53 31.35 36.56
C PRO C 287 -3.04 31.40 36.35
N LEU C 288 -3.80 31.84 37.34
CA LEU C 288 -5.25 32.02 37.19
C LEU C 288 -5.57 33.08 36.14
N GLU C 289 -4.88 34.22 36.23
CA GLU C 289 -5.18 35.37 35.37
C GLU C 289 -4.90 35.11 33.88
N LEU C 290 -3.86 34.31 33.59
CA LEU C 290 -3.55 33.91 32.22
C LEU C 290 -4.52 32.83 31.71
N ALA C 291 -4.82 31.86 32.58
CA ALA C 291 -5.78 30.80 32.28
C ALA C 291 -7.18 31.34 32.01
N VAL C 292 -7.63 32.31 32.80
CA VAL C 292 -8.92 32.99 32.57
C VAL C 292 -8.93 33.71 31.23
N GLU C 293 -7.85 34.45 30.94
CA GLU C 293 -7.67 35.19 29.67
C GLU C 293 -7.84 34.28 28.46
N ILE C 294 -7.18 33.12 28.49
CA ILE C 294 -7.26 32.14 27.39
C ILE C 294 -8.64 31.47 27.39
N ALA C 295 -9.01 30.90 28.53
CA ALA C 295 -10.27 30.15 28.67
C ALA C 295 -11.53 30.94 28.28
N ASN C 296 -11.52 32.26 28.51
CA ASN C 296 -12.62 33.12 28.05
C ASN C 296 -12.76 33.19 26.52
N LYS C 297 -11.68 32.92 25.79
CA LYS C 297 -11.66 33.04 24.33
C LYS C 297 -11.14 31.80 23.58
N THR C 298 -11.16 30.63 24.23
CA THR C 298 -10.92 29.35 23.55
C THR C 298 -12.19 28.87 22.85
N VAL C 299 -12.01 28.15 21.74
CA VAL C 299 -13.14 27.61 20.97
C VAL C 299 -12.89 26.15 20.59
N ILE C 300 -13.90 25.32 20.83
CA ILE C 300 -13.97 23.95 20.36
C ILE C 300 -14.92 23.95 19.16
N ASP C 301 -14.34 23.72 17.97
CA ASP C 301 -15.06 23.73 16.69
C ASP C 301 -15.87 25.02 16.48
N THR C 302 -17.09 25.07 17.02
CA THR C 302 -17.90 26.29 17.08
C THR C 302 -18.14 26.77 18.52
N GLU C 303 -18.37 25.84 19.45
CA GLU C 303 -18.76 26.19 20.83
C GLU C 303 -17.57 26.67 21.65
N PRO C 304 -17.75 27.72 22.48
CA PRO C 304 -16.67 28.14 23.38
C PRO C 304 -16.50 27.18 24.57
N LEU C 305 -15.28 27.12 25.10
CA LEU C 305 -14.94 26.24 26.23
C LEU C 305 -15.81 26.49 27.46
N LYS C 306 -16.21 27.75 27.66
CA LYS C 306 -17.15 28.14 28.72
C LYS C 306 -18.48 27.40 28.59
N SER C 307 -19.06 27.41 27.39
CA SER C 307 -20.35 26.77 27.14
C SER C 307 -20.25 25.24 27.15
N CYS C 308 -19.15 24.70 26.63
CA CYS C 308 -18.92 23.24 26.59
C CYS C 308 -18.82 22.64 27.99
N LEU C 309 -17.99 23.24 28.83
CA LEU C 309 -17.84 22.83 30.23
C LEU C 309 -19.15 22.96 31.03
N ALA C 310 -19.97 23.94 30.67
CA ALA C 310 -21.28 24.15 31.30
C ALA C 310 -22.28 23.07 30.90
N ALA C 311 -22.38 22.79 29.61
CA ALA C 311 -23.31 21.79 29.08
C ALA C 311 -22.89 20.36 29.40
N ILE C 312 -21.60 20.05 29.24
CA ILE C 312 -21.09 18.69 29.46
C ILE C 312 -20.95 18.37 30.95
N ASP C 313 -21.58 17.28 31.37
CA ASP C 313 -21.46 16.75 32.73
C ASP C 313 -20.40 15.65 32.73
N GLY C 314 -19.15 16.03 32.47
CA GLY C 314 -18.04 15.08 32.36
C GLY C 314 -16.72 15.74 32.72
N GLY C 315 -15.73 15.60 31.84
CA GLY C 315 -14.41 16.19 32.06
C GLY C 315 -13.59 15.49 33.12
N ASP C 316 -12.35 15.97 33.30
CA ASP C 316 -11.40 15.44 34.27
C ASP C 316 -10.91 16.54 35.24
N VAL C 317 -9.80 16.26 35.94
CA VAL C 317 -9.14 17.20 36.87
C VAL C 317 -8.97 18.58 36.22
N ALA C 318 -8.36 18.60 35.04
CA ALA C 318 -8.10 19.83 34.28
C ALA C 318 -9.38 20.60 33.96
N CYS C 319 -10.39 19.90 33.46
CA CYS C 319 -11.71 20.49 33.19
C CYS C 319 -12.33 21.11 34.44
N ASP C 320 -12.26 20.40 35.57
CA ASP C 320 -12.78 20.93 36.83
C ASP C 320 -12.07 22.20 37.30
N ILE C 321 -10.74 22.21 37.19
CA ILE C 321 -9.94 23.38 37.59
C ILE C 321 -10.32 24.62 36.78
N ILE C 322 -10.50 24.45 35.47
CA ILE C 322 -10.92 25.55 34.60
C ILE C 322 -12.39 25.92 34.83
N ARG C 323 -13.25 24.90 35.01
CA ARG C 323 -14.65 25.09 35.42
C ARG C 323 -14.74 25.97 36.66
N ALA C 324 -13.89 25.70 37.64
CA ALA C 324 -13.79 26.55 38.82
C ALA C 324 -13.26 27.93 38.44
N ALA C 325 -12.09 27.94 37.80
CA ALA C 325 -11.39 29.19 37.42
C ALA C 325 -12.28 30.21 36.69
N LEU C 326 -13.13 29.72 35.79
CA LEU C 326 -14.15 30.56 35.16
C LEU C 326 -15.32 30.81 36.11
N GLY C 327 -15.79 29.75 36.77
CA GLY C 327 -16.95 29.81 37.66
C GLY C 327 -17.96 28.73 37.31
N LEU C 328 -18.86 28.44 38.25
CA LEU C 328 -19.89 27.38 38.18
C LEU C 328 -19.35 26.01 38.63
N LYS C 329 -20.30 25.11 38.93
CA LYS C 329 -20.05 23.81 39.58
C LYS C 329 -19.02 22.95 38.86
N ILE C 330 -18.35 22.09 39.62
CA ILE C 330 -17.32 21.18 39.11
C ILE C 330 -17.73 19.73 39.34
N ARG C 331 -17.93 18.98 38.25
CA ARG C 331 -18.33 17.57 38.34
C ARG C 331 -17.09 16.70 38.45
N GLN C 332 -16.83 16.19 39.65
CA GLN C 332 -15.67 15.32 39.89
C GLN C 332 -15.97 13.91 39.39
N ARG C 333 -15.92 13.72 38.07
CA ARG C 333 -16.24 12.44 37.43
C ARG C 333 -15.03 11.88 36.68
N GLN C 334 -14.93 10.55 36.68
CA GLN C 334 -13.88 9.82 35.98
C GLN C 334 -14.54 8.77 35.09
N ARG C 335 -14.31 8.89 33.78
CA ARG C 335 -14.83 7.93 32.79
C ARG C 335 -13.73 6.97 32.38
N PHE C 336 -13.87 5.71 32.77
CA PHE C 336 -12.94 4.65 32.41
C PHE C 336 -13.58 3.83 31.27
N GLY C 337 -13.73 4.49 30.12
CA GLY C 337 -14.38 3.91 28.96
C GLY C 337 -15.88 3.70 29.17
N ARG C 338 -16.27 2.46 29.47
CA ARG C 338 -17.66 2.12 29.77
C ARG C 338 -18.09 2.61 31.14
N LEU C 339 -17.21 2.46 32.13
CA LEU C 339 -17.48 2.91 33.51
C LEU C 339 -17.56 4.44 33.59
N GLU C 340 -18.45 4.93 34.45
CA GLU C 340 -18.58 6.36 34.72
C GLU C 340 -18.69 6.59 36.22
N LEU C 341 -17.73 7.32 36.80
CA LEU C 341 -17.61 7.47 38.25
C LEU C 341 -17.99 8.85 38.75
N LYS C 342 -18.09 8.94 40.08
CA LYS C 342 -18.21 10.22 40.78
C LYS C 342 -17.64 10.07 42.20
N ARG C 343 -16.83 11.05 42.61
CA ARG C 343 -16.04 10.97 43.83
C ARG C 343 -16.90 11.30 45.06
N ILE C 344 -16.94 10.40 46.04
CA ILE C 344 -17.66 10.63 47.28
C ILE C 344 -16.70 11.26 48.30
N SER C 345 -15.61 10.54 48.58
CA SER C 345 -14.57 11.00 49.50
C SER C 345 -13.25 10.29 49.24
N GLY C 346 -12.18 10.86 49.81
CA GLY C 346 -10.81 10.39 49.57
C GLY C 346 -10.17 11.15 48.42
N ARG C 347 -8.84 11.16 48.41
CA ARG C 347 -8.06 11.89 47.41
C ARG C 347 -6.79 11.11 47.03
N GLY C 348 -6.83 10.49 45.86
CA GLY C 348 -5.71 9.67 45.36
C GLY C 348 -4.57 10.47 44.79
N PHE C 349 -3.43 9.80 44.65
CA PHE C 349 -2.21 10.39 44.07
C PHE C 349 -1.49 9.36 43.20
N LYS C 350 -1.23 9.71 41.94
CA LYS C 350 -0.67 8.79 40.95
C LYS C 350 0.81 8.51 41.23
N ASN C 351 1.24 7.26 41.03
CA ASN C 351 2.62 6.82 41.25
C ASN C 351 3.00 5.71 40.26
N ASP C 352 4.12 5.91 39.55
CA ASP C 352 4.58 4.98 38.52
C ASP C 352 5.44 3.86 39.13
N GLU C 353 4.96 2.62 39.04
CA GLU C 353 5.68 1.44 39.55
C GLU C 353 5.75 0.33 38.50
N GLU C 354 6.83 -0.46 38.57
CA GLU C 354 7.03 -1.62 37.68
C GLU C 354 6.21 -2.81 38.19
N ILE C 355 5.09 -3.11 37.53
CA ILE C 355 4.17 -4.17 37.95
C ILE C 355 4.24 -5.40 37.03
N LEU C 356 4.64 -6.54 37.60
CA LEU C 356 4.67 -7.83 36.91
C LEU C 356 3.24 -8.32 36.69
N ILE C 357 2.91 -8.72 35.46
CA ILE C 357 1.59 -9.28 35.13
C ILE C 357 1.65 -10.82 35.00
N GLY C 358 0.49 -11.44 34.86
CA GLY C 358 0.34 -12.91 34.87
C GLY C 358 1.10 -13.72 33.84
N ASN C 359 1.19 -13.21 32.61
CA ASN C 359 1.90 -13.93 31.52
C ASN C 359 3.43 -13.99 31.69
N GLY C 360 3.99 -13.06 32.46
CA GLY C 360 5.43 -13.00 32.77
C GLY C 360 6.15 -11.82 32.16
N THR C 361 5.55 -10.64 32.27
CA THR C 361 6.13 -9.39 31.77
C THR C 361 5.89 -8.26 32.77
N ILE C 362 6.78 -7.27 32.76
CA ILE C 362 6.77 -6.16 33.70
C ILE C 362 6.62 -4.85 32.91
N GLN C 363 5.51 -4.15 33.11
CA GLN C 363 5.21 -2.90 32.39
C GLN C 363 4.83 -1.80 33.39
N LYS C 364 5.29 -0.58 33.12
CA LYS C 364 5.10 0.56 34.03
C LYS C 364 3.65 1.05 34.03
N ILE C 365 3.04 1.08 35.21
CA ILE C 365 1.65 1.54 35.39
C ILE C 365 1.63 2.60 36.49
N GLY C 366 0.83 3.65 36.29
CA GLY C 366 0.66 4.72 37.27
C GLY C 366 -0.33 4.34 38.36
N ILE C 367 0.18 3.79 39.45
CA ILE C 367 -0.66 3.27 40.54
C ILE C 367 -1.24 4.38 41.41
N TRP C 368 -2.52 4.23 41.77
CA TRP C 368 -3.22 5.17 42.64
C TRP C 368 -3.15 4.75 44.10
N ASP C 369 -2.65 5.65 44.95
CA ASP C 369 -2.43 5.38 46.38
C ASP C 369 -3.54 6.00 47.23
N GLY C 370 -3.63 5.54 48.49
CA GLY C 370 -4.61 6.07 49.44
C GLY C 370 -6.00 5.50 49.28
N GLU C 371 -6.77 5.53 50.37
CA GLU C 371 -8.14 4.97 50.39
C GLU C 371 -9.15 5.98 49.85
N GLU C 372 -10.17 5.47 49.15
CA GLU C 372 -11.15 6.31 48.45
C GLU C 372 -12.54 5.69 48.33
N GLU C 373 -13.50 6.55 47.98
CA GLU C 373 -14.92 6.18 47.84
C GLU C 373 -15.50 6.78 46.54
N PHE C 374 -15.98 5.91 45.65
CA PHE C 374 -16.60 6.36 44.39
C PHE C 374 -18.02 5.83 44.21
N HIS C 375 -18.77 6.47 43.32
CA HIS C 375 -20.15 6.10 43.01
C HIS C 375 -20.24 5.59 41.56
N VAL C 376 -20.12 4.27 41.40
CA VAL C 376 -19.99 3.66 40.05
C VAL C 376 -21.28 3.65 39.25
N ARG C 377 -21.15 3.45 37.94
CA ARG C 377 -22.29 3.34 37.02
C ARG C 377 -21.89 2.65 35.72
N CYS C 378 -22.76 1.78 35.21
CA CYS C 378 -22.53 1.06 33.95
C CYS C 378 -23.85 0.77 33.23
N GLY C 379 -24.29 1.73 32.42
CA GLY C 379 -25.53 1.62 31.65
C GLY C 379 -26.76 1.70 32.53
N GLU C 380 -27.35 0.53 32.81
CA GLU C 380 -28.51 0.42 33.69
C GLU C 380 -28.10 0.17 35.15
N CYS C 381 -27.08 -0.69 35.34
CA CYS C 381 -26.63 -1.06 36.68
C CYS C 381 -25.90 0.08 37.40
N ARG C 382 -26.05 0.12 38.72
CA ARG C 382 -25.46 1.15 39.58
C ARG C 382 -24.77 0.52 40.80
N GLY C 383 -23.91 1.31 41.45
CA GLY C 383 -23.21 0.86 42.66
C GLY C 383 -22.31 1.89 43.32
N ILE C 384 -21.67 1.47 44.42
CA ILE C 384 -20.74 2.31 45.20
C ILE C 384 -19.45 1.51 45.46
N LEU C 385 -18.32 2.08 45.04
CA LEU C 385 -17.00 1.42 45.12
C LEU C 385 -16.12 2.01 46.22
N LYS C 386 -15.35 1.14 46.89
CA LYS C 386 -14.32 1.55 47.85
C LYS C 386 -13.04 0.76 47.59
N LYS C 387 -11.90 1.45 47.62
CA LYS C 387 -10.60 0.81 47.38
C LYS C 387 -9.47 1.45 48.18
N SER C 388 -8.39 0.68 48.32
CA SER C 388 -7.09 1.18 48.81
C SER C 388 -6.03 0.84 47.75
N LYS C 389 -4.77 1.20 48.00
CA LYS C 389 -3.69 0.96 47.04
C LYS C 389 -3.58 -0.51 46.65
N MET C 390 -3.93 -0.81 45.40
CA MET C 390 -3.91 -2.17 44.84
C MET C 390 -4.79 -3.18 45.58
N LYS C 391 -6.00 -2.75 45.94
CA LYS C 391 -6.98 -3.62 46.60
C LYS C 391 -8.38 -3.03 46.54
N LEU C 392 -9.33 -3.81 46.01
CA LEU C 392 -10.76 -3.46 46.06
C LEU C 392 -11.28 -3.85 47.43
N GLU C 393 -11.92 -2.91 48.12
CA GLU C 393 -12.41 -3.13 49.48
C GLU C 393 -13.91 -3.48 49.51
N LYS C 394 -14.73 -2.66 48.85
CA LYS C 394 -16.19 -2.87 48.81
C LYS C 394 -16.78 -2.57 47.44
N LEU C 395 -17.92 -3.21 47.15
CA LEU C 395 -18.67 -2.99 45.92
C LEU C 395 -20.15 -3.31 46.13
N LEU C 396 -20.92 -2.28 46.50
CA LEU C 396 -22.34 -2.40 46.81
C LEU C 396 -23.20 -2.06 45.59
N ILE C 397 -23.34 -3.04 44.68
CA ILE C 397 -24.04 -2.83 43.40
C ILE C 397 -25.51 -3.24 43.46
N ASN C 398 -26.34 -2.62 42.60
CA ASN C 398 -27.76 -2.95 42.49
C ASN C 398 -28.00 -4.05 41.46
N SER C 399 -29.20 -4.64 41.49
CA SER C 399 -29.59 -5.70 40.56
C SER C 399 -30.03 -5.13 39.22
N ALA C 400 -29.52 -5.72 38.14
CA ALA C 400 -29.83 -5.29 36.77
C ALA C 400 -29.64 -6.46 35.79
N LYS C 401 -29.36 -6.19 34.51
CA LYS C 401 -29.07 -7.26 33.54
C LYS C 401 -27.75 -7.97 33.85
N LYS C 402 -27.67 -9.23 33.44
CA LYS C 402 -26.45 -10.04 33.65
C LYS C 402 -25.21 -9.40 33.04
N GLU C 403 -25.34 -8.92 31.81
CA GLU C 403 -24.22 -8.24 31.11
C GLU C 403 -23.82 -6.90 31.78
N ASP C 404 -24.80 -6.16 32.27
CA ASP C 404 -24.55 -4.88 32.95
C ASP C 404 -23.96 -5.10 34.35
N MET C 405 -24.39 -6.15 35.04
CA MET C 405 -23.82 -6.53 36.33
C MET C 405 -22.42 -7.15 36.20
N ARG C 406 -22.24 -8.03 35.22
CA ARG C 406 -20.96 -8.70 34.98
C ARG C 406 -19.86 -7.73 34.59
N ASP C 407 -20.15 -6.84 33.64
CA ASP C 407 -19.15 -5.88 33.14
C ASP C 407 -18.79 -4.80 34.16
N LEU C 408 -19.75 -4.40 35.00
CA LEU C 408 -19.49 -3.45 36.09
C LEU C 408 -18.55 -4.03 37.15
N ILE C 409 -18.65 -5.33 37.41
CA ILE C 409 -17.73 -6.02 38.33
C ILE C 409 -16.31 -6.11 37.72
N ILE C 410 -16.22 -6.36 36.42
CA ILE C 410 -14.95 -6.41 35.69
C ILE C 410 -14.30 -5.02 35.62
N LEU C 411 -15.11 -4.00 35.34
CA LEU C 411 -14.64 -2.60 35.32
C LEU C 411 -14.09 -2.17 36.68
N CYS C 412 -14.80 -2.51 37.76
CA CYS C 412 -14.38 -2.17 39.13
C CYS C 412 -13.14 -2.96 39.60
N MET C 413 -12.99 -4.19 39.14
CA MET C 413 -11.83 -5.04 39.49
C MET C 413 -10.53 -4.51 38.89
N VAL C 414 -10.58 -4.13 37.61
CA VAL C 414 -9.41 -3.58 36.91
C VAL C 414 -9.08 -2.22 37.52
N PHE C 415 -10.08 -1.34 37.56
CA PHE C 415 -9.97 -0.01 38.19
C PHE C 415 -9.17 -0.07 39.48
N SER C 416 -9.64 -0.89 40.43
CA SER C 416 -8.98 -1.04 41.74
C SER C 416 -7.47 -1.37 41.72
N GLN C 417 -6.94 -1.85 40.57
CA GLN C 417 -5.52 -2.20 40.40
C GLN C 417 -5.10 -3.30 41.38
N ASP C 418 -6.02 -4.22 41.65
CA ASP C 418 -5.83 -5.27 42.66
C ASP C 418 -4.69 -6.18 42.25
N THR C 419 -3.94 -6.68 43.24
CA THR C 419 -2.86 -7.65 42.99
C THR C 419 -3.39 -8.99 42.46
N ARG C 420 -4.63 -9.34 42.83
CA ARG C 420 -5.31 -10.53 42.30
C ARG C 420 -5.67 -10.42 40.81
N MET C 421 -5.99 -9.20 40.36
CA MET C 421 -6.30 -8.93 38.94
C MET C 421 -5.09 -9.09 38.02
N PHE C 422 -3.94 -8.54 38.46
CA PHE C 422 -2.69 -8.61 37.69
C PHE C 422 -2.11 -10.03 37.55
N GLN C 423 -2.37 -10.91 38.52
CA GLN C 423 -1.89 -12.30 38.46
C GLN C 423 -2.63 -13.17 37.43
N GLY C 424 -3.83 -12.77 37.03
CA GLY C 424 -4.63 -13.51 36.04
C GLY C 424 -4.63 -12.95 34.62
N VAL C 425 -3.55 -12.28 34.24
CA VAL C 425 -3.38 -11.75 32.87
C VAL C 425 -2.53 -12.74 32.09
N ARG C 426 -3.12 -13.91 31.80
CA ARG C 426 -2.42 -15.01 31.17
C ARG C 426 -2.96 -15.25 29.76
N GLY C 427 -2.07 -15.14 28.77
CA GLY C 427 -2.45 -15.07 27.36
C GLY C 427 -1.83 -13.80 26.80
N GLU C 428 -0.71 -13.95 26.10
CA GLU C 428 0.15 -12.81 25.71
C GLU C 428 -0.56 -11.76 24.84
N ILE C 429 -1.13 -10.76 25.52
CA ILE C 429 -1.76 -9.59 24.89
C ILE C 429 -1.21 -8.34 25.60
N ASN C 430 -0.10 -7.80 25.07
CA ASN C 430 0.62 -6.66 25.66
C ASN C 430 0.22 -5.33 25.02
N PHE C 431 0.65 -4.23 25.63
CA PHE C 431 0.31 -2.85 25.18
C PHE C 431 1.53 -2.09 24.64
N LEU C 432 1.83 -2.37 23.36
CA LEU C 432 2.89 -1.69 22.61
C LEU C 432 2.52 -1.76 21.13
N ASN C 433 2.22 -0.60 20.53
CA ASN C 433 1.68 -0.55 19.16
C ASN C 433 2.70 -0.96 18.09
N ARG C 434 2.18 -1.57 17.02
CA ARG C 434 2.94 -1.98 15.84
C ARG C 434 3.94 -0.92 15.33
N ALA C 435 3.56 0.35 15.42
CA ALA C 435 4.40 1.49 15.03
C ALA C 435 5.33 2.03 16.13
N GLY C 436 5.61 1.24 17.18
CA GLY C 436 6.58 1.63 18.20
C GLY C 436 6.12 2.78 19.08
N GLN C 437 4.92 2.63 19.65
CA GLN C 437 4.32 3.62 20.52
C GLN C 437 3.43 2.92 21.55
N LEU C 438 3.63 3.21 22.84
CA LEU C 438 2.94 2.47 23.91
C LEU C 438 1.48 2.90 24.05
N LEU C 439 0.59 1.90 24.16
CA LEU C 439 -0.83 2.15 24.43
C LEU C 439 -1.02 2.35 25.93
N SER C 440 -2.21 2.85 26.32
CA SER C 440 -2.51 3.13 27.72
C SER C 440 -2.68 1.82 28.51
N PRO C 441 -1.82 1.54 29.51
CA PRO C 441 -1.84 0.24 30.22
C PRO C 441 -3.19 -0.16 30.82
N MET C 442 -3.86 0.79 31.47
CA MET C 442 -5.11 0.51 32.18
C MET C 442 -6.28 0.17 31.25
N TYR C 443 -6.39 0.91 30.15
CA TYR C 443 -7.47 0.68 29.17
C TYR C 443 -7.33 -0.66 28.44
N GLN C 444 -6.10 -1.04 28.10
CA GLN C 444 -5.82 -2.34 27.49
C GLN C 444 -6.10 -3.53 28.42
N LEU C 445 -5.93 -3.32 29.73
CA LEU C 445 -6.35 -4.31 30.74
C LEU C 445 -7.87 -4.49 30.79
N GLN C 446 -8.62 -3.43 30.50
CA GLN C 446 -10.10 -3.51 30.43
C GLN C 446 -10.56 -4.39 29.27
N ARG C 447 -10.03 -4.13 28.08
CA ARG C 447 -10.43 -4.86 26.85
C ARG C 447 -10.09 -6.36 26.92
N TYR C 448 -8.97 -6.69 27.57
CA TYR C 448 -8.56 -8.08 27.81
C TYR C 448 -9.57 -8.82 28.69
N PHE C 449 -9.85 -8.26 29.87
CA PHE C 449 -10.72 -8.90 30.86
C PHE C 449 -12.23 -8.82 30.58
N LEU C 450 -12.64 -7.99 29.63
CA LEU C 450 -14.07 -7.90 29.26
C LEU C 450 -14.53 -9.16 28.51
N ASN C 451 -13.67 -9.65 27.61
CA ASN C 451 -13.93 -10.87 26.85
C ASN C 451 -13.42 -12.10 27.62
N ARG C 452 -12.15 -12.07 27.99
CA ARG C 452 -11.51 -13.17 28.73
C ARG C 452 -11.62 -12.93 30.25
N SER C 453 -12.81 -13.20 30.80
CA SER C 453 -13.12 -12.96 32.22
C SER C 453 -12.99 -14.18 33.13
N ASN C 454 -12.80 -15.38 32.56
CA ASN C 454 -12.70 -16.61 33.36
C ASN C 454 -11.50 -16.63 34.30
N ASP C 455 -10.37 -16.05 33.87
CA ASP C 455 -9.17 -15.93 34.71
C ASP C 455 -9.41 -15.00 35.89
N LEU C 456 -10.10 -13.88 35.61
CA LEU C 456 -10.36 -12.83 36.62
C LEU C 456 -11.13 -13.35 37.82
N PHE C 457 -12.24 -14.05 37.56
CA PHE C 457 -13.10 -14.60 38.62
C PHE C 457 -12.42 -15.75 39.37
N ASP C 458 -11.67 -16.58 38.64
CA ASP C 458 -10.91 -17.68 39.24
C ASP C 458 -9.77 -17.20 40.14
N GLN C 459 -9.00 -16.23 39.64
CA GLN C 459 -7.86 -15.68 40.40
C GLN C 459 -8.25 -14.71 41.53
N TRP C 460 -9.52 -14.29 41.58
CA TRP C 460 -10.00 -13.35 42.61
C TRP C 460 -10.19 -14.04 43.96
N GLY C 461 -11.02 -15.09 43.97
CA GLY C 461 -11.37 -15.81 45.20
C GLY C 461 -12.77 -15.47 45.67
N TYR C 462 -13.37 -16.38 46.44
CA TYR C 462 -14.75 -16.27 46.90
C TYR C 462 -14.84 -16.33 48.43
N GLU C 463 -16.00 -15.96 48.96
CA GLU C 463 -16.24 -15.96 50.42
C GLU C 463 -17.74 -16.06 50.76
N GLU C 464 -18.08 -15.95 52.04
CA GLU C 464 -19.47 -16.01 52.50
C GLU C 464 -20.29 -14.80 52.03
N SER C 465 -21.54 -15.06 51.64
CA SER C 465 -22.48 -14.00 51.25
C SER C 465 -22.98 -13.25 52.49
N PRO C 466 -23.46 -12.00 52.30
CA PRO C 466 -24.01 -11.23 53.42
C PRO C 466 -25.40 -11.75 53.83
N LYS C 467 -25.60 -11.91 55.14
CA LYS C 467 -26.83 -12.47 55.71
C LYS C 467 -27.72 -11.40 56.37
N ALA C 468 -27.70 -10.19 55.83
CA ALA C 468 -28.58 -9.11 56.30
C ALA C 468 -29.92 -9.17 55.56
N SER C 469 -30.86 -8.34 56.00
CA SER C 469 -32.22 -8.31 55.44
C SER C 469 -32.28 -7.79 53.99
N GLU C 470 -31.43 -6.81 53.67
CA GLU C 470 -31.39 -6.19 52.33
C GLU C 470 -30.18 -6.60 51.47
N LEU C 471 -29.19 -7.26 52.07
CA LEU C 471 -27.94 -7.62 51.39
C LEU C 471 -27.92 -9.10 50.98
N HIS C 472 -27.48 -9.36 49.74
CA HIS C 472 -27.31 -10.73 49.22
C HIS C 472 -26.03 -10.81 48.37
N GLY C 473 -25.70 -12.01 47.90
CA GLY C 473 -24.48 -12.24 47.10
C GLY C 473 -24.72 -13.00 45.82
N ILE C 474 -23.78 -12.87 44.87
CA ILE C 474 -23.87 -13.53 43.55
C ILE C 474 -22.55 -14.22 43.15
N ASN C 475 -22.68 -15.32 42.42
CA ASN C 475 -21.53 -16.16 42.03
C ASN C 475 -21.01 -15.78 40.61
N GLU C 476 -20.15 -16.63 40.04
CA GLU C 476 -19.57 -16.41 38.70
C GLU C 476 -20.60 -16.26 37.58
N SER C 477 -21.67 -17.06 37.66
CA SER C 477 -22.74 -17.05 36.65
C SER C 477 -23.72 -15.87 36.74
N MET C 478 -23.54 -14.99 37.72
CA MET C 478 -24.37 -13.79 37.94
C MET C 478 -25.82 -14.15 38.31
N ASN C 479 -25.94 -15.01 39.32
CA ASN C 479 -27.21 -15.39 39.92
C ASN C 479 -27.05 -15.39 41.44
N ALA C 480 -28.16 -15.24 42.16
CA ALA C 480 -28.16 -15.19 43.63
C ALA C 480 -27.57 -16.46 44.23
N SER C 481 -26.52 -16.32 45.04
CA SER C 481 -25.74 -17.46 45.51
C SER C 481 -25.09 -17.23 46.87
N ASP C 482 -24.67 -18.32 47.50
CA ASP C 482 -24.05 -18.31 48.83
C ASP C 482 -22.56 -17.95 48.75
N TYR C 483 -21.86 -18.55 47.79
CA TYR C 483 -20.43 -18.28 47.59
C TYR C 483 -20.26 -17.09 46.64
N THR C 484 -20.21 -15.89 47.22
CA THR C 484 -20.02 -14.64 46.46
C THR C 484 -18.54 -14.26 46.32
N LEU C 485 -18.27 -13.36 45.38
CA LEU C 485 -16.91 -12.92 45.07
C LEU C 485 -16.30 -12.07 46.20
N LYS C 486 -15.04 -12.35 46.51
CA LYS C 486 -14.36 -11.79 47.67
C LYS C 486 -14.37 -10.25 47.67
N GLY C 487 -15.37 -9.69 48.36
CA GLY C 487 -15.58 -8.24 48.43
C GLY C 487 -16.62 -7.71 47.44
N VAL C 488 -17.67 -8.50 47.18
CA VAL C 488 -18.81 -8.06 46.34
C VAL C 488 -20.13 -8.33 47.07
N VAL C 489 -21.02 -7.33 47.06
CA VAL C 489 -22.33 -7.40 47.74
C VAL C 489 -23.42 -6.82 46.83
N VAL C 490 -24.57 -7.49 46.78
CA VAL C 490 -25.74 -7.05 46.00
C VAL C 490 -26.87 -6.64 46.96
N THR C 491 -27.02 -5.33 47.16
CA THR C 491 -28.08 -4.76 48.01
C THR C 491 -29.34 -4.43 47.19
N ARG C 492 -30.46 -4.27 47.90
CA ARG C 492 -31.74 -3.87 47.28
C ARG C 492 -31.94 -2.34 47.22
N ASN C 493 -31.23 -1.60 48.08
CA ASN C 493 -31.36 -0.15 48.17
C ASN C 493 -30.44 0.55 47.16
N VAL C 494 -30.99 1.49 46.39
CA VAL C 494 -30.23 2.24 45.39
C VAL C 494 -29.40 3.33 46.08
N LYS C 505 -19.81 24.39 47.72
CA LYS C 505 -19.04 25.38 46.97
C LYS C 505 -17.53 25.26 47.19
N VAL C 506 -16.76 25.79 46.25
CA VAL C 506 -15.29 25.71 46.26
C VAL C 506 -14.71 27.03 45.75
N SER C 507 -13.49 27.36 46.17
CA SER C 507 -12.74 28.52 45.67
C SER C 507 -11.39 28.08 45.11
N ILE C 508 -10.72 28.99 44.39
CA ILE C 508 -9.48 28.68 43.64
C ILE C 508 -8.33 29.64 43.99
N THR C 509 -7.11 29.08 44.03
CA THR C 509 -5.90 29.82 44.38
C THR C 509 -5.32 30.56 43.18
N LYS C 510 -4.25 31.32 43.42
CA LYS C 510 -3.42 31.90 42.36
C LYS C 510 -2.73 30.79 41.56
N ASN C 511 -2.24 29.76 42.27
CA ASN C 511 -1.52 28.65 41.63
C ASN C 511 -2.44 27.45 41.25
N LEU C 512 -3.71 27.73 40.99
CA LEU C 512 -4.65 26.78 40.37
C LEU C 512 -4.93 25.50 41.18
N SER C 513 -5.21 25.69 42.46
CA SER C 513 -5.61 24.60 43.36
C SER C 513 -6.98 24.94 43.94
N LEU C 514 -7.89 23.97 43.94
CA LEU C 514 -9.26 24.19 44.42
C LEU C 514 -9.38 23.83 45.90
N ILE C 515 -9.74 24.83 46.71
CA ILE C 515 -9.73 24.69 48.17
C ILE C 515 -11.16 24.68 48.71
N LYS C 516 -11.41 23.79 49.67
CA LYS C 516 -12.71 23.71 50.34
C LYS C 516 -12.80 24.85 51.36
N ARG C 517 -14.03 25.17 51.78
CA ARG C 517 -14.28 26.22 52.77
C ARG C 517 -13.52 26.02 54.09
N THR C 518 -13.26 24.76 54.45
CA THR C 518 -12.46 24.43 55.63
C THR C 518 -10.98 24.79 55.45
N GLY C 519 -10.38 24.29 54.38
CA GLY C 519 -8.94 24.44 54.15
C GLY C 519 -8.28 23.37 53.30
N GLU C 520 -8.85 22.16 53.27
CA GLU C 520 -8.33 21.07 52.43
C GLU C 520 -8.43 21.38 50.93
N VAL C 521 -7.50 20.84 50.15
CA VAL C 521 -7.44 21.07 48.70
C VAL C 521 -7.98 19.85 47.93
N ILE C 522 -9.10 20.04 47.24
CA ILE C 522 -9.80 18.93 46.57
C ILE C 522 -9.21 18.59 45.19
N MET C 523 -8.76 19.61 44.47
CA MET C 523 -8.10 19.45 43.17
C MET C 523 -6.82 20.27 43.16
N GLY C 524 -5.76 19.70 42.60
CA GLY C 524 -4.46 20.37 42.50
C GLY C 524 -4.00 20.49 41.05
N ALA C 525 -3.25 21.54 40.77
CA ALA C 525 -2.63 21.74 39.45
C ALA C 525 -1.67 20.60 39.12
N ASN C 526 -0.98 20.10 40.15
CA ASN C 526 -0.06 18.96 40.01
C ASN C 526 -0.79 17.64 39.69
N ASP C 527 -2.09 17.56 39.94
CA ASP C 527 -2.88 16.35 39.66
C ASP C 527 -3.26 16.12 38.19
N VAL C 528 -3.25 17.17 37.35
CA VAL C 528 -3.64 17.02 35.92
C VAL C 528 -2.63 16.14 35.16
N SER C 529 -3.15 15.33 34.23
CA SER C 529 -2.33 14.36 33.51
C SER C 529 -1.45 15.05 32.47
N GLU C 530 -0.20 14.58 32.36
CA GLU C 530 0.79 15.17 31.46
C GLU C 530 0.70 14.66 30.01
N LEU C 531 -0.21 13.72 29.73
CA LEU C 531 -0.44 13.23 28.36
C LEU C 531 -1.06 14.32 27.48
N GLU C 532 -0.22 14.96 26.67
CA GLU C 532 -0.64 16.01 25.74
C GLU C 532 -1.04 15.35 24.42
N SER C 533 -2.18 14.65 24.44
CA SER C 533 -2.65 13.84 23.32
C SER C 533 -3.36 14.69 22.25
N GLN C 534 -3.70 14.04 21.14
CA GLN C 534 -4.42 14.72 20.03
C GLN C 534 -5.89 14.95 20.39
N ALA C 535 -6.37 16.16 20.13
CA ALA C 535 -7.77 16.52 20.37
C ALA C 535 -8.66 15.98 19.25
N GLN C 536 -9.97 16.06 19.47
CA GLN C 536 -10.97 15.51 18.55
C GLN C 536 -11.40 16.54 17.50
N LEU C 537 -11.70 17.75 17.95
CA LEU C 537 -12.26 18.81 17.10
C LEU C 537 -11.29 19.99 17.00
N MET C 538 -11.65 21.01 16.22
CA MET C 538 -10.81 22.20 16.03
C MET C 538 -10.61 22.96 17.34
N ILE C 539 -9.36 22.97 17.81
CA ILE C 539 -8.99 23.58 19.09
C ILE C 539 -8.45 25.00 18.83
N THR C 540 -9.37 25.96 18.73
CA THR C 540 -9.03 27.34 18.35
C THR C 540 -8.81 28.22 19.59
N TYR C 541 -7.98 29.24 19.42
CA TYR C 541 -7.74 30.27 20.43
C TYR C 541 -8.00 31.63 19.79
N ASP C 542 -9.08 32.31 20.21
CA ASP C 542 -9.54 33.55 19.55
C ASP C 542 -8.62 34.75 19.81
N THR C 543 -7.87 34.74 20.90
CA THR C 543 -6.88 35.79 21.19
C THR C 543 -5.60 35.59 20.37
N PRO C 544 -4.80 36.66 20.21
CA PRO C 544 -3.48 36.51 19.57
C PRO C 544 -2.51 35.69 20.43
N LYS C 545 -1.35 35.40 19.85
CA LYS C 545 -0.35 34.50 20.45
C LYS C 545 -0.97 33.16 20.83
N MET C 546 -1.38 32.44 19.80
CA MET C 546 -2.04 31.14 19.92
C MET C 546 -0.97 30.05 20.07
N TRP C 547 0.08 30.17 19.25
CA TRP C 547 1.29 29.31 19.28
C TRP C 547 1.79 28.94 20.68
N GLU C 548 1.50 29.79 21.66
CA GLU C 548 1.85 29.55 23.06
C GLU C 548 1.20 28.28 23.64
N MET C 549 0.06 27.86 23.08
CA MET C 549 -0.51 26.51 23.34
C MET C 549 -0.28 25.63 22.11
N GLY C 550 0.97 25.20 21.94
CA GLY C 550 1.36 24.32 20.85
C GLY C 550 2.16 23.15 21.37
N THR C 551 2.99 22.56 20.51
CA THR C 551 3.93 21.50 20.88
C THR C 551 5.38 21.98 20.78
N THR C 552 6.27 21.16 21.36
CA THR C 552 7.69 21.49 21.48
C THR C 552 8.28 22.16 20.25
N LYS C 553 8.21 21.48 19.09
CA LYS C 553 8.78 22.02 17.86
C LYS C 553 8.04 23.26 17.32
N GLU C 554 6.74 23.39 17.64
CA GLU C 554 5.98 24.60 17.28
C GLU C 554 6.43 25.80 18.12
N LEU C 555 6.56 25.57 19.43
CA LEU C 555 6.99 26.63 20.36
C LEU C 555 8.47 27.02 20.17
N VAL C 556 9.34 26.02 20.09
CA VAL C 556 10.79 26.21 19.89
C VAL C 556 11.07 27.09 18.69
N GLN C 557 10.43 26.78 17.56
CA GLN C 557 10.61 27.53 16.32
C GLN C 557 10.12 28.97 16.51
N ASN C 558 8.81 29.13 16.75
CA ASN C 558 8.15 30.44 16.89
C ASN C 558 8.85 31.43 17.84
N THR C 559 9.50 30.89 18.87
CA THR C 559 10.35 31.70 19.76
C THR C 559 11.58 32.21 19.00
N TYR C 560 12.37 31.28 18.46
CA TYR C 560 13.58 31.65 17.69
C TYR C 560 13.28 32.54 16.48
N GLN C 561 12.08 32.39 15.89
CA GLN C 561 11.62 33.32 14.84
C GLN C 561 11.42 34.73 15.40
N TRP C 562 10.85 34.80 16.61
CA TRP C 562 10.65 36.07 17.31
C TRP C 562 11.97 36.70 17.81
N VAL C 563 12.95 35.87 18.17
CA VAL C 563 14.28 36.36 18.57
C VAL C 563 14.99 37.04 17.40
N LEU C 564 15.03 36.34 16.26
CA LEU C 564 15.61 36.91 15.03
C LEU C 564 14.82 38.11 14.49
N LYS C 565 13.50 38.12 14.73
CA LYS C 565 12.64 39.26 14.39
C LYS C 565 13.08 40.55 15.10
N ASN C 566 13.41 40.45 16.39
CA ASN C 566 13.78 41.61 17.21
C ASN C 566 15.27 41.67 17.62
N LEU C 567 16.10 40.84 16.99
CA LEU C 567 17.54 40.75 17.30
C LEU C 567 18.27 42.10 17.31
N VAL C 568 17.85 43.02 16.43
CA VAL C 568 18.40 44.38 16.40
C VAL C 568 18.19 45.09 17.74
N THR C 569 17.02 44.93 18.33
CA THR C 569 16.72 45.53 19.65
C THR C 569 17.34 44.68 20.75
N LEU C 570 17.07 43.37 20.72
CA LEU C 570 17.52 42.46 21.79
C LEU C 570 19.03 42.33 21.93
N LYS C 571 19.78 42.46 20.83
CA LYS C 571 21.25 42.44 20.89
C LYS C 571 21.82 43.76 21.44
N ALA C 572 21.15 44.87 21.15
CA ALA C 572 21.55 46.19 21.64
C ALA C 572 21.22 46.34 23.13
N GLN C 573 19.96 46.09 23.47
CA GLN C 573 19.48 46.18 24.86
C GLN C 573 20.12 45.15 25.82
N PHE C 574 20.80 44.15 25.28
CA PHE C 574 21.64 43.24 26.09
C PHE C 574 23.04 43.82 26.38
N LEU C 575 23.40 44.96 25.77
CA LEU C 575 24.67 45.62 26.04
C LEU C 575 24.47 47.01 26.70
N LEU C 576 23.30 47.21 27.33
CA LEU C 576 22.95 48.46 28.00
C LEU C 576 22.23 48.18 29.33
N GLY C 577 20.99 47.71 29.26
CA GLY C 577 20.26 47.24 30.44
C GLY C 577 20.72 45.83 30.78
N LYS C 578 21.09 45.60 32.04
CA LYS C 578 21.74 44.34 32.44
C LYS C 578 20.81 43.13 32.37
N GLU C 579 19.71 43.16 33.14
CA GLU C 579 18.74 42.05 33.20
C GLU C 579 17.32 42.55 33.00
N ASP C 580 17.13 43.45 32.04
CA ASP C 580 15.81 43.99 31.68
C ASP C 580 15.08 43.05 30.72
N MET C 581 15.80 42.61 29.69
CA MET C 581 15.24 41.82 28.58
C MET C 581 15.51 40.30 28.68
N PHE C 582 16.04 39.84 29.82
CA PHE C 582 16.16 38.39 30.07
C PHE C 582 14.79 37.70 30.16
N GLN C 583 13.79 38.42 30.67
CA GLN C 583 12.41 37.94 30.68
C GLN C 583 11.59 38.67 29.62
N TRP C 584 10.83 37.91 28.83
CA TRP C 584 9.94 38.45 27.80
C TRP C 584 8.70 37.57 27.60
N ASP C 585 7.59 38.22 27.20
CA ASP C 585 6.27 37.58 27.00
C ASP C 585 6.30 36.30 26.15
N ALA C 586 7.20 36.27 25.16
CA ALA C 586 7.40 35.08 24.33
C ALA C 586 8.10 33.93 25.06
N PHE C 587 9.07 34.26 25.92
CA PHE C 587 9.88 33.22 26.59
C PHE C 587 9.12 32.44 27.67
N GLU C 588 8.10 33.06 28.27
CA GLU C 588 7.18 32.37 29.19
C GLU C 588 6.63 31.08 28.60
N ALA C 589 6.17 31.17 27.36
CA ALA C 589 5.70 30.00 26.61
C ALA C 589 6.84 29.03 26.29
N PHE C 590 8.00 29.56 25.90
CA PHE C 590 9.18 28.72 25.66
C PHE C 590 9.56 27.89 26.87
N GLU C 591 9.51 28.49 28.06
CA GLU C 591 9.83 27.76 29.29
C GLU C 591 8.86 26.59 29.58
N SER C 592 7.60 26.73 29.20
CA SER C 592 6.59 25.68 29.44
C SER C 592 6.88 24.33 28.77
N ILE C 593 7.67 24.34 27.69
CA ILE C 593 8.16 23.08 27.08
C ILE C 593 9.56 22.64 27.57
N ILE C 594 10.09 23.35 28.57
CA ILE C 594 11.29 22.90 29.29
C ILE C 594 10.76 22.12 30.50
N PRO C 595 11.33 20.93 30.79
CA PRO C 595 10.89 20.21 31.98
C PRO C 595 11.31 20.96 33.25
N GLN C 596 10.31 21.45 34.00
CA GLN C 596 10.56 22.42 35.09
C GLN C 596 11.45 21.92 36.25
N LYS C 597 11.74 20.62 36.30
CA LYS C 597 12.81 20.12 37.18
C LYS C 597 14.22 20.62 36.81
N MET C 598 14.41 21.09 35.57
CA MET C 598 15.70 21.64 35.12
C MET C 598 15.67 23.13 34.72
N ALA C 599 14.50 23.74 34.61
CA ALA C 599 14.33 25.09 34.01
C ALA C 599 15.28 26.15 34.56
N GLY C 600 15.42 26.18 35.89
CA GLY C 600 16.36 27.07 36.57
C GLY C 600 17.81 26.75 36.29
N GLN C 601 18.13 25.45 36.24
CA GLN C 601 19.52 25.00 36.04
C GLN C 601 20.03 25.39 34.65
N TYR C 602 19.19 25.24 33.63
CA TYR C 602 19.48 25.73 32.28
C TYR C 602 19.56 27.25 32.25
N SER C 603 18.64 27.93 32.94
CA SER C 603 18.62 29.40 32.99
C SER C 603 19.80 30.00 33.76
N GLY C 604 20.42 29.23 34.65
CA GLY C 604 21.66 29.63 35.32
C GLY C 604 22.82 29.59 34.35
N PHE C 605 22.92 28.50 33.60
CA PHE C 605 23.91 28.33 32.54
C PHE C 605 23.77 29.36 31.43
N ALA C 606 22.54 29.57 30.99
CA ALA C 606 22.24 30.49 29.88
C ALA C 606 22.61 31.92 30.24
N ARG C 607 22.11 32.41 31.37
CA ARG C 607 22.43 33.76 31.85
C ARG C 607 23.94 33.97 32.10
N ALA C 608 24.64 32.92 32.54
CA ALA C 608 26.07 32.99 32.84
C ALA C 608 26.95 33.05 31.58
N VAL C 609 26.64 32.21 30.60
CA VAL C 609 27.39 32.18 29.33
C VAL C 609 27.13 33.43 28.49
N LEU C 610 25.88 33.92 28.48
CA LEU C 610 25.54 35.15 27.75
C LEU C 610 26.20 36.38 28.33
N LYS C 611 26.21 36.49 29.66
CA LYS C 611 26.89 37.61 30.35
C LYS C 611 28.41 37.58 30.17
N GLN C 612 28.96 36.38 29.97
CA GLN C 612 30.38 36.20 29.63
C GLN C 612 30.75 36.80 28.27
N MET C 613 29.80 36.82 27.34
CA MET C 613 29.96 37.48 26.03
C MET C 613 29.69 38.99 26.08
N ARG C 614 28.86 39.42 27.02
CA ARG C 614 28.57 40.83 27.27
C ARG C 614 29.75 41.52 27.96
N ASP C 615 30.15 40.97 29.11
CA ASP C 615 31.18 41.57 29.97
C ASP C 615 32.56 41.55 29.31
N GLN C 616 32.94 40.38 28.79
CA GLN C 616 34.17 40.25 28.00
C GLN C 616 33.86 40.50 26.53
N GLU C 617 34.88 40.55 25.70
CA GLU C 617 34.74 40.95 24.28
C GLU C 617 34.40 39.81 23.32
N VAL C 618 34.32 38.56 23.81
CA VAL C 618 34.23 37.38 22.94
C VAL C 618 32.75 37.02 22.66
N MET C 619 32.13 37.76 21.75
CA MET C 619 30.69 37.67 21.46
C MET C 619 30.40 36.71 20.29
N LYS C 620 29.28 36.00 20.40
CA LYS C 620 28.80 35.08 19.36
C LYS C 620 27.28 35.20 19.19
N THR C 621 26.85 35.68 18.03
CA THR C 621 25.43 35.98 17.77
C THR C 621 24.58 34.72 17.58
N ASP C 622 25.14 33.71 16.92
CA ASP C 622 24.48 32.40 16.80
C ASP C 622 24.23 31.73 18.17
N GLN C 623 25.23 31.82 19.06
CA GLN C 623 25.12 31.29 20.42
C GLN C 623 24.20 32.14 21.28
N PHE C 624 24.27 33.46 21.10
CA PHE C 624 23.35 34.40 21.77
C PHE C 624 21.87 34.03 21.52
N ILE C 625 21.52 33.94 20.24
CA ILE C 625 20.16 33.62 19.78
C ILE C 625 19.71 32.25 20.30
N LYS C 626 20.64 31.29 20.36
CA LYS C 626 20.36 29.94 20.86
C LYS C 626 19.91 29.93 22.33
N LEU C 627 20.65 30.66 23.17
CA LEU C 627 20.45 30.62 24.62
C LEU C 627 19.52 31.71 25.18
N LEU C 628 19.37 32.83 24.44
CA LEU C 628 18.50 33.94 24.91
C LEU C 628 17.07 33.56 25.39
N PRO C 629 16.42 32.57 24.73
CA PRO C 629 15.13 32.10 25.27
C PRO C 629 15.20 31.32 26.59
N PHE C 630 16.34 30.71 26.91
CA PHE C 630 16.49 29.94 28.16
C PHE C 630 16.61 30.79 29.43
N CYS C 631 16.78 32.12 29.28
CA CYS C 631 17.04 33.02 30.41
C CYS C 631 15.81 33.68 31.07
N PHE C 632 14.60 33.18 30.81
CA PHE C 632 13.41 33.71 31.50
C PHE C 632 13.39 33.27 32.96
N SER C 633 13.46 31.95 33.18
CA SER C 633 13.33 31.35 34.51
C SER C 633 14.37 31.92 35.49
N PRO C 634 13.96 32.23 36.74
CA PRO C 634 14.94 32.60 37.76
C PRO C 634 16.00 31.52 37.97
N PRO C 635 17.30 31.88 37.86
CA PRO C 635 18.37 30.89 37.79
C PRO C 635 18.62 30.14 39.10
N LYS C 636 19.10 28.91 38.97
CA LYS C 636 19.41 28.04 40.08
C LYS C 636 20.84 27.50 39.91
N LEU C 637 21.75 27.97 40.76
CA LEU C 637 23.17 27.69 40.65
C LEU C 637 23.55 26.54 41.59
N ARG C 638 24.83 26.16 41.58
CA ARG C 638 25.36 25.13 42.49
C ARG C 638 25.69 25.72 43.87
N SER C 639 26.07 24.85 44.79
CA SER C 639 26.57 25.24 46.11
C SER C 639 27.84 26.12 46.04
N ASN C 640 28.66 25.92 45.01
CA ASN C 640 29.87 26.73 44.79
C ASN C 640 29.56 28.18 44.45
N GLY C 641 28.57 28.39 43.57
CA GLY C 641 28.25 29.70 43.00
C GLY C 641 28.17 29.62 41.49
N GLU C 642 29.14 28.93 40.90
CA GLU C 642 29.14 28.57 39.47
C GLU C 642 27.85 27.84 39.04
N PRO C 643 27.38 28.06 37.79
CA PRO C 643 26.16 27.37 37.34
C PRO C 643 26.39 25.92 36.91
N TYR C 644 25.29 25.26 36.53
CA TYR C 644 25.34 23.90 36.00
C TYR C 644 25.81 23.94 34.54
N GLN C 645 26.76 23.08 34.18
CA GLN C 645 27.28 23.02 32.80
C GLN C 645 26.54 21.92 32.04
N PHE C 646 26.36 22.12 30.72
CA PHE C 646 25.56 21.22 29.89
C PHE C 646 26.17 20.92 28.51
N LEU C 647 25.86 19.74 27.98
CA LEU C 647 26.09 19.39 26.59
C LEU C 647 24.84 19.70 25.77
N LYS C 648 23.70 19.19 26.23
CA LYS C 648 22.39 19.43 25.58
C LYS C 648 21.34 19.90 26.58
N LEU C 649 20.44 20.77 26.11
CA LEU C 649 19.33 21.29 26.91
C LEU C 649 18.05 20.56 26.51
N VAL C 650 17.70 19.53 27.27
CA VAL C 650 16.61 18.61 26.89
C VAL C 650 15.23 19.25 27.13
N LEU C 651 14.32 19.03 26.18
CA LEU C 651 12.99 19.63 26.18
C LEU C 651 11.90 18.56 26.31
N LYS C 652 10.66 19.00 26.48
CA LYS C 652 9.53 18.10 26.77
C LYS C 652 9.15 17.19 25.60
N GLY C 653 9.27 15.88 25.81
CA GLY C 653 8.75 14.87 24.88
C GLY C 653 9.61 14.62 23.66
N GLY C 654 9.89 13.34 23.38
CA GLY C 654 10.67 12.94 22.21
C GLY C 654 12.16 13.07 22.43
N GLY C 655 12.90 11.99 22.19
CA GLY C 655 14.37 11.96 22.35
C GLY C 655 15.12 12.90 21.42
N GLU C 656 14.56 13.15 20.24
CA GLU C 656 15.14 14.09 19.27
C GLU C 656 15.04 15.57 19.69
N ASN C 657 14.06 15.92 20.54
CA ASN C 657 13.85 17.31 20.97
C ASN C 657 14.93 17.77 21.95
N PHE C 658 15.89 18.55 21.46
CA PHE C 658 16.87 19.23 22.31
C PHE C 658 17.68 20.27 21.55
N ILE C 659 18.31 21.17 22.30
CA ILE C 659 19.33 22.10 21.78
C ILE C 659 20.69 21.53 22.17
N GLU C 660 21.73 21.88 21.40
CA GLU C 660 23.12 21.50 21.69
C GLU C 660 23.97 22.74 21.89
N VAL C 661 24.85 22.70 22.87
CA VAL C 661 25.72 23.82 23.21
C VAL C 661 26.94 23.82 22.30
N ARG C 662 27.65 22.69 22.27
CA ARG C 662 28.93 22.56 21.56
C ARG C 662 28.81 22.09 20.10
N LYS C 663 27.58 21.90 19.61
CA LYS C 663 27.34 21.46 18.23
C LYS C 663 25.98 21.92 17.72
N GLY C 664 25.64 21.52 16.50
CA GLY C 664 24.29 21.68 15.96
C GLY C 664 23.39 20.53 16.36
N SER C 665 22.14 20.86 16.71
CA SER C 665 21.13 19.91 17.13
C SER C 665 20.04 19.78 16.06
N PRO C 666 19.20 18.73 16.15
CA PRO C 666 18.01 18.59 15.28
C PRO C 666 17.06 19.79 15.21
N LEU C 667 16.96 20.56 16.30
CA LEU C 667 16.12 21.76 16.34
C LEU C 667 16.87 23.07 16.08
N PHE C 668 18.19 23.07 16.18
CA PHE C 668 18.99 24.30 16.09
C PHE C 668 20.42 24.02 15.63
N SER C 669 20.73 24.40 14.39
CA SER C 669 22.10 24.30 13.86
C SER C 669 22.42 25.46 12.91
N TYR C 670 23.70 25.82 12.84
CA TYR C 670 24.16 27.00 12.10
C TYR C 670 25.18 26.64 11.03
N ASN C 671 24.97 27.16 9.83
CA ASN C 671 25.93 27.08 8.72
C ASN C 671 26.59 28.47 8.59
N PRO C 672 27.86 28.59 9.05
CA PRO C 672 28.57 29.88 9.00
C PRO C 672 29.18 30.25 7.65
N GLN C 673 29.26 29.30 6.70
CA GLN C 673 29.70 29.61 5.33
C GLN C 673 28.66 30.50 4.66
N THR C 674 27.42 30.02 4.63
CA THR C 674 26.29 30.79 4.09
C THR C 674 25.76 31.82 5.09
N GLU C 675 26.08 31.62 6.38
CA GLU C 675 25.55 32.42 7.50
C GLU C 675 24.03 32.21 7.61
N VAL C 676 23.64 30.94 7.65
CA VAL C 676 22.23 30.54 7.64
C VAL C 676 21.96 29.53 8.75
N LEU C 677 20.85 29.73 9.44
CA LEU C 677 20.47 28.98 10.64
C LEU C 677 19.27 28.10 10.31
N THR C 678 19.36 26.82 10.69
CA THR C 678 18.29 25.85 10.49
C THR C 678 17.54 25.62 11.81
N ILE C 679 16.27 26.04 11.84
CA ILE C 679 15.41 25.93 13.02
C ILE C 679 14.24 24.99 12.74
N CYS C 680 14.39 23.74 13.17
CA CYS C 680 13.37 22.69 12.96
C CYS C 680 13.03 22.50 11.47
N GLY C 681 14.06 22.55 10.62
CA GLY C 681 13.91 22.41 9.17
C GLY C 681 13.96 23.71 8.37
N ARG C 682 13.43 24.79 8.93
CA ARG C 682 13.27 26.05 8.20
C ARG C 682 14.59 26.83 8.11
N MET C 683 14.94 27.28 6.91
CA MET C 683 16.17 28.02 6.64
C MET C 683 15.99 29.49 7.03
N MET C 684 16.93 30.05 7.77
CA MET C 684 16.85 31.45 8.23
C MET C 684 18.17 32.19 8.04
N SER C 685 18.14 33.26 7.24
CA SER C 685 19.35 33.99 6.87
C SER C 685 19.82 34.93 7.98
N LEU C 686 21.02 34.65 8.50
CA LEU C 686 21.70 35.52 9.48
C LEU C 686 22.80 36.38 8.82
N LYS C 687 22.84 36.41 7.49
CA LYS C 687 23.79 37.23 6.75
C LYS C 687 23.31 38.69 6.78
N GLY C 688 24.25 39.62 6.92
CA GLY C 688 23.93 41.01 7.19
C GLY C 688 23.44 41.27 8.61
N LYS C 689 23.72 40.35 9.52
CA LYS C 689 23.35 40.45 10.93
C LYS C 689 24.39 39.66 11.75
N ILE C 690 25.65 40.06 11.60
CA ILE C 690 26.78 39.37 12.24
C ILE C 690 27.93 40.35 12.46
N GLU C 691 28.82 40.02 13.39
CA GLU C 691 30.04 40.80 13.62
C GLU C 691 31.18 40.25 12.78
N ASP C 692 31.99 41.16 12.21
CA ASP C 692 33.11 40.77 11.33
C ASP C 692 34.24 40.05 12.08
N GLU C 693 34.41 40.35 13.37
CA GLU C 693 35.44 39.71 14.20
C GLU C 693 35.12 38.25 14.59
N GLU C 694 33.89 37.79 14.33
CA GLU C 694 33.52 36.37 14.50
C GLU C 694 34.06 35.42 13.42
N ARG C 695 34.65 35.97 12.36
CA ARG C 695 35.22 35.17 11.24
C ARG C 695 36.06 33.97 11.68
N ASN C 696 37.04 34.20 12.55
CA ASN C 696 37.91 33.14 13.08
C ASN C 696 37.91 33.10 14.62
N ARG C 697 36.77 33.46 15.22
CA ARG C 697 36.60 33.49 16.67
C ARG C 697 36.14 32.10 17.13
N SER C 698 36.84 31.56 18.13
CA SER C 698 36.52 30.22 18.66
C SER C 698 35.21 30.22 19.44
N MET C 699 34.60 29.04 19.54
CA MET C 699 33.32 28.86 20.22
C MET C 699 33.48 28.36 21.66
N GLY C 700 34.69 27.95 22.05
CA GLY C 700 34.99 27.58 23.43
C GLY C 700 34.74 28.68 24.47
N ASN C 701 34.74 29.94 24.02
CA ASN C 701 34.44 31.10 24.87
C ASN C 701 32.95 31.40 25.06
N ALA C 702 32.07 30.53 24.54
CA ALA C 702 30.64 30.56 24.87
C ALA C 702 30.04 29.15 24.96
N VAL C 703 30.86 28.19 25.41
CA VAL C 703 30.47 26.77 25.52
C VAL C 703 30.37 26.31 26.98
N LEU C 704 31.19 26.87 27.86
CA LEU C 704 31.11 26.62 29.30
C LEU C 704 31.13 27.96 30.06
N ALA C 705 30.28 28.07 31.08
CA ALA C 705 30.13 29.32 31.85
C ALA C 705 31.33 29.56 32.74
N GLY C 706 31.98 30.72 32.57
CA GLY C 706 33.22 31.04 33.28
C GLY C 706 34.40 30.21 32.82
N PHE C 707 34.51 30.01 31.51
CA PHE C 707 35.58 29.24 30.89
C PHE C 707 35.97 29.88 29.56
N LEU C 708 37.27 30.05 29.31
CA LEU C 708 37.75 30.66 28.06
C LEU C 708 38.99 29.95 27.50
N VAL C 709 39.21 30.12 26.20
CA VAL C 709 40.23 29.38 25.44
C VAL C 709 41.59 30.03 25.67
N SER C 710 42.61 29.22 25.98
CA SER C 710 44.01 29.69 26.07
C SER C 710 44.71 29.47 24.75
N GLY C 711 44.74 28.22 24.30
CA GLY C 711 45.34 27.83 23.02
C GLY C 711 44.60 26.65 22.42
N LYS C 712 45.33 25.76 21.76
CA LYS C 712 44.75 24.53 21.20
C LYS C 712 45.25 23.32 22.00
N TYR C 713 44.48 22.23 21.92
CA TYR C 713 44.73 20.96 22.64
C TYR C 713 46.20 20.66 22.94
N ASP C 714 46.54 20.57 24.23
CA ASP C 714 47.88 20.23 24.70
C ASP C 714 47.89 18.78 25.21
N PRO C 715 48.53 17.85 24.47
CA PRO C 715 48.57 16.42 24.85
C PRO C 715 49.03 16.10 26.28
N ASP C 716 49.79 16.99 26.91
CA ASP C 716 50.17 16.85 28.32
C ASP C 716 48.97 16.95 29.28
N LEU C 717 47.93 17.70 28.90
CA LEU C 717 46.73 17.83 29.74
C LEU C 717 45.84 16.58 29.79
N GLY C 718 46.06 15.63 28.87
CA GLY C 718 45.40 14.32 28.90
C GLY C 718 44.22 14.24 27.94
N ASP C 719 43.24 13.41 28.28
CA ASP C 719 42.03 13.24 27.45
C ASP C 719 41.06 14.42 27.62
N PHE C 720 40.03 14.45 26.78
CA PHE C 720 39.00 15.48 26.82
C PHE C 720 38.14 15.32 28.07
N LYS C 721 38.16 16.31 28.95
CA LYS C 721 37.56 16.18 30.29
C LYS C 721 36.04 16.43 30.29
N THR C 722 35.32 15.61 31.04
CA THR C 722 33.83 15.64 31.07
C THR C 722 33.31 16.83 31.88
N ILE C 723 31.99 17.04 31.85
CA ILE C 723 31.34 18.14 32.59
C ILE C 723 31.55 18.03 34.10
N GLU C 724 31.36 16.84 34.66
CA GLU C 724 31.56 16.59 36.09
C GLU C 724 33.01 16.92 36.50
N GLU C 725 33.96 16.50 35.68
CA GLU C 725 35.38 16.81 35.88
C GLU C 725 35.69 18.30 35.73
N LEU C 726 35.09 18.94 34.72
CA LEU C 726 35.29 20.39 34.46
C LEU C 726 34.71 21.28 35.55
N GLU C 727 33.50 20.95 35.99
CA GLU C 727 32.87 21.64 37.13
C GLU C 727 33.68 21.52 38.42
N LYS C 728 34.35 20.38 38.60
CA LYS C 728 35.23 20.16 39.75
C LYS C 728 36.70 20.41 39.39
N LEU C 729 36.98 21.64 38.92
CA LEU C 729 38.34 22.14 38.69
C LEU C 729 38.48 23.50 39.37
N LYS C 730 39.71 23.82 39.81
CA LYS C 730 39.98 25.09 40.48
C LYS C 730 40.06 26.23 39.46
N PRO C 731 39.55 27.44 39.83
CA PRO C 731 39.58 28.58 38.91
C PRO C 731 41.02 28.97 38.56
N GLY C 732 41.41 28.73 37.31
CA GLY C 732 42.79 28.80 36.87
C GLY C 732 43.43 27.43 36.68
N GLU C 733 42.67 26.49 36.11
CA GLU C 733 43.19 25.18 35.70
C GLU C 733 42.83 24.91 34.23
N LYS C 734 43.84 24.59 33.42
CA LYS C 734 43.66 24.34 31.99
C LYS C 734 43.09 22.95 31.75
N ALA C 735 42.40 22.77 30.62
CA ALA C 735 41.72 21.52 30.30
C ALA C 735 41.40 21.39 28.80
N ASN C 736 41.16 20.15 28.36
CA ASN C 736 40.89 19.83 26.96
C ASN C 736 39.40 19.63 26.72
N ILE C 737 38.83 20.45 25.83
CA ILE C 737 37.41 20.41 25.48
C ILE C 737 37.27 20.20 23.96
N LEU C 738 36.54 19.15 23.58
CA LEU C 738 36.16 18.92 22.18
C LEU C 738 34.84 19.64 21.93
N LEU C 739 34.85 20.63 21.02
CA LEU C 739 33.64 21.39 20.69
C LEU C 739 32.69 20.53 19.85
N TYR C 740 32.84 20.55 18.53
CA TYR C 740 32.13 19.64 17.63
C TYR C 740 33.16 18.74 16.95
N GLN C 741 32.73 17.54 16.58
CA GLN C 741 33.63 16.44 16.23
C GLN C 741 34.79 16.88 15.33
N GLY C 742 36.01 16.64 15.78
CA GLY C 742 37.23 17.02 15.06
C GLY C 742 37.72 18.44 15.28
N LYS C 743 37.26 19.12 16.34
CA LYS C 743 37.77 20.46 16.69
C LYS C 743 38.14 20.54 18.19
N PRO C 744 39.37 20.07 18.55
CA PRO C 744 39.87 20.20 19.93
C PRO C 744 40.19 21.64 20.33
N VAL C 745 39.91 21.99 21.59
CA VAL C 745 40.21 23.32 22.16
C VAL C 745 40.74 23.20 23.60
N LYS C 746 41.66 24.09 23.96
CA LYS C 746 42.33 24.11 25.28
C LYS C 746 41.82 25.31 26.10
N VAL C 747 41.07 25.02 27.16
CA VAL C 747 40.27 26.02 27.89
C VAL C 747 40.64 26.07 29.38
N VAL C 748 40.65 27.29 29.94
CA VAL C 748 40.98 27.54 31.35
C VAL C 748 39.78 28.13 32.08
N LYS C 749 39.69 27.85 33.38
CA LYS C 749 38.61 28.34 34.24
C LYS C 749 38.97 29.71 34.83
PA M7G D 1 -5.56 6.48 34.30
O1A M7G D 1 -5.47 5.12 33.69
O2A M7G D 1 -5.28 6.66 35.74
O3A M7G D 1 -4.58 7.45 33.49
O5' M7G D 1 -7.01 7.06 33.98
PB M7G D 1 -4.50 9.07 33.38
O1B M7G D 1 -5.64 9.50 32.31
O2B M7G D 1 -4.78 9.60 34.77
O3B M7G D 1 -3.10 9.39 32.91
C5' M7G D 1 -8.14 6.49 34.67
C4' M7G D 1 -8.93 7.59 35.32
O4' M7G D 1 -9.52 7.07 36.55
C3' M7G D 1 -8.19 8.85 35.76
O3' M7G D 1 -9.03 9.99 35.63
C2' M7G D 1 -7.78 8.54 37.18
O2' M7G D 1 -7.76 9.71 37.99
C1' M7G D 1 -8.93 7.69 37.68
N9 M7G D 1 -8.50 6.65 38.63
C8 M7G D 1 -8.25 5.37 38.36
N7 M7G D 1 -8.18 4.67 39.49
CM7 M7G D 1 -8.12 3.21 39.58
C5 M7G D 1 -8.15 5.55 40.53
C6 M7G D 1 -7.94 5.39 41.93
O6 M7G D 1 -7.76 4.35 42.54
N1 M7G D 1 -7.97 6.59 42.59
C2 M7G D 1 -8.16 7.81 42.01
N2 M7G D 1 -8.14 8.88 42.81
N3 M7G D 1 -8.35 7.97 40.71
C4 M7G D 1 -8.33 6.83 40.01
P PO4 G . 15.48 35.31 -18.32
O1 PO4 G . 14.56 34.13 -18.20
O2 PO4 G . 14.99 36.22 -19.43
O3 PO4 G . 15.49 36.07 -17.01
O4 PO4 G . 16.87 34.82 -18.63
P PO4 H . 23.75 -5.85 -7.01
O1 PO4 H . 22.84 -7.06 -6.96
O2 PO4 H . 23.30 -4.94 -8.14
O3 PO4 H . 23.68 -5.11 -5.70
O4 PO4 H . 25.17 -6.29 -7.27
#